data_3KQF
#
_entry.id   3KQF
#
_cell.length_a   73.747
_cell.length_b   130.721
_cell.length_c   73.802
_cell.angle_alpha   90.00
_cell.angle_beta   114.47
_cell.angle_gamma   90.00
#
_symmetry.space_group_name_H-M   'P 1 21 1'
#
loop_
_entity.id
_entity.type
_entity.pdbx_description
1 polymer 'Enoyl-CoA hydratase/isomerase family protein'
2 non-polymer 'CALCIUM ION'
3 non-polymer 'CHLORIDE ION'
4 water water
#
_entity_poly.entity_id   1
_entity_poly.type   'polypeptide(L)'
_entity_poly.pdbx_seq_one_letter_code
;SNA(MSE)LQLQNISVDYATPHVVKISLNRERQANSLSLALLEELQNILTQINEEANTRVVILTGAGEKAFCAGADLKER
AG(MSE)NEEQVRHAVS(MSE)IRTT(MSE)E(MSE)VEQLPQPVIAAINGIALGGGTELSLACDFRIAAESASLGLTET
TLAIIPGAGGTQRLPRLIGVGRAKELIYTGRRISAQEAKEYGLVEFVVPVHLLEEKAIEIAEKIASNGPIAVRLAKEAIS
NGIQVDLHTGLQ(MSE)EKQAYEGVIHTKDRLEGLQAFKEKRTP(MSE)YKGE
;
_entity_poly.pdbx_strand_id   A,B,C,D,E,F
#
loop_
_chem_comp.id
_chem_comp.type
_chem_comp.name
_chem_comp.formula
CA non-polymer 'CALCIUM ION' 'Ca 2'
CL non-polymer 'CHLORIDE ION' 'Cl -1'
#
# COMPACT_ATOMS: atom_id res chain seq x y z
N LEU A 7 -23.11 14.86 32.23
CA LEU A 7 -22.05 15.44 31.37
C LEU A 7 -21.82 16.91 31.75
N GLN A 8 -20.58 17.26 32.07
CA GLN A 8 -20.26 18.63 32.46
C GLN A 8 -19.43 19.40 31.44
N ASN A 9 -18.67 18.69 30.60
CA ASN A 9 -17.78 19.33 29.64
C ASN A 9 -18.31 19.30 28.20
N ILE A 10 -19.35 18.52 27.94
N ILE A 10 -19.37 18.53 27.97
CA ILE A 10 -19.98 18.51 26.62
CA ILE A 10 -19.99 18.37 26.65
C ILE A 10 -21.50 18.51 26.78
C ILE A 10 -21.51 18.40 26.76
N SER A 11 -22.18 18.81 25.69
CA SER A 11 -23.64 18.84 25.64
C SER A 11 -24.03 17.93 24.50
N VAL A 12 -25.09 17.14 24.69
CA VAL A 12 -25.56 16.26 23.60
C VAL A 12 -27.02 16.60 23.36
N ASP A 13 -27.37 16.89 22.11
CA ASP A 13 -28.75 17.24 21.78
C ASP A 13 -29.30 16.42 20.61
N TYR A 14 -30.38 15.68 20.91
CA TYR A 14 -31.12 14.83 19.97
C TYR A 14 -32.43 15.50 19.56
N ALA A 15 -32.48 16.82 19.56
CA ALA A 15 -33.69 17.55 19.21
C ALA A 15 -34.19 17.19 17.82
N THR A 16 -33.27 17.16 16.85
CA THR A 16 -33.60 16.86 15.47
C THR A 16 -33.60 15.35 15.21
N PRO A 17 -34.72 14.81 14.69
CA PRO A 17 -34.83 13.36 14.41
C PRO A 17 -33.69 12.79 13.54
N HIS A 18 -33.16 11.64 13.96
CA HIS A 18 -32.04 10.95 13.30
C HIS A 18 -30.70 11.71 13.37
N VAL A 19 -30.70 12.89 14.00
CA VAL A 19 -29.47 13.71 14.08
C VAL A 19 -29.12 14.03 15.53
N VAL A 20 -27.85 13.82 15.89
CA VAL A 20 -27.36 14.15 17.22
C VAL A 20 -26.30 15.24 17.07
N LYS A 21 -26.36 16.24 17.93
CA LYS A 21 -25.40 17.36 17.90
C LYS A 21 -24.63 17.35 19.20
N ILE A 22 -23.33 17.16 19.10
CA ILE A 22 -22.45 17.14 20.25
C ILE A 22 -21.73 18.48 20.30
N SER A 23 -21.81 19.19 21.44
CA SER A 23 -21.17 20.49 21.56
C SER A 23 -20.11 20.50 22.66
N LEU A 24 -18.87 20.83 22.31
CA LEU A 24 -17.83 20.98 23.35
C LEU A 24 -18.35 22.14 24.21
N ASN A 25 -18.34 21.95 25.53
CA ASN A 25 -18.93 22.92 26.46
C ASN A 25 -18.00 23.41 27.57
N ARG A 26 -16.93 24.08 27.17
CA ARG A 26 -15.98 24.68 28.08
C ARG A 26 -15.66 26.07 27.54
N GLU A 27 -16.69 26.91 27.37
CA GLU A 27 -16.51 28.26 26.80
C GLU A 27 -15.41 29.09 27.45
N ARG A 28 -15.36 29.11 28.79
CA ARG A 28 -14.34 29.88 29.53
C ARG A 28 -12.93 29.46 29.15
N GLN A 29 -12.78 28.21 28.78
CA GLN A 29 -11.48 27.65 28.42
C GLN A 29 -11.29 27.50 26.89
N ALA A 30 -12.09 28.23 26.10
CA ALA A 30 -12.01 28.17 24.63
C ALA A 30 -12.23 26.73 24.10
N ASN A 31 -13.02 25.96 24.84
CA ASN A 31 -13.34 24.60 24.46
C ASN A 31 -12.12 23.72 24.24
N SER A 32 -11.09 23.94 25.05
CA SER A 32 -9.88 23.14 24.96
C SER A 32 -10.15 21.72 25.45
N LEU A 33 -9.35 20.79 24.95
CA LEU A 33 -9.52 19.37 25.24
C LEU A 33 -8.81 18.90 26.50
N SER A 34 -9.51 18.94 27.64
CA SER A 34 -8.96 18.44 28.87
C SER A 34 -9.18 16.93 28.90
N LEU A 35 -8.43 16.21 29.74
CA LEU A 35 -8.62 14.77 29.85
C LEU A 35 -10.05 14.45 30.27
N ALA A 36 -10.62 15.29 31.15
CA ALA A 36 -12.00 15.07 31.61
C ALA A 36 -12.99 15.19 30.44
N LEU A 37 -12.81 16.19 29.58
CA LEU A 37 -13.67 16.35 28.40
C LEU A 37 -13.49 15.17 27.46
N LEU A 38 -12.26 14.73 27.24
CA LEU A 38 -11.99 13.61 26.34
C LEU A 38 -12.69 12.33 26.83
N GLU A 39 -12.69 12.12 28.16
CA GLU A 39 -13.38 10.97 28.78
C GLU A 39 -14.88 10.98 28.45
N GLU A 40 -15.53 12.13 28.64
CA GLU A 40 -16.97 12.28 28.34
C GLU A 40 -17.28 12.09 26.86
N LEU A 41 -16.41 12.64 26.01
CA LEU A 41 -16.60 12.54 24.58
C LEU A 41 -16.47 11.08 24.14
N GLN A 42 -15.47 10.36 24.64
CA GLN A 42 -15.32 8.94 24.31
C GLN A 42 -16.54 8.12 24.74
N ASN A 43 -17.10 8.41 25.91
CA ASN A 43 -18.27 7.68 26.40
C ASN A 43 -19.49 7.91 25.49
N ILE A 44 -19.72 9.15 25.08
N ILE A 44 -19.69 9.16 25.08
CA ILE A 44 -20.85 9.45 24.20
CA ILE A 44 -20.79 9.50 24.19
C ILE A 44 -20.61 8.85 22.80
C ILE A 44 -20.60 8.89 22.81
N LEU A 45 -19.37 8.89 22.33
CA LEU A 45 -19.04 8.29 21.02
C LEU A 45 -19.36 6.77 21.04
N THR A 46 -19.09 6.10 22.16
CA THR A 46 -19.38 4.67 22.32
C THR A 46 -20.87 4.39 22.25
N GLN A 47 -21.67 5.30 22.81
CA GLN A 47 -23.13 5.16 22.78
C GLN A 47 -23.66 5.35 21.35
N ILE A 48 -23.26 6.44 20.71
CA ILE A 48 -23.68 6.75 19.34
C ILE A 48 -23.29 5.64 18.34
N ASN A 49 -22.13 5.04 18.57
CA ASN A 49 -21.65 3.95 17.74
C ASN A 49 -22.68 2.80 17.61
N GLU A 50 -23.48 2.60 18.65
N GLU A 50 -23.47 2.56 18.66
CA GLU A 50 -24.49 1.54 18.70
CA GLU A 50 -24.50 1.51 18.65
C GLU A 50 -25.93 2.03 18.48
C GLU A 50 -25.93 2.02 18.44
N GLU A 51 -26.09 3.29 18.09
CA GLU A 51 -27.42 3.87 17.85
C GLU A 51 -27.87 3.72 16.40
N ALA A 52 -28.70 2.72 16.13
CA ALA A 52 -29.25 2.50 14.81
C ALA A 52 -30.23 3.62 14.34
N ASN A 53 -30.86 4.29 15.31
N ASN A 53 -30.86 4.29 15.31
CA ASN A 53 -31.79 5.37 15.00
CA ASN A 53 -31.81 5.36 14.98
C ASN A 53 -31.08 6.68 14.65
C ASN A 53 -31.08 6.69 14.65
N THR A 54 -29.80 6.78 15.00
CA THR A 54 -29.01 8.00 14.73
C THR A 54 -28.33 7.87 13.38
N ARG A 55 -28.67 8.80 12.47
CA ARG A 55 -28.15 8.72 11.11
C ARG A 55 -27.00 9.66 10.76
N VAL A 56 -26.89 10.76 11.50
CA VAL A 56 -25.87 11.76 11.26
C VAL A 56 -25.55 12.41 12.58
N VAL A 57 -24.30 12.81 12.71
CA VAL A 57 -23.80 13.49 13.89
C VAL A 57 -23.21 14.85 13.50
N ILE A 58 -23.48 15.83 14.34
CA ILE A 58 -22.88 17.17 14.17
C ILE A 58 -21.98 17.44 15.38
N LEU A 59 -20.76 17.90 15.13
N LEU A 59 -20.74 17.86 15.13
CA LEU A 59 -19.82 18.20 16.19
CA LEU A 59 -19.81 18.20 16.20
C LEU A 59 -19.53 19.69 16.13
C LEU A 59 -19.55 19.70 16.13
N THR A 60 -19.70 20.38 17.24
CA THR A 60 -19.50 21.84 17.30
C THR A 60 -19.02 22.28 18.69
N GLY A 61 -18.74 23.58 18.82
CA GLY A 61 -18.35 24.18 20.07
C GLY A 61 -19.40 25.15 20.59
N ALA A 62 -19.43 25.33 21.91
CA ALA A 62 -20.35 26.27 22.52
C ALA A 62 -19.81 27.67 22.34
N GLY A 63 -20.72 28.64 22.23
CA GLY A 63 -20.34 30.04 22.09
C GLY A 63 -20.06 30.48 20.66
N GLU A 64 -19.52 31.68 20.52
CA GLU A 64 -19.26 32.24 19.21
C GLU A 64 -17.78 32.61 19.02
N LYS A 65 -16.90 32.16 19.92
CA LYS A 65 -15.48 32.48 19.79
C LYS A 65 -14.59 31.28 19.48
N ALA A 66 -14.95 30.10 19.96
CA ALA A 66 -14.10 28.94 19.74
C ALA A 66 -14.82 27.64 19.49
N PHE A 67 -14.37 26.95 18.44
CA PHE A 67 -14.81 25.59 18.15
C PHE A 67 -14.03 24.71 19.13
N CYS A 68 -12.71 24.85 19.08
CA CYS A 68 -11.81 24.08 19.93
C CYS A 68 -10.39 24.64 19.84
N ALA A 69 -9.88 25.16 20.95
CA ALA A 69 -8.54 25.77 20.98
C ALA A 69 -7.43 24.73 21.01
N GLY A 70 -7.80 23.46 20.99
CA GLY A 70 -6.81 22.36 20.99
C GLY A 70 -6.60 21.75 22.37
N ALA A 71 -5.45 21.14 22.58
CA ALA A 71 -5.12 20.54 23.86
C ALA A 71 -5.13 21.60 24.95
N ASP A 72 -5.60 21.23 26.13
CA ASP A 72 -5.63 22.13 27.27
C ASP A 72 -4.19 22.29 27.75
N LEU A 73 -3.58 23.43 27.43
CA LEU A 73 -2.18 23.66 27.79
C LEU A 73 -1.97 23.93 29.29
N LYS A 74 -3.02 24.44 29.96
CA LYS A 74 -2.95 24.67 31.39
C LYS A 74 -2.75 23.33 32.07
N GLU A 75 -3.46 22.32 31.58
CA GLU A 75 -3.35 20.94 32.11
C GLU A 75 -2.03 20.28 31.69
N ARG A 76 -1.58 20.53 30.46
N ARG A 76 -1.58 20.54 30.46
CA ARG A 76 -0.36 19.93 29.95
CA ARG A 76 -0.36 19.94 29.93
C ARG A 76 0.92 20.40 30.67
C ARG A 76 0.92 20.41 30.65
N ALA A 77 0.95 21.68 31.04
CA ALA A 77 2.14 22.24 31.73
C ALA A 77 2.64 21.43 32.90
N GLY A 78 3.92 21.07 32.83
CA GLY A 78 4.58 20.31 33.89
C GLY A 78 4.32 18.81 33.92
N MSE A 79 3.53 18.29 32.99
CA MSE A 79 3.26 16.85 32.96
C MSE A 79 4.57 16.08 32.78
O MSE A 79 5.45 16.51 32.02
CB MSE A 79 2.32 16.47 31.81
CG MSE A 79 0.85 16.63 32.08
SE MSE A 79 -0.15 15.87 30.54
CE MSE A 79 -1.92 15.86 31.35
N ASN A 80 4.70 14.96 33.49
CA ASN A 80 5.88 14.15 33.30
C ASN A 80 5.72 13.32 32.02
N GLU A 81 6.79 12.66 31.63
CA GLU A 81 6.83 11.88 30.40
C GLU A 81 5.67 10.91 30.21
N GLU A 82 5.34 10.16 31.25
CA GLU A 82 4.26 9.18 31.18
C GLU A 82 2.93 9.89 31.01
N GLN A 83 2.78 11.02 31.70
CA GLN A 83 1.56 11.80 31.57
C GLN A 83 1.36 12.34 30.15
N VAL A 84 2.42 12.86 29.55
CA VAL A 84 2.34 13.38 28.18
C VAL A 84 1.88 12.27 27.20
N ARG A 85 2.52 11.11 27.25
CA ARG A 85 2.15 10.00 26.38
C ARG A 85 0.69 9.58 26.54
N HIS A 86 0.21 9.56 27.77
CA HIS A 86 -1.17 9.19 28.04
C HIS A 86 -2.14 10.23 27.49
N ALA A 87 -1.79 11.51 27.65
CA ALA A 87 -2.65 12.60 27.19
C ALA A 87 -2.73 12.63 25.67
N VAL A 88 -1.59 12.49 25.00
CA VAL A 88 -1.58 12.49 23.53
C VAL A 88 -2.36 11.25 23.05
N SER A 89 -2.20 10.12 23.77
CA SER A 89 -2.93 8.91 23.43
C SER A 89 -4.46 9.10 23.54
N MSE A 90 -4.89 9.79 24.59
N MSE A 90 -4.92 9.78 24.59
CA MSE A 90 -6.30 10.06 24.79
CA MSE A 90 -6.35 10.01 24.73
C MSE A 90 -6.88 10.88 23.65
C MSE A 90 -6.88 10.86 23.58
O MSE A 90 -7.97 10.58 23.14
O MSE A 90 -7.94 10.56 23.02
CB MSE A 90 -6.51 10.76 26.14
CB MSE A 90 -6.71 10.67 26.05
CG MSE A 90 -6.32 9.84 27.30
CG MSE A 90 -6.66 9.75 27.22
SE MSE A 90 -7.68 8.45 27.28
SE MSE A 90 -7.85 10.41 28.60
CE MSE A 90 -9.24 9.57 27.62
CE MSE A 90 -9.57 10.22 27.69
N ILE A 91 -6.15 11.92 23.22
CA ILE A 91 -6.60 12.76 22.11
C ILE A 91 -6.63 11.96 20.81
N ARG A 92 -5.56 11.23 20.51
CA ARG A 92 -5.54 10.53 19.22
C ARG A 92 -6.61 9.44 19.15
N THR A 93 -6.85 8.75 20.28
CA THR A 93 -7.88 7.70 20.34
C THR A 93 -9.28 8.29 20.10
N THR A 94 -9.52 9.46 20.67
CA THR A 94 -10.81 10.14 20.48
C THR A 94 -11.04 10.46 18.99
N MSE A 95 -10.01 10.96 18.32
CA MSE A 95 -10.10 11.26 16.89
C MSE A 95 -10.46 9.99 16.09
O MSE A 95 -11.30 10.04 15.20
CB MSE A 95 -8.80 11.84 16.34
CG MSE A 95 -8.25 13.04 17.08
SE MSE A 95 -9.58 14.42 17.31
CE MSE A 95 -8.54 15.79 18.22
N GLU A 96 -9.82 8.88 16.40
CA GLU A 96 -10.11 7.62 15.72
C GLU A 96 -11.56 7.20 15.91
N MSE A 97 -12.09 7.40 17.13
CA MSE A 97 -13.47 7.04 17.41
C MSE A 97 -14.46 7.89 16.61
O MSE A 97 -15.50 7.38 16.17
CB MSE A 97 -13.76 7.12 18.90
CG MSE A 97 -12.95 6.14 19.75
SE MSE A 97 -13.34 6.38 21.66
CE MSE A 97 -15.18 5.93 21.54
N VAL A 98 -14.14 9.18 16.43
CA VAL A 98 -15.00 10.07 15.62
C VAL A 98 -14.99 9.60 14.19
N GLU A 99 -13.79 9.35 13.68
N GLU A 99 -13.77 9.38 13.69
CA GLU A 99 -13.60 8.94 12.32
CA GLU A 99 -13.51 8.90 12.35
C GLU A 99 -14.30 7.61 12.01
C GLU A 99 -14.30 7.64 12.03
N GLN A 100 -14.24 6.68 12.95
CA GLN A 100 -14.85 5.36 12.78
C GLN A 100 -16.32 5.19 13.14
N LEU A 101 -17.01 6.24 13.53
CA LEU A 101 -18.45 6.15 13.74
C LEU A 101 -19.10 5.72 12.43
N PRO A 102 -20.14 4.87 12.50
CA PRO A 102 -20.75 4.46 11.26
C PRO A 102 -21.45 5.60 10.56
N GLN A 103 -21.88 6.59 11.32
CA GLN A 103 -22.59 7.71 10.76
C GLN A 103 -21.66 8.78 10.20
N PRO A 104 -22.14 9.52 9.19
CA PRO A 104 -21.36 10.70 8.77
C PRO A 104 -21.28 11.69 9.95
N VAL A 105 -20.16 12.40 10.06
CA VAL A 105 -19.95 13.36 11.12
C VAL A 105 -19.59 14.68 10.46
N ILE A 106 -20.37 15.71 10.77
CA ILE A 106 -20.18 17.05 10.21
C ILE A 106 -19.63 17.96 11.27
N ALA A 107 -18.52 18.62 10.99
CA ALA A 107 -17.95 19.59 11.89
C ALA A 107 -18.58 20.96 11.59
N ALA A 108 -19.13 21.61 12.61
CA ALA A 108 -19.68 22.96 12.47
C ALA A 108 -18.73 23.84 13.28
N ILE A 109 -17.80 24.46 12.56
CA ILE A 109 -16.72 25.24 13.16
C ILE A 109 -17.17 26.68 13.39
N ASN A 110 -17.57 26.92 14.64
CA ASN A 110 -18.15 28.17 15.10
C ASN A 110 -17.14 29.24 15.52
N GLY A 111 -15.86 28.91 15.54
CA GLY A 111 -14.84 29.86 15.96
C GLY A 111 -13.46 29.27 15.75
N ILE A 112 -12.49 29.72 16.54
N ILE A 112 -12.51 29.69 16.57
CA ILE A 112 -11.12 29.21 16.40
CA ILE A 112 -11.13 29.25 16.49
C ILE A 112 -11.06 27.70 16.52
C ILE A 112 -11.02 27.70 16.56
N ALA A 113 -10.22 27.11 15.68
CA ALA A 113 -10.02 25.66 15.64
C ALA A 113 -8.54 25.50 15.44
N LEU A 114 -7.82 25.34 16.54
CA LEU A 114 -6.37 25.34 16.49
C LEU A 114 -5.77 24.11 17.05
N GLY A 115 -4.77 23.60 16.36
CA GLY A 115 -4.03 22.41 16.80
C GLY A 115 -5.00 21.24 16.87
N GLY A 116 -5.17 20.70 18.06
CA GLY A 116 -6.14 19.62 18.30
C GLY A 116 -7.53 19.95 17.77
N GLY A 117 -7.87 21.24 17.73
CA GLY A 117 -9.17 21.70 17.17
C GLY A 117 -9.25 21.49 15.67
N THR A 118 -8.17 21.80 14.94
CA THR A 118 -8.15 21.48 13.52
C THR A 118 -8.12 19.94 13.33
N GLU A 119 -7.37 19.24 14.18
CA GLU A 119 -7.32 17.79 14.10
C GLU A 119 -8.71 17.16 14.29
N LEU A 120 -9.47 17.70 15.22
CA LEU A 120 -10.83 17.22 15.48
C LEU A 120 -11.71 17.42 14.25
N SER A 121 -11.58 18.58 13.59
CA SER A 121 -12.38 18.86 12.39
C SER A 121 -11.97 17.95 11.22
N LEU A 122 -10.69 17.54 11.17
CA LEU A 122 -10.20 16.63 10.13
C LEU A 122 -10.71 15.20 10.33
N ALA A 123 -11.02 14.84 11.58
CA ALA A 123 -11.55 13.50 11.90
C ALA A 123 -13.00 13.38 11.47
N CYS A 124 -13.64 14.51 11.23
CA CYS A 124 -15.01 14.52 10.72
C CYS A 124 -15.02 14.27 9.22
N ASP A 125 -16.13 13.73 8.71
CA ASP A 125 -16.30 13.48 7.27
C ASP A 125 -16.18 14.74 6.42
N PHE A 126 -16.88 15.81 6.81
CA PHE A 126 -16.71 17.13 6.16
C PHE A 126 -17.00 18.25 7.14
N ARG A 127 -16.67 19.47 6.71
CA ARG A 127 -16.65 20.63 7.55
C ARG A 127 -17.40 21.85 7.02
N ILE A 128 -18.15 22.49 7.90
CA ILE A 128 -18.85 23.75 7.61
C ILE A 128 -18.24 24.74 8.59
N ALA A 129 -17.75 25.87 8.11
CA ALA A 129 -17.15 26.90 8.98
C ALA A 129 -17.88 28.24 8.98
N ALA A 130 -17.86 28.90 10.13
CA ALA A 130 -18.38 30.24 10.25
C ALA A 130 -17.40 31.13 9.50
N GLU A 131 -17.93 32.20 8.89
CA GLU A 131 -17.10 33.17 8.17
C GLU A 131 -16.00 33.73 9.06
N SER A 132 -16.28 33.79 10.36
CA SER A 132 -15.35 34.35 11.33
C SER A 132 -14.41 33.34 11.98
N ALA A 133 -14.52 32.06 11.60
CA ALA A 133 -13.65 31.03 12.16
C ALA A 133 -12.24 31.13 11.60
N SER A 134 -11.31 30.58 12.37
CA SER A 134 -9.92 30.54 11.94
C SER A 134 -9.39 29.15 12.28
N LEU A 135 -8.51 28.66 11.44
CA LEU A 135 -7.97 27.33 11.59
C LEU A 135 -6.48 27.32 11.47
N GLY A 136 -5.91 26.19 11.83
CA GLY A 136 -4.48 26.02 11.68
C GLY A 136 -3.92 24.98 12.60
N LEU A 137 -2.79 24.41 12.21
CA LEU A 137 -2.08 23.45 13.05
C LEU A 137 -0.89 24.23 13.57
N THR A 138 -1.06 24.75 14.78
CA THR A 138 -0.08 25.64 15.41
C THR A 138 1.01 24.91 16.20
N GLU A 139 0.97 23.58 16.21
CA GLU A 139 1.91 22.77 16.99
C GLU A 139 3.42 23.11 16.92
N THR A 140 3.97 23.34 15.72
CA THR A 140 5.40 23.62 15.61
C THR A 140 5.80 24.93 16.30
N THR A 141 4.85 25.86 16.48
CA THR A 141 5.14 27.13 17.20
C THR A 141 5.33 26.87 18.71
N LEU A 142 4.95 25.67 19.16
CA LEU A 142 5.12 25.21 20.54
C LEU A 142 6.22 24.14 20.61
N ALA A 143 6.96 23.97 19.52
CA ALA A 143 8.01 22.96 19.41
C ALA A 143 7.52 21.52 19.57
N ILE A 144 6.31 21.27 19.15
CA ILE A 144 5.76 19.91 19.08
C ILE A 144 5.23 19.70 17.65
N ILE A 145 4.61 18.57 17.40
CA ILE A 145 4.02 18.32 16.09
C ILE A 145 2.58 17.90 16.30
N PRO A 146 1.74 18.00 15.26
CA PRO A 146 0.37 17.50 15.44
C PRO A 146 0.48 16.01 15.80
N GLY A 147 -0.08 15.63 16.95
CA GLY A 147 0.04 14.24 17.40
C GLY A 147 -1.24 13.45 17.39
N ALA A 148 -2.30 14.09 16.89
CA ALA A 148 -3.61 13.45 16.79
C ALA A 148 -4.10 13.41 15.34
N GLY A 149 -3.18 13.10 14.42
CA GLY A 149 -3.51 12.93 13.02
C GLY A 149 -3.35 14.09 12.08
N GLY A 150 -3.06 15.29 12.60
CA GLY A 150 -2.87 16.44 11.72
C GLY A 150 -1.84 16.24 10.61
N THR A 151 -0.74 15.55 10.88
CA THR A 151 0.29 15.34 9.85
C THR A 151 -0.15 14.35 8.76
N GLN A 152 -1.17 13.56 9.07
CA GLN A 152 -1.71 12.52 8.18
C GLN A 152 -3.04 12.92 7.51
N ARG A 153 -4.02 13.40 8.27
CA ARG A 153 -5.30 13.77 7.69
C ARG A 153 -5.26 15.07 6.87
N LEU A 154 -4.39 16.02 7.23
CA LEU A 154 -4.35 17.27 6.50
C LEU A 154 -3.82 17.07 5.06
N PRO A 155 -2.65 16.41 4.89
CA PRO A 155 -2.22 16.28 3.49
C PRO A 155 -3.13 15.40 2.66
N ARG A 156 -3.81 14.45 3.30
CA ARG A 156 -4.73 13.60 2.60
C ARG A 156 -5.91 14.41 2.07
N LEU A 157 -6.31 15.43 2.80
CA LEU A 157 -7.47 16.26 2.37
C LEU A 157 -7.12 17.37 1.38
N ILE A 158 -6.05 18.11 1.65
CA ILE A 158 -5.72 19.27 0.84
C ILE A 158 -4.41 19.19 0.03
N GLY A 159 -3.74 18.06 0.09
CA GLY A 159 -2.51 17.84 -0.68
C GLY A 159 -1.30 18.10 0.17
N VAL A 160 -0.19 17.46 -0.20
CA VAL A 160 1.02 17.50 0.60
C VAL A 160 1.68 18.90 0.70
N GLY A 161 1.67 19.65 -0.40
CA GLY A 161 2.30 20.97 -0.46
C GLY A 161 1.69 21.98 0.50
N ARG A 162 0.38 22.14 0.42
CA ARG A 162 -0.33 23.04 1.30
C ARG A 162 -0.27 22.58 2.76
N ALA A 163 -0.41 21.27 2.99
CA ALA A 163 -0.31 20.74 4.35
C ALA A 163 1.04 21.07 4.96
N LYS A 164 2.11 20.95 4.16
CA LYS A 164 3.45 21.23 4.64
C LYS A 164 3.64 22.69 5.00
N GLU A 165 3.21 23.60 4.14
CA GLU A 165 3.43 25.03 4.47
C GLU A 165 2.64 25.38 5.75
N LEU A 166 1.45 24.85 5.89
CA LEU A 166 0.63 25.13 7.09
C LEU A 166 1.24 24.56 8.36
N ILE A 167 1.67 23.31 8.30
CA ILE A 167 2.29 22.67 9.48
C ILE A 167 3.67 23.28 9.80
N TYR A 168 4.50 23.55 8.80
CA TYR A 168 5.83 24.09 9.11
C TYR A 168 5.76 25.50 9.66
N THR A 169 4.85 26.32 9.13
CA THR A 169 4.76 27.69 9.60
C THR A 169 3.92 27.78 10.87
N GLY A 170 2.97 26.86 11.02
CA GLY A 170 2.03 26.88 12.15
C GLY A 170 1.12 28.08 12.10
N ARG A 171 0.93 28.63 10.90
CA ARG A 171 0.13 29.85 10.74
C ARG A 171 -1.37 29.65 10.82
N ARG A 172 -2.08 30.68 11.24
CA ARG A 172 -3.53 30.65 11.33
C ARG A 172 -4.10 31.18 10.01
N ILE A 173 -5.17 30.55 9.55
CA ILE A 173 -5.81 30.95 8.31
C ILE A 173 -7.30 31.21 8.53
N SER A 174 -7.89 32.08 7.71
CA SER A 174 -9.30 32.42 7.81
C SER A 174 -10.15 31.30 7.25
N ALA A 175 -11.45 31.38 7.50
CA ALA A 175 -12.38 30.40 6.98
C ALA A 175 -12.38 30.43 5.44
N GLN A 176 -12.23 31.64 4.90
CA GLN A 176 -12.21 31.89 3.46
C GLN A 176 -11.03 31.21 2.80
N GLU A 177 -9.87 31.34 3.45
CA GLU A 177 -8.65 30.71 2.98
C GLU A 177 -8.79 29.21 3.08
N ALA A 178 -9.34 28.75 4.19
CA ALA A 178 -9.57 27.31 4.37
C ALA A 178 -10.43 26.76 3.23
N LYS A 179 -11.48 27.51 2.85
CA LYS A 179 -12.37 27.09 1.77
C LYS A 179 -11.61 27.01 0.44
N GLU A 180 -10.78 28.03 0.17
CA GLU A 180 -9.97 28.06 -1.05
C GLU A 180 -9.04 26.84 -1.12
N TYR A 181 -8.50 26.42 0.02
CA TYR A 181 -7.55 25.29 0.01
C TYR A 181 -8.21 23.92 0.03
N GLY A 182 -9.53 23.89 0.25
CA GLY A 182 -10.27 22.62 0.33
C GLY A 182 -10.31 22.01 1.72
N LEU A 183 -9.91 22.78 2.73
CA LEU A 183 -9.91 22.34 4.13
C LEU A 183 -11.33 22.34 4.69
N VAL A 184 -12.16 23.32 4.31
CA VAL A 184 -13.56 23.31 4.73
C VAL A 184 -14.43 23.29 3.45
N GLU A 185 -15.56 22.61 3.52
CA GLU A 185 -16.42 22.40 2.35
C GLU A 185 -17.49 23.47 2.18
N PHE A 186 -17.88 24.12 3.28
CA PHE A 186 -18.86 25.22 3.27
C PHE A 186 -18.43 26.35 4.22
N VAL A 187 -18.80 27.58 3.87
CA VAL A 187 -18.59 28.74 4.74
C VAL A 187 -19.91 29.51 4.79
N VAL A 188 -20.38 29.79 6.01
CA VAL A 188 -21.62 30.53 6.23
C VAL A 188 -21.45 31.51 7.40
N PRO A 189 -22.34 32.50 7.52
CA PRO A 189 -22.23 33.45 8.64
C PRO A 189 -22.40 32.70 9.95
N VAL A 190 -21.71 33.13 11.00
CA VAL A 190 -21.77 32.41 12.29
C VAL A 190 -23.20 32.27 12.82
N HIS A 191 -24.02 33.30 12.64
CA HIS A 191 -25.38 33.26 13.12
C HIS A 191 -26.25 32.24 12.35
N LEU A 192 -25.76 31.76 11.20
CA LEU A 192 -26.48 30.76 10.41
C LEU A 192 -25.79 29.37 10.40
N LEU A 193 -24.72 29.23 11.15
CA LEU A 193 -23.97 27.98 11.16
C LEU A 193 -24.80 26.79 11.62
N GLU A 194 -25.52 26.95 12.71
CA GLU A 194 -26.32 25.86 13.22
C GLU A 194 -27.40 25.39 12.25
N GLU A 195 -28.15 26.31 11.64
CA GLU A 195 -29.21 25.86 10.72
C GLU A 195 -28.62 25.23 9.46
N LYS A 196 -27.49 25.73 8.98
CA LYS A 196 -26.86 25.14 7.79
C LYS A 196 -26.41 23.68 8.07
N ALA A 197 -25.80 23.46 9.24
CA ALA A 197 -25.37 22.10 9.61
C ALA A 197 -26.57 21.17 9.76
N ILE A 198 -27.64 21.67 10.37
CA ILE A 198 -28.84 20.86 10.55
C ILE A 198 -29.49 20.54 9.21
N GLU A 199 -29.56 21.51 8.31
CA GLU A 199 -30.20 21.23 7.02
C GLU A 199 -29.42 20.22 6.16
N ILE A 200 -28.09 20.28 6.20
CA ILE A 200 -27.27 19.28 5.49
C ILE A 200 -27.40 17.92 6.16
N ALA A 201 -27.39 17.91 7.50
CA ALA A 201 -27.59 16.68 8.25
C ALA A 201 -28.95 16.06 7.93
N GLU A 202 -30.00 16.88 7.85
CA GLU A 202 -31.35 16.40 7.53
C GLU A 202 -31.42 15.77 6.15
N LYS A 203 -30.71 16.38 5.20
N LYS A 203 -30.72 16.38 5.19
CA LYS A 203 -30.65 15.87 3.85
CA LYS A 203 -30.69 15.81 3.84
C LYS A 203 -30.02 14.48 3.81
C LYS A 203 -30.07 14.42 3.88
N ILE A 204 -28.90 14.31 4.52
CA ILE A 204 -28.20 13.01 4.59
C ILE A 204 -29.07 11.99 5.35
N ALA A 205 -29.75 12.45 6.40
CA ALA A 205 -30.65 11.60 7.17
C ALA A 205 -31.84 11.08 6.34
N SER A 206 -32.25 11.80 5.30
CA SER A 206 -33.37 11.36 4.46
C SER A 206 -32.93 10.33 3.40
N ASN A 207 -31.63 10.16 3.20
CA ASN A 207 -31.12 9.15 2.27
C ASN A 207 -31.08 7.79 2.96
N GLY A 208 -30.88 6.72 2.18
CA GLY A 208 -30.92 5.36 2.74
C GLY A 208 -29.82 5.16 3.74
N PRO A 209 -30.16 4.87 5.02
CA PRO A 209 -29.08 4.79 6.02
C PRO A 209 -28.10 3.65 5.83
N ILE A 210 -28.56 2.51 5.30
CA ILE A 210 -27.63 1.39 5.05
C ILE A 210 -26.68 1.82 3.94
N ALA A 211 -27.22 2.50 2.94
CA ALA A 211 -26.45 2.99 1.79
C ALA A 211 -25.41 4.06 2.20
N VAL A 212 -25.83 5.01 3.04
CA VAL A 212 -24.94 6.07 3.51
C VAL A 212 -23.80 5.45 4.33
N ARG A 213 -24.14 4.54 5.24
CA ARG A 213 -23.14 3.87 6.09
C ARG A 213 -22.16 3.07 5.25
N LEU A 214 -22.68 2.33 4.28
CA LEU A 214 -21.80 1.55 3.37
C LEU A 214 -20.92 2.48 2.51
N ALA A 215 -21.45 3.62 2.08
CA ALA A 215 -20.66 4.61 1.33
C ALA A 215 -19.51 5.13 2.18
N LYS A 216 -19.80 5.44 3.45
CA LYS A 216 -18.74 5.91 4.33
C LYS A 216 -17.64 4.84 4.44
N GLU A 217 -18.03 3.59 4.64
CA GLU A 217 -17.04 2.51 4.74
C GLU A 217 -16.25 2.33 3.45
N ALA A 218 -16.94 2.33 2.30
CA ALA A 218 -16.27 2.13 1.02
C ALA A 218 -15.27 3.27 0.69
N ILE A 219 -15.70 4.50 0.88
CA ILE A 219 -14.83 5.67 0.62
C ILE A 219 -13.63 5.71 1.59
N SER A 220 -13.91 5.61 2.89
CA SER A 220 -12.87 5.80 3.93
C SER A 220 -11.82 4.72 3.90
N ASN A 221 -12.24 3.49 3.61
CA ASN A 221 -11.29 2.38 3.53
C ASN A 221 -10.70 2.22 2.14
N GLY A 222 -11.52 2.39 1.10
CA GLY A 222 -11.07 2.24 -0.28
C GLY A 222 -9.98 3.23 -0.69
N ILE A 223 -10.06 4.45 -0.17
CA ILE A 223 -9.08 5.50 -0.48
C ILE A 223 -7.69 5.21 0.10
N GLN A 224 -7.62 4.30 1.06
CA GLN A 224 -6.32 3.97 1.70
C GLN A 224 -5.46 3.01 0.91
N VAL A 225 -6.02 2.43 -0.15
CA VAL A 225 -5.31 1.40 -0.91
C VAL A 225 -5.32 1.70 -2.42
N ASP A 226 -4.82 0.76 -3.20
CA ASP A 226 -4.78 0.92 -4.66
C ASP A 226 -6.19 0.89 -5.26
N LEU A 227 -6.36 1.59 -6.37
CA LEU A 227 -7.67 1.66 -7.05
C LEU A 227 -8.29 0.28 -7.30
N HIS A 228 -7.51 -0.66 -7.84
CA HIS A 228 -8.05 -1.99 -8.15
C HIS A 228 -8.69 -2.66 -6.91
N THR A 229 -7.96 -2.67 -5.78
CA THR A 229 -8.51 -3.26 -4.55
C THR A 229 -9.72 -2.46 -4.05
N GLY A 230 -9.64 -1.14 -4.15
CA GLY A 230 -10.73 -0.24 -3.77
C GLY A 230 -12.02 -0.56 -4.51
N LEU A 231 -11.90 -0.85 -5.81
CA LEU A 231 -13.06 -1.21 -6.61
C LEU A 231 -13.69 -2.52 -6.13
N GLN A 232 -12.87 -3.46 -5.69
CA GLN A 232 -13.37 -4.73 -5.20
C GLN A 232 -14.10 -4.51 -3.87
N MSE A 233 -13.65 -3.56 -3.07
N MSE A 233 -13.64 -3.54 -3.06
CA MSE A 233 -14.32 -3.29 -1.82
CA MSE A 233 -14.30 -3.24 -1.77
C MSE A 233 -15.68 -2.65 -2.06
C MSE A 233 -15.68 -2.62 -2.04
O MSE A 233 -16.67 -2.98 -1.39
O MSE A 233 -16.64 -2.94 -1.35
CB MSE A 233 -13.44 -2.43 -0.92
CB MSE A 233 -13.44 -2.32 -0.89
CG MSE A 233 -14.17 -1.69 0.14
CG MSE A 233 -12.08 -2.90 -0.48
SE MSE A 233 -12.91 -1.12 1.45
SE MSE A 233 -11.08 -1.84 0.87
CE MSE A 233 -11.34 -0.85 0.34
CE MSE A 233 -12.26 -2.14 2.39
N GLU A 234 -15.74 -1.76 -3.04
CA GLU A 234 -17.01 -1.13 -3.42
C GLU A 234 -18.00 -2.21 -3.89
N LYS A 235 -17.50 -3.15 -4.68
CA LYS A 235 -18.29 -4.26 -5.22
C LYS A 235 -18.97 -5.02 -4.09
N GLN A 236 -18.19 -5.39 -3.07
CA GLN A 236 -18.79 -6.09 -1.93
C GLN A 236 -19.79 -5.19 -1.18
N ALA A 237 -19.46 -3.92 -1.01
CA ALA A 237 -20.36 -2.99 -0.33
C ALA A 237 -21.68 -2.89 -1.06
N TYR A 238 -21.64 -2.85 -2.40
CA TYR A 238 -22.85 -2.75 -3.22
C TYR A 238 -23.78 -3.98 -2.98
N GLU A 239 -23.19 -5.14 -2.68
CA GLU A 239 -23.97 -6.33 -2.37
C GLU A 239 -24.80 -6.10 -1.11
N GLY A 240 -24.31 -5.24 -0.24
CA GLY A 240 -25.01 -4.90 1.00
C GLY A 240 -26.26 -4.06 0.81
N VAL A 241 -26.46 -3.47 -0.36
CA VAL A 241 -27.67 -2.66 -0.59
C VAL A 241 -28.67 -3.26 -1.55
N ILE A 242 -28.20 -4.10 -2.47
CA ILE A 242 -29.12 -4.67 -3.46
C ILE A 242 -30.27 -5.53 -2.94
N HIS A 243 -30.12 -6.20 -1.79
CA HIS A 243 -31.20 -7.04 -1.24
C HIS A 243 -32.05 -6.33 -0.18
N THR A 244 -31.77 -5.06 0.08
CA THR A 244 -32.48 -4.32 1.13
C THR A 244 -33.88 -3.89 0.74
N LYS A 245 -34.74 -3.76 1.75
CA LYS A 245 -36.10 -3.28 1.54
C LYS A 245 -36.03 -1.79 1.18
N ASP A 246 -35.08 -1.07 1.74
CA ASP A 246 -34.90 0.35 1.42
C ASP A 246 -34.67 0.56 -0.09
N ARG A 247 -33.88 -0.31 -0.72
CA ARG A 247 -33.65 -0.18 -2.18
C ARG A 247 -34.97 -0.28 -2.94
N LEU A 248 -35.84 -1.20 -2.50
CA LEU A 248 -37.13 -1.39 -3.11
C LEU A 248 -38.02 -0.14 -2.94
N GLU A 249 -38.00 0.43 -1.73
CA GLU A 249 -38.73 1.67 -1.45
C GLU A 249 -38.24 2.80 -2.34
N GLY A 250 -36.92 2.84 -2.60
CA GLY A 250 -36.32 3.85 -3.46
C GLY A 250 -36.89 3.75 -4.87
N LEU A 251 -36.96 2.53 -5.38
CA LEU A 251 -37.48 2.28 -6.71
C LEU A 251 -38.96 2.65 -6.81
N GLN A 252 -39.76 2.20 -5.85
CA GLN A 252 -41.21 2.48 -5.83
C GLN A 252 -41.47 3.98 -5.69
N ALA A 253 -40.72 4.64 -4.82
CA ALA A 253 -40.85 6.09 -4.63
C ALA A 253 -40.54 6.85 -5.93
N PHE A 254 -39.50 6.42 -6.64
CA PHE A 254 -39.13 7.06 -7.91
C PHE A 254 -40.23 6.86 -8.94
N LYS A 255 -40.78 5.65 -9.00
CA LYS A 255 -41.85 5.33 -9.94
C LYS A 255 -43.11 6.13 -9.62
N GLU A 256 -43.42 6.23 -8.32
CA GLU A 256 -44.61 6.97 -7.86
C GLU A 256 -44.35 8.48 -7.68
N LYS A 257 -43.16 8.94 -8.05
CA LYS A 257 -42.79 10.36 -7.92
C LYS A 257 -43.19 10.96 -6.56
N ARG A 258 -42.79 10.29 -5.49
CA ARG A 258 -43.05 10.74 -4.12
C ARG A 258 -41.76 10.59 -3.32
N THR A 259 -41.72 11.15 -2.11
CA THR A 259 -40.51 11.08 -1.27
C THR A 259 -40.36 9.68 -0.65
N PRO A 260 -39.15 9.10 -0.72
CA PRO A 260 -39.01 7.79 -0.13
C PRO A 260 -38.90 7.87 1.41
N MSE A 261 -39.39 6.86 2.09
CA MSE A 261 -39.33 6.78 3.55
C MSE A 261 -38.50 5.57 3.94
O MSE A 261 -39.01 4.46 4.13
CB MSE A 261 -40.73 6.70 4.17
CG MSE A 261 -41.39 8.06 4.36
SE MSE A 261 -43.24 7.91 4.98
CE MSE A 261 -43.11 6.31 6.08
N TYR A 262 -37.20 5.80 4.05
CA TYR A 262 -36.27 4.73 4.37
C TYR A 262 -36.30 4.39 5.85
N LYS A 263 -36.08 3.11 6.16
CA LYS A 263 -36.18 2.62 7.54
C LYS A 263 -34.95 1.86 8.03
N GLY A 264 -33.89 1.78 7.23
CA GLY A 264 -32.68 1.06 7.62
C GLY A 264 -32.86 -0.45 7.59
N GLU A 265 -33.53 -0.93 6.55
N GLU A 265 -33.43 -0.96 6.51
CA GLU A 265 -33.83 -2.35 6.37
CA GLU A 265 -33.60 -2.40 6.29
C GLU A 265 -33.80 -2.67 4.88
C GLU A 265 -33.57 -2.66 4.79
N GLN B 8 -27.21 0.03 -33.92
CA GLN B 8 -26.06 0.86 -33.48
C GLN B 8 -26.53 1.97 -32.53
N ASN B 9 -26.03 1.93 -31.30
CA ASN B 9 -26.36 2.92 -30.27
C ASN B 9 -25.21 3.91 -30.06
N ILE B 10 -24.16 3.77 -30.85
CA ILE B 10 -22.98 4.62 -30.75
C ILE B 10 -22.42 4.92 -32.14
N SER B 11 -21.81 6.10 -32.30
CA SER B 11 -21.17 6.44 -33.57
C SER B 11 -19.70 6.62 -33.30
N VAL B 12 -18.90 6.31 -34.31
CA VAL B 12 -17.45 6.42 -34.21
C VAL B 12 -16.94 7.11 -35.46
N ASP B 13 -16.24 8.23 -35.28
CA ASP B 13 -15.71 9.01 -36.41
C ASP B 13 -14.40 9.69 -36.09
N TYR B 14 -13.49 9.74 -37.06
CA TYR B 14 -12.25 10.46 -36.89
C TYR B 14 -12.53 11.95 -37.12
N ALA B 15 -12.50 12.70 -36.02
CA ALA B 15 -12.75 14.15 -36.04
C ALA B 15 -11.60 14.88 -36.72
N THR B 16 -10.39 14.39 -36.50
CA THR B 16 -9.17 14.92 -37.09
C THR B 16 -8.23 13.75 -37.13
N PRO B 17 -7.10 13.89 -37.84
CA PRO B 17 -6.15 12.80 -37.86
C PRO B 17 -5.77 12.36 -36.44
N HIS B 18 -5.85 11.04 -36.18
CA HIS B 18 -5.46 10.41 -34.89
C HIS B 18 -6.45 10.60 -33.74
N VAL B 19 -7.56 11.32 -33.98
CA VAL B 19 -8.54 11.57 -32.91
C VAL B 19 -9.92 10.98 -33.27
N VAL B 20 -10.31 9.96 -32.50
CA VAL B 20 -11.57 9.29 -32.69
C VAL B 20 -12.60 9.83 -31.69
N LYS B 21 -13.78 10.15 -32.20
CA LYS B 21 -14.88 10.63 -31.37
C LYS B 21 -15.92 9.53 -31.30
N ILE B 22 -16.23 9.12 -30.07
CA ILE B 22 -17.24 8.11 -29.80
C ILE B 22 -18.39 8.86 -29.18
N SER B 23 -19.56 8.82 -29.82
N SER B 23 -19.56 8.79 -29.81
CA SER B 23 -20.74 9.48 -29.30
CA SER B 23 -20.73 9.49 -29.30
C SER B 23 -21.80 8.48 -28.86
C SER B 23 -21.84 8.52 -28.89
N LEU B 24 -22.27 8.60 -27.63
CA LEU B 24 -23.34 7.75 -27.11
C LEU B 24 -24.57 8.36 -27.81
N ASN B 25 -25.27 7.55 -28.61
N ASN B 25 -25.29 7.52 -28.56
CA ASN B 25 -26.42 8.03 -29.37
CA ASN B 25 -26.40 7.99 -29.38
C ASN B 25 -27.77 7.40 -29.02
C ASN B 25 -27.76 7.39 -29.01
N ARG B 26 -28.30 7.78 -27.86
CA ARG B 26 -29.63 7.29 -27.40
C ARG B 26 -30.32 8.48 -26.72
N GLU B 27 -30.37 9.60 -27.45
CA GLU B 27 -30.92 10.86 -26.95
C GLU B 27 -32.27 10.76 -26.26
N ARG B 28 -33.19 10.00 -26.84
CA ARG B 28 -34.52 9.82 -26.26
C ARG B 28 -34.50 9.21 -24.87
N GLN B 29 -33.46 8.41 -24.59
CA GLN B 29 -33.30 7.78 -23.28
C GLN B 29 -32.13 8.38 -22.51
N ALA B 30 -31.84 9.67 -22.76
CA ALA B 30 -30.75 10.40 -22.08
C ALA B 30 -29.38 9.72 -22.17
N ASN B 31 -29.14 9.06 -23.30
CA ASN B 31 -27.88 8.36 -23.58
C ASN B 31 -27.51 7.37 -22.47
N SER B 32 -28.54 6.78 -21.87
CA SER B 32 -28.36 5.81 -20.80
C SER B 32 -27.64 4.54 -21.29
N LEU B 33 -27.01 3.85 -20.34
CA LEU B 33 -26.22 2.67 -20.63
C LEU B 33 -27.04 1.39 -20.64
N SER B 34 -27.49 1.00 -21.82
CA SER B 34 -28.23 -0.25 -22.01
C SER B 34 -27.21 -1.35 -22.26
N LEU B 35 -27.64 -2.60 -22.16
CA LEU B 35 -26.73 -3.73 -22.39
C LEU B 35 -26.17 -3.67 -23.81
N ALA B 36 -27.04 -3.35 -24.78
CA ALA B 36 -26.65 -3.25 -26.18
C ALA B 36 -25.57 -2.19 -26.38
N LEU B 37 -25.78 -1.00 -25.82
CA LEU B 37 -24.79 0.09 -25.95
C LEU B 37 -23.47 -0.31 -25.31
N LEU B 38 -23.56 -0.91 -24.13
CA LEU B 38 -22.39 -1.39 -23.40
C LEU B 38 -21.59 -2.40 -24.20
N GLU B 39 -22.29 -3.30 -24.89
CA GLU B 39 -21.63 -4.33 -25.68
C GLU B 39 -20.82 -3.72 -26.83
N GLU B 40 -21.42 -2.80 -27.57
CA GLU B 40 -20.71 -2.15 -28.68
C GLU B 40 -19.59 -1.24 -28.17
N LEU B 41 -19.83 -0.56 -27.05
CA LEU B 41 -18.80 0.30 -26.47
C LEU B 41 -17.59 -0.60 -26.14
N GLN B 42 -17.83 -1.75 -25.50
CA GLN B 42 -16.74 -2.67 -25.19
C GLN B 42 -16.05 -3.14 -26.48
N ASN B 43 -16.83 -3.39 -27.53
CA ASN B 43 -16.28 -3.86 -28.81
C ASN B 43 -15.40 -2.79 -29.46
N ILE B 44 -15.84 -1.54 -29.41
CA ILE B 44 -15.07 -0.43 -29.97
C ILE B 44 -13.77 -0.25 -29.19
N LEU B 45 -13.85 -0.33 -27.86
CA LEU B 45 -12.65 -0.20 -27.04
C LEU B 45 -11.69 -1.36 -27.29
N THR B 46 -12.21 -2.56 -27.53
CA THR B 46 -11.33 -3.70 -27.80
C THR B 46 -10.55 -3.45 -29.11
N GLN B 47 -11.23 -2.84 -30.06
CA GLN B 47 -10.63 -2.51 -31.36
C GLN B 47 -9.55 -1.42 -31.24
N ILE B 48 -9.89 -0.32 -30.54
CA ILE B 48 -8.98 0.83 -30.35
C ILE B 48 -7.69 0.44 -29.62
N ASN B 49 -7.77 -0.56 -28.73
CA ASN B 49 -6.60 -1.04 -28.01
C ASN B 49 -5.48 -1.53 -28.95
N GLU B 50 -5.88 -2.02 -30.11
CA GLU B 50 -4.96 -2.56 -31.11
C GLU B 50 -4.59 -1.60 -32.24
N GLU B 51 -5.06 -0.36 -32.16
CA GLU B 51 -4.83 0.62 -33.23
C GLU B 51 -3.63 1.52 -33.02
N ALA B 52 -2.89 1.76 -34.09
CA ALA B 52 -1.74 2.65 -34.05
C ALA B 52 -2.13 4.04 -34.54
N ASN B 53 -3.16 4.10 -35.38
CA ASN B 53 -3.61 5.38 -35.94
C ASN B 53 -4.26 6.28 -34.88
N THR B 54 -5.08 5.67 -34.02
CA THR B 54 -5.76 6.40 -32.95
C THR B 54 -4.77 6.79 -31.86
N ARG B 55 -4.64 8.09 -31.60
CA ARG B 55 -3.74 8.60 -30.53
C ARG B 55 -4.51 9.17 -29.34
N VAL B 56 -5.77 9.57 -29.56
CA VAL B 56 -6.63 10.14 -28.53
C VAL B 56 -8.07 9.79 -28.83
N VAL B 57 -8.85 9.59 -27.78
CA VAL B 57 -10.27 9.29 -27.89
C VAL B 57 -11.07 10.37 -27.17
N ILE B 58 -12.12 10.86 -27.81
CA ILE B 58 -13.03 11.81 -27.19
C ILE B 58 -14.34 11.05 -27.01
N LEU B 59 -14.87 11.05 -25.80
CA LEU B 59 -16.11 10.36 -25.50
C LEU B 59 -17.20 11.40 -25.18
N THR B 60 -18.33 11.33 -25.87
CA THR B 60 -19.38 12.31 -25.68
C THR B 60 -20.74 11.70 -25.90
N GLY B 61 -21.77 12.51 -25.69
CA GLY B 61 -23.14 12.08 -25.87
C GLY B 61 -23.77 12.95 -26.93
N ALA B 62 -24.78 12.41 -27.59
CA ALA B 62 -25.50 13.16 -28.62
C ALA B 62 -26.46 14.17 -27.97
N GLY B 63 -26.75 15.26 -28.68
CA GLY B 63 -27.69 16.29 -28.21
C GLY B 63 -27.08 17.29 -27.25
N GLU B 64 -27.93 18.15 -26.69
CA GLU B 64 -27.51 19.19 -25.74
C GLU B 64 -28.11 18.96 -24.32
N LYS B 65 -28.80 17.85 -24.12
CA LYS B 65 -29.43 17.61 -22.82
C LYS B 65 -28.66 16.69 -21.89
N ALA B 66 -28.12 15.61 -22.45
CA ALA B 66 -27.46 14.60 -21.64
C ALA B 66 -26.17 14.04 -22.22
N PHE B 67 -25.17 13.89 -21.34
CA PHE B 67 -23.93 13.23 -21.65
C PHE B 67 -24.26 11.75 -21.53
N CYS B 68 -24.70 11.36 -20.33
CA CYS B 68 -25.10 9.99 -20.01
C CYS B 68 -25.82 9.99 -18.67
N ALA B 69 -27.06 9.54 -18.65
CA ALA B 69 -27.85 9.54 -17.43
C ALA B 69 -27.59 8.30 -16.56
N GLY B 70 -26.63 7.47 -16.95
CA GLY B 70 -26.29 6.27 -16.22
C GLY B 70 -27.05 5.05 -16.68
N ALA B 71 -27.37 4.17 -15.74
CA ALA B 71 -28.07 2.93 -16.03
C ALA B 71 -29.45 3.19 -16.62
N ASP B 72 -29.75 2.52 -17.73
CA ASP B 72 -31.05 2.63 -18.39
C ASP B 72 -32.16 2.24 -17.40
N LEU B 73 -33.13 3.13 -17.22
CA LEU B 73 -34.24 2.93 -16.27
C LEU B 73 -35.31 1.96 -16.76
N LYS B 74 -35.67 2.05 -18.04
CA LYS B 74 -36.70 1.17 -18.61
C LYS B 74 -36.18 -0.27 -18.71
N GLU B 75 -34.90 -0.43 -19.03
CA GLU B 75 -34.30 -1.75 -19.14
C GLU B 75 -34.13 -2.37 -17.75
N ARG B 76 -33.86 -1.55 -16.74
CA ARG B 76 -33.71 -2.03 -15.37
C ARG B 76 -35.05 -2.31 -14.72
N ALA B 77 -36.09 -1.57 -15.14
CA ALA B 77 -37.43 -1.76 -14.61
C ALA B 77 -37.77 -3.25 -14.54
N GLY B 78 -37.44 -3.97 -15.61
CA GLY B 78 -37.66 -5.40 -15.69
C GLY B 78 -36.38 -6.16 -15.34
N MSE B 79 -35.94 -6.02 -14.08
CA MSE B 79 -34.74 -6.72 -13.59
C MSE B 79 -34.81 -7.07 -12.10
O MSE B 79 -35.15 -6.24 -11.27
CB MSE B 79 -33.46 -5.90 -13.85
CG MSE B 79 -32.97 -5.89 -15.28
SE MSE B 79 -31.25 -4.96 -15.47
CE MSE B 79 -30.87 -5.45 -17.32
N ASN B 80 -34.48 -8.32 -11.79
CA ASN B 80 -34.41 -8.79 -10.42
C ASN B 80 -32.97 -8.61 -9.93
N GLU B 81 -32.65 -9.06 -8.71
CA GLU B 81 -31.29 -8.90 -8.19
C GLU B 81 -30.24 -9.56 -9.09
N GLU B 82 -30.60 -10.71 -9.66
CA GLU B 82 -29.71 -11.48 -10.53
C GLU B 82 -29.36 -10.75 -11.83
N GLN B 83 -30.34 -10.14 -12.48
CA GLN B 83 -30.11 -9.43 -13.74
C GLN B 83 -29.37 -8.11 -13.53
N VAL B 84 -29.55 -7.51 -12.35
CA VAL B 84 -28.86 -6.27 -12.00
C VAL B 84 -27.35 -6.52 -11.98
N ARG B 85 -26.94 -7.70 -11.53
CA ARG B 85 -25.50 -8.04 -11.47
C ARG B 85 -24.81 -8.06 -12.83
N HIS B 86 -25.36 -8.80 -13.80
CA HIS B 86 -24.72 -8.84 -15.12
C HIS B 86 -24.60 -7.42 -15.69
N ALA B 87 -25.70 -6.67 -15.61
CA ALA B 87 -25.72 -5.28 -16.08
C ALA B 87 -24.66 -4.46 -15.34
N VAL B 88 -24.68 -4.55 -14.02
CA VAL B 88 -23.74 -3.84 -13.17
C VAL B 88 -22.31 -4.27 -13.50
N SER B 89 -22.10 -5.57 -13.70
CA SER B 89 -20.79 -6.13 -14.05
C SER B 89 -20.26 -5.55 -15.38
N MSE B 90 -21.13 -5.45 -16.37
N MSE B 90 -21.12 -5.45 -16.38
CA MSE B 90 -20.76 -4.91 -17.68
CA MSE B 90 -20.72 -4.90 -17.67
C MSE B 90 -20.38 -3.42 -17.61
C MSE B 90 -20.32 -3.43 -17.56
O MSE B 90 -19.52 -2.97 -18.35
O MSE B 90 -19.38 -2.99 -18.23
CB MSE B 90 -21.90 -5.13 -18.68
CB MSE B 90 -21.83 -5.01 -18.72
CG MSE B 90 -22.03 -6.58 -19.11
CG MSE B 90 -22.06 -6.41 -19.26
SE MSE B 90 -20.59 -7.09 -20.34
SE MSE B 90 -23.17 -6.30 -20.86
CE MSE B 90 -21.19 -6.12 -21.92
CE MSE B 90 -21.97 -5.26 -22.00
N ILE B 91 -21.03 -2.67 -16.74
CA ILE B 91 -20.71 -1.26 -16.55
C ILE B 91 -19.33 -1.17 -15.92
N ARG B 92 -19.12 -1.90 -14.83
CA ARG B 92 -17.81 -1.89 -14.16
C ARG B 92 -16.69 -2.21 -15.14
N THR B 93 -16.87 -3.28 -15.88
CA THR B 93 -15.89 -3.74 -16.86
C THR B 93 -15.56 -2.68 -17.89
N THR B 94 -16.60 -2.00 -18.37
CA THR B 94 -16.43 -0.93 -19.35
C THR B 94 -15.58 0.20 -18.80
N MSE B 95 -15.77 0.54 -17.53
CA MSE B 95 -14.98 1.60 -16.90
C MSE B 95 -13.50 1.24 -16.91
O MSE B 95 -12.63 2.08 -17.17
CB MSE B 95 -15.38 1.81 -15.44
CG MSE B 95 -16.83 2.10 -15.10
SE MSE B 95 -17.55 3.61 -16.01
CE MSE B 95 -18.02 2.83 -17.75
N GLU B 96 -13.21 -0.01 -16.58
CA GLU B 96 -11.85 -0.51 -16.52
C GLU B 96 -11.18 -0.49 -17.92
N MSE B 97 -11.96 -0.78 -18.95
CA MSE B 97 -11.44 -0.78 -20.34
C MSE B 97 -11.06 0.63 -20.77
O MSE B 97 -10.03 0.81 -21.44
CB MSE B 97 -12.47 -1.37 -21.30
CG MSE B 97 -12.86 -2.80 -21.00
SE MSE B 97 -13.99 -3.65 -22.36
CE MSE B 97 -12.72 -3.62 -23.82
N VAL B 98 -11.84 1.64 -20.37
CA VAL B 98 -11.53 3.06 -20.68
C VAL B 98 -10.23 3.48 -19.99
N GLU B 99 -10.13 3.27 -18.68
CA GLU B 99 -8.92 3.68 -17.96
C GLU B 99 -7.67 2.89 -18.38
N GLN B 100 -7.82 1.65 -18.83
CA GLN B 100 -6.69 0.81 -19.27
C GLN B 100 -6.37 0.91 -20.77
N LEU B 101 -7.16 1.68 -21.51
CA LEU B 101 -6.94 1.89 -22.94
C LEU B 101 -5.58 2.59 -23.09
N PRO B 102 -4.77 2.22 -24.11
CA PRO B 102 -3.46 2.86 -24.23
C PRO B 102 -3.48 4.35 -24.44
N GLN B 103 -4.47 4.83 -25.19
CA GLN B 103 -4.61 6.22 -25.53
C GLN B 103 -5.36 7.02 -24.47
N PRO B 104 -4.99 8.30 -24.34
CA PRO B 104 -5.80 9.11 -23.46
C PRO B 104 -7.25 9.17 -23.98
N VAL B 105 -8.19 9.20 -23.04
CA VAL B 105 -9.61 9.34 -23.32
C VAL B 105 -10.11 10.61 -22.61
N ILE B 106 -10.70 11.52 -23.40
CA ILE B 106 -11.24 12.78 -22.91
C ILE B 106 -12.74 12.76 -22.89
N ALA B 107 -13.34 12.99 -21.73
CA ALA B 107 -14.78 13.07 -21.60
C ALA B 107 -15.24 14.48 -21.96
N ALA B 108 -16.10 14.57 -22.98
CA ALA B 108 -16.71 15.83 -23.42
C ALA B 108 -18.14 15.79 -22.91
N ILE B 109 -18.36 16.44 -21.77
CA ILE B 109 -19.65 16.37 -21.05
C ILE B 109 -20.61 17.43 -21.55
N ASN B 110 -21.55 17.00 -22.39
CA ASN B 110 -22.45 17.92 -23.12
C ASN B 110 -23.77 18.22 -22.46
N GLY B 111 -23.99 17.63 -21.29
CA GLY B 111 -25.23 17.82 -20.56
C GLY B 111 -25.15 17.07 -19.25
N ILE B 112 -26.30 16.60 -18.79
N ILE B 112 -26.29 16.62 -18.75
CA ILE B 112 -26.38 15.86 -17.53
CA ILE B 112 -26.32 15.92 -17.48
C ILE B 112 -25.53 14.59 -17.51
C ILE B 112 -25.52 14.61 -17.51
N ALA B 113 -24.86 14.35 -16.39
CA ALA B 113 -24.08 13.14 -16.16
C ALA B 113 -24.57 12.65 -14.82
N LEU B 114 -25.17 11.48 -14.78
CA LEU B 114 -25.68 10.88 -13.54
C LEU B 114 -25.24 9.44 -13.43
N GLY B 115 -25.08 8.99 -12.18
CA GLY B 115 -24.70 7.62 -11.89
C GLY B 115 -23.60 7.09 -12.77
N GLY B 116 -23.91 6.05 -13.54
CA GLY B 116 -22.93 5.43 -14.45
C GLY B 116 -22.28 6.42 -15.39
N GLY B 117 -23.02 7.46 -15.79
CA GLY B 117 -22.51 8.52 -16.66
C GLY B 117 -21.45 9.36 -15.97
N THR B 118 -21.67 9.69 -14.72
CA THR B 118 -20.68 10.40 -13.92
C THR B 118 -19.45 9.46 -13.73
N GLU B 119 -19.74 8.19 -13.48
CA GLU B 119 -18.67 7.19 -13.30
C GLU B 119 -17.88 7.01 -14.59
N LEU B 120 -18.57 7.04 -15.73
CA LEU B 120 -17.92 6.95 -17.03
C LEU B 120 -16.97 8.14 -17.19
N SER B 121 -17.42 9.36 -16.88
CA SER B 121 -16.56 10.57 -16.96
C SER B 121 -15.33 10.45 -16.06
N LEU B 122 -15.49 9.82 -14.89
CA LEU B 122 -14.38 9.63 -13.94
C LEU B 122 -13.35 8.62 -14.44
N ALA B 123 -13.80 7.66 -15.27
CA ALA B 123 -12.90 6.64 -15.82
C ALA B 123 -12.04 7.21 -16.96
N CYS B 124 -12.48 8.32 -17.55
CA CYS B 124 -11.72 9.01 -18.59
C CYS B 124 -10.51 9.70 -17.95
N ASP B 125 -9.49 9.95 -18.77
CA ASP B 125 -8.27 10.59 -18.29
C ASP B 125 -8.54 11.99 -17.75
N PHE B 126 -9.32 12.79 -18.47
CA PHE B 126 -9.73 14.10 -17.99
C PHE B 126 -11.02 14.50 -18.66
N ARG B 127 -11.61 15.58 -18.15
CA ARG B 127 -12.93 15.99 -18.56
C ARG B 127 -13.04 17.44 -18.93
N ILE B 128 -13.81 17.72 -19.98
N ILE B 128 -13.82 17.70 -19.97
CA ILE B 128 -14.11 19.09 -20.40
CA ILE B 128 -14.13 19.05 -20.43
C ILE B 128 -15.63 19.13 -20.50
C ILE B 128 -15.65 19.08 -20.42
N ALA B 129 -16.23 20.12 -19.85
CA ALA B 129 -17.68 20.21 -19.76
C ALA B 129 -18.25 21.47 -20.38
N ALA B 130 -19.46 21.35 -20.93
CA ALA B 130 -20.21 22.51 -21.43
C ALA B 130 -20.70 23.25 -20.20
N GLU B 131 -20.83 24.58 -20.30
CA GLU B 131 -21.28 25.44 -19.20
C GLU B 131 -22.58 24.97 -18.54
N SER B 132 -23.43 24.34 -19.34
CA SER B 132 -24.75 23.89 -18.91
C SER B 132 -24.85 22.45 -18.42
N ALA B 133 -23.72 21.75 -18.42
CA ALA B 133 -23.68 20.36 -17.95
C ALA B 133 -23.81 20.32 -16.44
N SER B 134 -24.11 19.14 -15.92
CA SER B 134 -24.23 18.93 -14.49
C SER B 134 -23.80 17.50 -14.21
N LEU B 135 -23.31 17.25 -12.99
CA LEU B 135 -22.83 15.94 -12.61
C LEU B 135 -23.29 15.61 -11.21
N GLY B 136 -23.53 14.33 -10.97
CA GLY B 136 -23.88 13.87 -9.65
C GLY B 136 -23.89 12.36 -9.50
N LEU B 137 -23.78 11.92 -8.26
CA LEU B 137 -23.90 10.52 -7.86
C LEU B 137 -25.04 10.56 -6.86
N THR B 138 -26.26 10.37 -7.36
CA THR B 138 -27.47 10.49 -6.54
C THR B 138 -27.88 9.17 -5.87
N GLU B 139 -27.02 8.16 -5.97
CA GLU B 139 -27.35 6.82 -5.50
C GLU B 139 -27.91 6.70 -4.08
N THR B 140 -27.38 7.41 -3.11
CA THR B 140 -27.88 7.30 -1.73
C THR B 140 -29.32 7.82 -1.57
N THR B 141 -29.78 8.67 -2.49
CA THR B 141 -31.16 9.18 -2.44
C THR B 141 -32.14 8.06 -2.82
N LEU B 142 -31.59 7.02 -3.43
CA LEU B 142 -32.35 5.84 -3.85
C LEU B 142 -31.97 4.62 -2.99
N ALA B 143 -31.24 4.85 -1.89
CA ALA B 143 -30.83 3.78 -0.96
C ALA B 143 -29.85 2.75 -1.54
N ILE B 144 -29.07 3.15 -2.53
CA ILE B 144 -27.96 2.32 -3.06
C ILE B 144 -26.70 3.17 -3.02
N ILE B 145 -25.60 2.66 -3.54
CA ILE B 145 -24.35 3.40 -3.57
C ILE B 145 -23.83 3.32 -5.00
N PRO B 146 -22.88 4.18 -5.36
CA PRO B 146 -22.28 4.05 -6.69
C PRO B 146 -21.69 2.66 -6.84
N GLY B 147 -22.00 1.98 -7.93
CA GLY B 147 -21.54 0.62 -8.12
C GLY B 147 -20.62 0.39 -9.31
N ALA B 148 -20.06 1.45 -9.85
CA ALA B 148 -19.12 1.32 -10.96
C ALA B 148 -17.93 2.26 -10.74
N GLY B 149 -17.44 2.29 -9.51
CA GLY B 149 -16.24 3.06 -9.13
C GLY B 149 -16.39 4.45 -8.60
N GLY B 150 -17.63 4.98 -8.54
CA GLY B 150 -17.83 6.34 -8.03
C GLY B 150 -17.26 6.60 -6.64
N THR B 151 -17.40 5.64 -5.74
CA THR B 151 -16.89 5.78 -4.37
C THR B 151 -15.36 5.73 -4.32
N GLN B 152 -14.73 5.30 -5.39
CA GLN B 152 -13.28 5.17 -5.47
C GLN B 152 -12.61 6.25 -6.34
N ARG B 153 -13.14 6.46 -7.54
CA ARG B 153 -12.56 7.44 -8.47
C ARG B 153 -12.82 8.89 -8.06
N LEU B 154 -13.98 9.16 -7.45
CA LEU B 154 -14.30 10.51 -7.03
C LEU B 154 -13.35 11.05 -5.95
N PRO B 155 -13.16 10.32 -4.82
CA PRO B 155 -12.24 10.83 -3.80
C PRO B 155 -10.78 10.96 -4.29
N ARG B 156 -10.38 10.06 -5.17
CA ARG B 156 -9.04 10.10 -5.76
C ARG B 156 -8.84 11.38 -6.56
N LEU B 157 -9.88 11.84 -7.24
CA LEU B 157 -9.76 13.07 -8.03
C LEU B 157 -9.95 14.38 -7.27
N ILE B 158 -10.96 14.46 -6.39
CA ILE B 158 -11.28 15.71 -5.71
C ILE B 158 -11.09 15.75 -4.18
N GLY B 159 -10.53 14.69 -3.61
CA GLY B 159 -10.31 14.63 -2.19
C GLY B 159 -11.44 13.97 -1.45
N VAL B 160 -11.13 13.37 -0.31
CA VAL B 160 -12.13 12.64 0.47
C VAL B 160 -13.30 13.47 1.01
N GLY B 161 -13.00 14.69 1.45
CA GLY B 161 -14.03 15.54 2.03
C GLY B 161 -15.15 15.91 1.10
N ARG B 162 -14.80 16.35 -0.10
CA ARG B 162 -15.83 16.75 -1.07
C ARG B 162 -16.53 15.52 -1.64
N ALA B 163 -15.80 14.43 -1.84
CA ALA B 163 -16.39 13.18 -2.37
C ALA B 163 -17.44 12.65 -1.39
N LYS B 164 -17.12 12.72 -0.09
CA LYS B 164 -18.06 12.32 0.96
C LYS B 164 -19.30 13.21 0.95
N GLU B 165 -19.11 14.54 0.95
CA GLU B 165 -20.25 15.46 0.92
C GLU B 165 -21.18 15.16 -0.27
N LEU B 166 -20.61 15.05 -1.46
CA LEU B 166 -21.44 14.78 -2.66
C LEU B 166 -22.11 13.41 -2.64
N ILE B 167 -21.40 12.38 -2.21
CA ILE B 167 -21.98 11.03 -2.21
C ILE B 167 -23.02 10.85 -1.08
N TYR B 168 -22.71 11.35 0.13
CA TYR B 168 -23.65 11.20 1.25
C TYR B 168 -24.94 11.97 0.98
N THR B 169 -24.83 13.17 0.44
CA THR B 169 -26.02 13.99 0.13
C THR B 169 -26.70 13.59 -1.17
N GLY B 170 -25.91 13.09 -2.13
CA GLY B 170 -26.42 12.72 -3.45
C GLY B 170 -26.75 13.94 -4.31
N ARG B 171 -26.12 15.08 -4.05
CA ARG B 171 -26.48 16.27 -4.80
C ARG B 171 -25.79 16.41 -6.16
N ARG B 172 -26.53 16.99 -7.08
CA ARG B 172 -26.06 17.24 -8.43
C ARG B 172 -25.47 18.62 -8.43
N ILE B 173 -24.33 18.79 -9.12
CA ILE B 173 -23.66 20.08 -9.14
C ILE B 173 -23.47 20.59 -10.58
N SER B 174 -23.40 21.91 -10.71
CA SER B 174 -23.19 22.54 -12.01
C SER B 174 -21.75 22.30 -12.47
N ALA B 175 -21.50 22.58 -13.75
CA ALA B 175 -20.18 22.48 -14.33
C ALA B 175 -19.21 23.44 -13.63
N GLN B 176 -19.73 24.61 -13.25
CA GLN B 176 -18.91 25.62 -12.59
C GLN B 176 -18.45 25.15 -11.21
N GLU B 177 -19.35 24.51 -10.45
N GLU B 177 -19.33 24.51 -10.45
CA GLU B 177 -19.02 23.96 -9.14
CA GLU B 177 -18.94 24.02 -9.13
C GLU B 177 -18.00 22.84 -9.34
C GLU B 177 -17.98 22.83 -9.33
N ALA B 178 -18.26 22.00 -10.34
CA ALA B 178 -17.36 20.88 -10.66
C ALA B 178 -15.94 21.36 -10.98
N LYS B 179 -15.84 22.49 -11.69
CA LYS B 179 -14.56 23.07 -12.02
C LYS B 179 -13.87 23.52 -10.75
N GLU B 180 -14.61 24.16 -9.85
CA GLU B 180 -14.05 24.61 -8.57
C GLU B 180 -13.46 23.44 -7.76
N TYR B 181 -14.17 22.31 -7.75
N TYR B 181 -14.13 22.30 -7.75
CA TYR B 181 -13.73 21.14 -6.99
CA TYR B 181 -13.64 21.15 -6.97
C TYR B 181 -12.63 20.33 -7.70
C TYR B 181 -12.60 20.31 -7.71
N GLY B 182 -12.42 20.58 -8.99
CA GLY B 182 -11.45 19.82 -9.78
C GLY B 182 -12.03 18.53 -10.33
N LEU B 183 -13.36 18.43 -10.34
CA LEU B 183 -14.09 17.26 -10.91
C LEU B 183 -14.01 17.33 -12.46
N VAL B 184 -14.07 18.54 -13.02
CA VAL B 184 -13.86 18.73 -14.47
C VAL B 184 -12.70 19.69 -14.60
N GLU B 185 -11.82 19.40 -15.54
CA GLU B 185 -10.62 20.22 -15.77
C GLU B 185 -10.84 21.48 -16.58
N PHE B 186 -11.85 21.45 -17.46
CA PHE B 186 -12.15 22.62 -18.27
C PHE B 186 -13.64 22.79 -18.43
N VAL B 187 -14.09 24.03 -18.52
CA VAL B 187 -15.49 24.35 -18.80
C VAL B 187 -15.52 25.41 -19.91
N VAL B 188 -16.34 25.17 -20.92
CA VAL B 188 -16.47 26.08 -22.06
C VAL B 188 -17.94 26.26 -22.42
N PRO B 189 -18.28 27.33 -23.16
CA PRO B 189 -19.66 27.53 -23.60
C PRO B 189 -20.14 26.34 -24.43
N VAL B 190 -21.42 26.02 -24.32
CA VAL B 190 -22.03 24.87 -25.00
C VAL B 190 -21.65 24.70 -26.47
N HIS B 191 -21.75 25.78 -27.22
CA HIS B 191 -21.46 25.74 -28.67
C HIS B 191 -19.98 25.51 -28.99
N LEU B 192 -19.12 25.57 -27.97
CA LEU B 192 -17.68 25.38 -28.21
C LEU B 192 -17.13 24.08 -27.62
N LEU B 193 -17.97 23.25 -27.02
CA LEU B 193 -17.49 22.00 -26.42
C LEU B 193 -16.77 21.11 -27.41
N GLU B 194 -17.38 20.86 -28.56
CA GLU B 194 -16.75 19.97 -29.55
C GLU B 194 -15.43 20.54 -30.02
N GLU B 195 -15.38 21.80 -30.41
CA GLU B 195 -14.14 22.34 -30.92
C GLU B 195 -13.00 22.47 -29.91
N LYS B 196 -13.30 22.69 -28.63
N LYS B 196 -13.32 22.70 -28.63
CA LYS B 196 -12.24 22.74 -27.63
CA LYS B 196 -12.30 22.76 -27.59
C LYS B 196 -11.73 21.35 -27.26
C LYS B 196 -11.75 21.36 -27.29
N ALA B 197 -12.62 20.35 -27.28
CA ALA B 197 -12.22 18.97 -27.03
C ALA B 197 -11.27 18.53 -28.18
N ILE B 198 -11.63 18.90 -29.39
CA ILE B 198 -10.81 18.57 -30.57
C ILE B 198 -9.48 19.29 -30.52
N GLU B 199 -9.50 20.57 -30.15
CA GLU B 199 -8.25 21.34 -30.05
C GLU B 199 -7.27 20.69 -29.07
N ILE B 200 -7.76 20.31 -27.90
CA ILE B 200 -6.89 19.68 -26.90
C ILE B 200 -6.40 18.32 -27.40
N ALA B 201 -7.30 17.52 -27.98
CA ALA B 201 -6.94 16.21 -28.52
C ALA B 201 -5.85 16.35 -29.63
N GLU B 202 -5.98 17.38 -30.46
CA GLU B 202 -5.00 17.63 -31.53
C GLU B 202 -3.61 17.91 -30.94
N LYS B 203 -3.57 18.68 -29.86
CA LYS B 203 -2.32 18.98 -29.19
C LYS B 203 -1.71 17.66 -28.70
N ILE B 204 -2.50 16.83 -28.00
CA ILE B 204 -1.98 15.53 -27.51
C ILE B 204 -1.52 14.64 -28.68
N ALA B 205 -2.33 14.60 -29.74
CA ALA B 205 -2.01 13.80 -30.94
C ALA B 205 -0.76 14.25 -31.67
N SER B 206 -0.29 15.48 -31.43
CA SER B 206 0.91 15.97 -32.09
C SER B 206 2.17 15.58 -31.32
N ASN B 207 1.99 15.07 -30.10
CA ASN B 207 3.12 14.65 -29.25
C ASN B 207 3.48 13.21 -29.52
N GLY B 208 4.64 12.77 -29.02
CA GLY B 208 5.11 11.41 -29.26
C GLY B 208 4.14 10.37 -28.77
N PRO B 209 3.60 9.53 -29.68
CA PRO B 209 2.60 8.52 -29.22
C PRO B 209 3.12 7.47 -28.23
N ILE B 210 4.36 7.05 -28.40
CA ILE B 210 4.94 6.08 -27.44
C ILE B 210 5.06 6.77 -26.08
N ALA B 211 5.52 8.02 -26.09
CA ALA B 211 5.71 8.77 -24.86
C ALA B 211 4.36 9.04 -24.15
N VAL B 212 3.34 9.46 -24.89
CA VAL B 212 2.02 9.71 -24.28
C VAL B 212 1.47 8.43 -23.68
N ARG B 213 1.61 7.32 -24.40
CA ARG B 213 1.10 6.04 -23.88
C ARG B 213 1.83 5.63 -22.60
N LEU B 214 3.15 5.73 -22.62
CA LEU B 214 3.96 5.40 -21.42
C LEU B 214 3.66 6.35 -20.26
N ALA B 215 3.37 7.62 -20.58
CA ALA B 215 3.04 8.58 -19.53
C ALA B 215 1.74 8.16 -18.85
N LYS B 216 0.75 7.72 -19.65
CA LYS B 216 -0.53 7.28 -19.10
C LYS B 216 -0.34 6.08 -18.15
N GLU B 217 0.48 5.12 -18.57
N GLU B 217 0.50 5.16 -18.58
CA GLU B 217 0.72 3.95 -17.71
CA GLU B 217 0.80 3.94 -17.83
C GLU B 217 1.45 4.35 -16.43
C GLU B 217 1.50 4.26 -16.50
N ALA B 218 2.50 5.15 -16.57
CA ALA B 218 3.28 5.57 -15.39
C ALA B 218 2.44 6.32 -14.36
N ILE B 219 1.65 7.27 -14.83
CA ILE B 219 0.77 8.00 -13.93
C ILE B 219 -0.32 7.11 -13.32
N SER B 220 -1.05 6.39 -14.16
CA SER B 220 -2.22 5.61 -13.73
C SER B 220 -1.87 4.48 -12.77
N ASN B 221 -0.74 3.85 -13.01
CA ASN B 221 -0.27 2.78 -12.14
C ASN B 221 0.55 3.27 -10.97
N GLY B 222 1.45 4.21 -11.20
CA GLY B 222 2.29 4.73 -10.14
C GLY B 222 1.60 5.43 -9.00
N ILE B 223 0.50 6.13 -9.30
CA ILE B 223 -0.27 6.85 -8.30
C ILE B 223 -0.98 5.91 -7.34
N GLN B 224 -1.04 4.61 -7.66
CA GLN B 224 -1.70 3.65 -6.81
C GLN B 224 -0.81 3.10 -5.69
N VAL B 225 0.46 3.47 -5.69
CA VAL B 225 1.39 2.94 -4.71
C VAL B 225 2.17 4.05 -4.00
N ASP B 226 3.19 3.65 -3.26
CA ASP B 226 4.03 4.64 -2.57
C ASP B 226 4.92 5.35 -3.57
N LEU B 227 5.35 6.54 -3.21
CA LEU B 227 6.18 7.32 -4.12
C LEU B 227 7.47 6.61 -4.58
N HIS B 228 8.18 5.97 -3.67
CA HIS B 228 9.43 5.29 -4.03
C HIS B 228 9.19 4.25 -5.14
N THR B 229 8.16 3.42 -4.98
CA THR B 229 7.86 2.42 -6.02
C THR B 229 7.38 3.09 -7.32
N GLY B 230 6.54 4.11 -7.19
CA GLY B 230 6.07 4.84 -8.36
C GLY B 230 7.24 5.40 -9.16
N LEU B 231 8.27 5.90 -8.48
CA LEU B 231 9.45 6.44 -9.15
C LEU B 231 10.20 5.34 -9.92
N GLN B 232 10.16 4.11 -9.39
CA GLN B 232 10.83 2.98 -10.04
C GLN B 232 10.02 2.62 -11.29
N MSE B 233 8.70 2.72 -11.22
CA MSE B 233 7.88 2.48 -12.39
C MSE B 233 8.18 3.51 -13.48
O MSE B 233 8.33 3.15 -14.66
CB MSE B 233 6.40 2.43 -12.03
CG MSE B 233 6.09 1.27 -11.10
SE MSE B 233 4.18 1.06 -10.70
CE MSE B 233 3.59 1.10 -12.53
N GLU B 234 8.32 4.77 -13.08
CA GLU B 234 8.64 5.83 -14.04
C GLU B 234 9.98 5.54 -14.71
N LYS B 235 10.96 5.10 -13.92
CA LYS B 235 12.29 4.74 -14.43
C LYS B 235 12.19 3.70 -15.55
N GLN B 236 11.34 2.69 -15.35
CA GLN B 236 11.20 1.66 -16.36
C GLN B 236 10.48 2.20 -17.57
N ALA B 237 9.45 3.01 -17.35
CA ALA B 237 8.72 3.60 -18.43
C ALA B 237 9.67 4.48 -19.31
N TYR B 238 10.58 5.20 -18.67
CA TYR B 238 11.52 6.07 -19.40
C TYR B 238 12.39 5.23 -20.35
N GLU B 239 12.72 4.00 -19.96
CA GLU B 239 13.52 3.11 -20.82
C GLU B 239 12.80 2.84 -22.14
N GLY B 240 11.47 2.95 -22.14
CA GLY B 240 10.66 2.76 -23.31
C GLY B 240 10.72 3.89 -24.33
N VAL B 241 11.22 5.06 -23.94
CA VAL B 241 11.38 6.17 -24.89
C VAL B 241 12.83 6.35 -25.31
N ILE B 242 13.77 5.93 -24.49
CA ILE B 242 15.20 6.12 -24.79
C ILE B 242 15.69 5.63 -26.16
N HIS B 243 15.27 4.44 -26.60
CA HIS B 243 15.77 3.88 -27.87
C HIS B 243 14.90 4.20 -29.08
N THR B 244 13.86 5.01 -28.89
CA THR B 244 12.92 5.33 -29.96
C THR B 244 13.45 6.35 -30.98
N LYS B 245 13.03 6.18 -32.23
CA LYS B 245 13.38 7.13 -33.28
C LYS B 245 12.64 8.46 -33.03
N ASP B 246 11.42 8.38 -32.47
CA ASP B 246 10.62 9.58 -32.16
C ASP B 246 11.40 10.51 -31.22
N ARG B 247 12.08 9.95 -30.22
CA ARG B 247 12.89 10.76 -29.29
C ARG B 247 13.95 11.54 -30.07
N LEU B 248 14.59 10.89 -31.05
CA LEU B 248 15.61 11.56 -31.86
C LEU B 248 14.95 12.64 -32.71
N GLU B 249 13.78 12.32 -33.28
CA GLU B 249 13.01 13.28 -34.10
C GLU B 249 12.63 14.51 -33.26
N GLY B 250 12.29 14.28 -31.99
CA GLY B 250 11.93 15.36 -31.08
C GLY B 250 13.07 16.33 -30.87
N LEU B 251 14.25 15.77 -30.62
CA LEU B 251 15.46 16.57 -30.43
C LEU B 251 15.86 17.26 -31.74
N GLN B 252 15.63 16.60 -32.87
CA GLN B 252 15.94 17.15 -34.20
C GLN B 252 14.95 18.24 -34.63
N ALA B 253 13.66 18.00 -34.40
CA ALA B 253 12.62 18.97 -34.74
C ALA B 253 12.77 20.22 -33.87
N PHE B 254 13.19 20.02 -32.62
CA PHE B 254 13.40 21.14 -31.69
C PHE B 254 14.61 21.95 -32.16
N LYS B 255 15.67 21.27 -32.57
CA LYS B 255 16.88 21.95 -33.07
C LYS B 255 16.56 22.69 -34.37
N GLU B 256 15.90 22.01 -35.30
CA GLU B 256 15.50 22.63 -36.58
C GLU B 256 14.33 23.62 -36.42
N LYS B 257 13.73 23.65 -35.23
CA LYS B 257 12.62 24.55 -34.95
C LYS B 257 11.48 24.36 -35.96
N ARG B 258 11.02 23.12 -36.05
CA ARG B 258 9.94 22.73 -36.96
C ARG B 258 9.08 21.66 -36.28
N THR B 259 7.92 21.38 -36.86
CA THR B 259 7.01 20.37 -36.33
C THR B 259 7.61 18.97 -36.44
N PRO B 260 7.61 18.21 -35.33
CA PRO B 260 8.11 16.85 -35.41
C PRO B 260 7.06 15.95 -36.05
N MSE B 261 7.51 14.93 -36.80
N MSE B 261 7.52 14.91 -36.75
CA MSE B 261 6.61 13.96 -37.43
CA MSE B 261 6.63 13.97 -37.42
C MSE B 261 6.86 12.63 -36.73
C MSE B 261 6.85 12.62 -36.76
O MSE B 261 7.82 11.93 -37.04
O MSE B 261 7.75 11.87 -37.13
CB MSE B 261 6.86 13.81 -38.93
CB MSE B 261 6.98 13.91 -38.91
CG MSE B 261 5.88 12.84 -39.63
CG MSE B 261 6.98 15.28 -39.59
SE MSE B 261 6.28 12.39 -41.49
SE MSE B 261 7.53 15.29 -41.46
CE MSE B 261 6.59 14.17 -42.22
CE MSE B 261 9.37 14.65 -41.25
N TYR B 262 6.03 12.31 -35.75
CA TYR B 262 6.18 11.08 -35.00
C TYR B 262 5.46 9.91 -35.68
N LYS B 263 6.02 8.72 -35.57
CA LYS B 263 5.45 7.54 -36.22
C LYS B 263 5.29 6.35 -35.27
N GLY B 264 5.39 6.58 -33.96
CA GLY B 264 5.25 5.51 -32.99
C GLY B 264 6.38 4.49 -33.07
N GLU B 265 7.59 4.98 -33.30
CA GLU B 265 8.79 4.16 -33.37
C GLU B 265 9.95 4.86 -32.69
N LEU C 7 30.05 26.45 -6.49
CA LEU C 7 31.16 27.34 -6.94
C LEU C 7 30.97 27.95 -8.32
N GLN C 8 30.91 27.14 -9.37
CA GLN C 8 30.78 27.66 -10.74
C GLN C 8 29.34 27.75 -11.26
N ASN C 9 28.57 26.67 -11.07
CA ASN C 9 27.19 26.55 -11.60
C ASN C 9 26.07 26.79 -10.59
N ILE C 10 26.45 26.95 -9.33
N ILE C 10 26.43 26.95 -9.32
CA ILE C 10 25.51 27.19 -8.24
CA ILE C 10 25.44 27.25 -8.29
C ILE C 10 26.10 28.22 -7.28
C ILE C 10 26.07 28.20 -7.28
N SER C 11 25.22 28.98 -6.64
CA SER C 11 25.64 29.95 -5.65
C SER C 11 24.91 29.63 -4.36
N VAL C 12 25.60 29.83 -3.24
CA VAL C 12 25.04 29.58 -1.93
C VAL C 12 25.14 30.87 -1.12
N ASP C 13 24.12 31.11 -0.31
CA ASP C 13 24.02 32.31 0.50
C ASP C 13 23.53 31.92 1.90
N TYR C 14 24.40 32.16 2.89
CA TYR C 14 24.14 31.90 4.31
C TYR C 14 24.04 33.23 5.07
N ALA C 15 23.77 34.32 4.36
CA ALA C 15 23.71 35.65 4.97
C ALA C 15 22.52 35.80 5.94
N THR C 16 21.47 35.00 5.74
CA THR C 16 20.30 35.01 6.62
C THR C 16 20.45 33.93 7.69
N PRO C 17 20.44 34.32 8.98
CA PRO C 17 20.56 33.34 10.05
C PRO C 17 19.57 32.16 9.90
N HIS C 18 20.09 30.95 10.07
CA HIS C 18 19.33 29.70 10.00
C HIS C 18 18.74 29.34 8.62
N VAL C 19 18.97 30.17 7.62
CA VAL C 19 18.45 29.92 6.29
C VAL C 19 19.58 29.88 5.25
N VAL C 20 19.50 28.95 4.33
CA VAL C 20 20.46 28.87 3.26
C VAL C 20 19.71 28.98 1.95
N LYS C 21 20.24 29.82 1.06
CA LYS C 21 19.67 30.09 -0.27
C LYS C 21 20.54 29.50 -1.36
N ILE C 22 20.00 28.55 -2.14
CA ILE C 22 20.77 27.93 -3.24
C ILE C 22 20.25 28.49 -4.55
N SER C 23 21.12 29.07 -5.38
CA SER C 23 20.67 29.62 -6.68
C SER C 23 21.33 28.86 -7.82
N LEU C 24 20.54 28.42 -8.79
CA LEU C 24 21.09 27.76 -9.98
C LEU C 24 21.68 28.92 -10.76
N ASN C 25 22.94 28.78 -11.17
CA ASN C 25 23.66 29.87 -11.81
C ASN C 25 24.25 29.56 -13.21
N ARG C 26 23.36 29.30 -14.17
CA ARG C 26 23.74 29.07 -15.57
C ARG C 26 22.74 29.89 -16.40
N GLU C 27 22.77 31.22 -16.20
CA GLU C 27 21.80 32.10 -16.86
C GLU C 27 21.79 32.01 -18.39
N ARG C 28 22.96 31.87 -18.98
N ARG C 28 22.96 31.92 -19.00
CA ARG C 28 23.10 31.79 -20.43
CA ARG C 28 23.05 31.81 -20.46
C ARG C 28 22.42 30.54 -21.00
C ARG C 28 22.41 30.53 -21.00
N GLN C 29 22.33 29.49 -20.17
CA GLN C 29 21.70 28.24 -20.57
C GLN C 29 20.34 28.06 -19.85
N ALA C 30 19.73 29.18 -19.43
CA ALA C 30 18.42 29.18 -18.78
C ALA C 30 18.36 28.27 -17.53
N ASN C 31 19.49 28.24 -16.83
CA ASN C 31 19.66 27.45 -15.61
C ASN C 31 19.28 25.98 -15.78
N SER C 32 19.58 25.43 -16.95
CA SER C 32 19.26 24.03 -17.21
C SER C 32 20.22 23.14 -16.42
N LEU C 33 19.82 21.89 -16.21
CA LEU C 33 20.56 20.95 -15.38
C LEU C 33 21.60 20.17 -16.16
N SER C 34 22.85 20.63 -16.10
CA SER C 34 23.97 19.96 -16.73
C SER C 34 24.55 18.99 -15.72
N LEU C 35 25.34 18.02 -16.19
CA LEU C 35 25.96 17.06 -15.28
C LEU C 35 26.84 17.76 -14.25
N ALA C 36 27.61 18.76 -14.67
CA ALA C 36 28.47 19.52 -13.75
C ALA C 36 27.65 20.19 -12.65
N LEU C 37 26.53 20.82 -13.03
CA LEU C 37 25.67 21.47 -12.08
C LEU C 37 25.09 20.46 -11.10
N LEU C 38 24.65 19.32 -11.60
CA LEU C 38 24.09 18.30 -10.72
C LEU C 38 25.12 17.85 -9.69
N GLU C 39 26.38 17.70 -10.12
CA GLU C 39 27.44 17.29 -9.19
C GLU C 39 27.63 18.34 -8.10
N GLU C 40 27.69 19.62 -8.49
CA GLU C 40 27.82 20.70 -7.51
C GLU C 40 26.64 20.73 -6.55
N LEU C 41 25.42 20.60 -7.08
CA LEU C 41 24.21 20.60 -6.26
C LEU C 41 24.21 19.42 -5.28
N GLN C 42 24.62 18.24 -5.75
CA GLN C 42 24.71 17.07 -4.85
C GLN C 42 25.68 17.34 -3.70
N ASN C 43 26.84 17.91 -4.00
CA ASN C 43 27.82 18.25 -2.99
C ASN C 43 27.27 19.21 -1.93
N ILE C 44 26.55 20.23 -2.37
N ILE C 44 26.55 20.25 -2.36
CA ILE C 44 25.96 21.21 -1.49
CA ILE C 44 26.00 21.22 -1.40
C ILE C 44 24.89 20.59 -0.60
C ILE C 44 24.87 20.60 -0.58
N LEU C 45 24.06 19.73 -1.20
CA LEU C 45 22.98 19.06 -0.47
C LEU C 45 23.58 18.12 0.60
N THR C 46 24.69 17.50 0.28
CA THR C 46 25.39 16.61 1.21
C THR C 46 25.85 17.39 2.43
N GLN C 47 26.42 18.57 2.21
CA GLN C 47 26.85 19.46 3.27
C GLN C 47 25.67 19.99 4.12
N ILE C 48 24.60 20.43 3.46
CA ILE C 48 23.45 20.97 4.19
C ILE C 48 22.79 19.90 5.08
N ASN C 49 22.76 18.67 4.57
CA ASN C 49 22.20 17.54 5.29
C ASN C 49 22.79 17.41 6.70
N GLU C 50 24.04 17.81 6.87
CA GLU C 50 24.72 17.69 8.16
C GLU C 50 24.77 19.00 8.97
N GLU C 51 24.11 20.05 8.48
CA GLU C 51 24.13 21.35 9.17
C GLU C 51 22.95 21.49 10.14
N ALA C 52 23.19 21.23 11.42
CA ALA C 52 22.15 21.35 12.45
C ALA C 52 21.62 22.77 12.58
N ASN C 53 22.49 23.76 12.34
CA ASN C 53 22.10 25.16 12.47
C ASN C 53 21.26 25.67 11.28
N THR C 54 21.23 24.91 10.18
CA THR C 54 20.44 25.29 9.02
C THR C 54 19.03 24.73 9.23
N ARG C 55 18.05 25.63 9.26
CA ARG C 55 16.67 25.26 9.55
C ARG C 55 15.74 25.24 8.34
N VAL C 56 16.07 26.01 7.31
CA VAL C 56 15.28 26.07 6.09
C VAL C 56 16.16 26.34 4.90
N VAL C 57 15.79 25.74 3.76
CA VAL C 57 16.52 25.93 2.50
C VAL C 57 15.60 26.59 1.47
N ILE C 58 16.13 27.53 0.70
CA ILE C 58 15.42 28.17 -0.39
C ILE C 58 16.22 27.81 -1.64
N LEU C 59 15.51 27.36 -2.69
CA LEU C 59 16.12 27.01 -3.98
C LEU C 59 15.51 27.92 -5.03
N THR C 60 16.35 28.58 -5.83
CA THR C 60 15.87 29.50 -6.85
C THR C 60 16.84 29.51 -8.03
N GLY C 61 16.53 30.29 -9.04
CA GLY C 61 17.41 30.42 -10.21
C GLY C 61 17.92 31.85 -10.30
N ALA C 62 19.10 32.00 -10.90
CA ALA C 62 19.67 33.34 -11.10
C ALA C 62 18.94 34.09 -12.23
N GLY C 63 18.88 35.41 -12.16
CA GLY C 63 18.24 36.20 -13.23
C GLY C 63 16.73 36.33 -13.12
N GLU C 64 16.11 36.92 -14.14
CA GLU C 64 14.65 37.15 -14.11
C GLU C 64 13.90 36.39 -15.23
N LYS C 65 14.60 35.51 -15.95
CA LYS C 65 13.97 34.78 -17.05
C LYS C 65 13.69 33.31 -16.70
N ALA C 66 14.60 32.67 -15.97
CA ALA C 66 14.46 31.24 -15.68
C ALA C 66 14.80 30.76 -14.29
N PHE C 67 13.95 29.88 -13.77
CA PHE C 67 14.18 29.16 -12.54
C PHE C 67 15.06 27.98 -12.97
N CYS C 68 14.53 27.19 -13.91
CA CYS C 68 15.23 26.04 -14.48
C CYS C 68 14.50 25.59 -15.74
N ALA C 69 15.18 25.65 -16.88
CA ALA C 69 14.59 25.25 -18.16
C ALA C 69 14.55 23.74 -18.34
N GLY C 70 15.07 23.00 -17.37
CA GLY C 70 15.07 21.54 -17.38
C GLY C 70 16.42 20.94 -17.65
N ALA C 71 16.43 19.67 -18.03
CA ALA C 71 17.69 19.01 -18.38
C ALA C 71 18.31 19.77 -19.57
N ASP C 72 19.63 19.88 -19.56
CA ASP C 72 20.35 20.59 -20.63
C ASP C 72 20.26 19.78 -21.94
N LEU C 73 19.54 20.33 -22.92
CA LEU C 73 19.28 19.65 -24.21
C LEU C 73 20.44 19.66 -25.20
N LYS C 74 21.32 20.64 -25.09
CA LYS C 74 22.49 20.67 -25.93
C LYS C 74 23.30 19.43 -25.52
N GLU C 75 23.48 19.29 -24.21
CA GLU C 75 24.23 18.19 -23.62
C GLU C 75 23.54 16.85 -23.89
N ARG C 76 22.21 16.84 -23.75
CA ARG C 76 21.46 15.61 -23.98
C ARG C 76 21.56 15.17 -25.45
N ALA C 77 21.56 16.14 -26.37
CA ALA C 77 21.64 15.86 -27.81
C ALA C 77 22.91 15.09 -28.19
N GLY C 78 23.99 15.30 -27.43
CA GLY C 78 25.27 14.64 -27.72
C GLY C 78 25.55 13.36 -26.94
N MSE C 79 24.54 12.87 -26.22
CA MSE C 79 24.69 11.68 -25.42
C MSE C 79 24.17 10.41 -26.10
O MSE C 79 23.11 10.40 -26.70
CB MSE C 79 23.93 11.85 -24.10
CG MSE C 79 24.57 12.82 -23.17
SE MSE C 79 23.52 12.87 -21.55
CE MSE C 79 24.89 13.63 -20.39
N ASN C 80 24.94 9.33 -25.98
CA ASN C 80 24.48 8.04 -26.50
C ASN C 80 23.50 7.48 -25.46
N GLU C 81 22.91 6.33 -25.76
CA GLU C 81 21.91 5.75 -24.82
C GLU C 81 22.45 5.54 -23.40
N GLU C 82 23.66 5.01 -23.30
CA GLU C 82 24.29 4.74 -22.01
C GLU C 82 24.45 6.03 -21.19
N GLN C 83 24.94 7.08 -21.83
CA GLN C 83 25.11 8.38 -21.17
C GLN C 83 23.77 8.99 -20.81
N VAL C 84 22.77 8.80 -21.67
CA VAL C 84 21.43 9.32 -21.35
C VAL C 84 20.95 8.67 -20.05
N ARG C 85 21.10 7.35 -19.94
CA ARG C 85 20.73 6.64 -18.72
C ARG C 85 21.48 7.17 -17.50
N HIS C 86 22.79 7.37 -17.63
CA HIS C 86 23.55 7.90 -16.50
C HIS C 86 23.07 9.30 -16.10
N ALA C 87 22.86 10.16 -17.09
CA ALA C 87 22.41 11.53 -16.82
C ALA C 87 21.03 11.56 -16.18
N VAL C 88 20.09 10.72 -16.64
CA VAL C 88 18.76 10.68 -16.04
C VAL C 88 18.84 10.15 -14.61
N SER C 89 19.77 9.22 -14.39
CA SER C 89 19.98 8.68 -13.05
C SER C 89 20.47 9.80 -12.11
N MSE C 90 21.39 10.61 -12.60
N MSE C 90 21.43 10.61 -12.55
CA MSE C 90 21.94 11.73 -11.82
CA MSE C 90 21.89 11.73 -11.71
C MSE C 90 20.88 12.77 -11.44
C MSE C 90 20.76 12.69 -11.37
O MSE C 90 20.94 13.35 -10.35
O MSE C 90 20.63 13.10 -10.21
CB MSE C 90 23.09 12.38 -12.56
CB MSE C 90 23.01 12.56 -12.35
CG MSE C 90 24.34 11.53 -12.53
CG MSE C 90 24.40 12.04 -12.15
SE MSE C 90 25.08 11.48 -10.73
SE MSE C 90 25.66 13.53 -12.37
CE MSE C 90 25.78 13.31 -10.66
CE MSE C 90 25.29 14.49 -10.72
N ILE C 91 19.95 13.04 -12.35
CA ILE C 91 18.86 13.98 -12.11
C ILE C 91 17.87 13.38 -11.08
N ARG C 92 17.48 12.12 -11.26
CA ARG C 92 16.58 11.46 -10.30
C ARG C 92 17.14 11.47 -8.90
N THR C 93 18.41 11.12 -8.77
CA THR C 93 19.05 11.04 -7.48
C THR C 93 19.10 12.41 -6.80
N THR C 94 19.33 13.47 -7.58
CA THR C 94 19.39 14.82 -7.03
C THR C 94 18.02 15.22 -6.46
N MSE C 95 16.95 14.87 -7.18
CA MSE C 95 15.58 15.16 -6.73
C MSE C 95 15.36 14.47 -5.39
O MSE C 95 14.77 15.06 -4.48
CB MSE C 95 14.54 14.64 -7.72
CG MSE C 95 14.64 15.13 -9.15
SE MSE C 95 14.61 17.04 -9.27
CE MSE C 95 14.77 17.32 -11.20
N GLU C 96 15.81 13.22 -5.26
CA GLU C 96 15.64 12.47 -4.01
C GLU C 96 16.39 13.15 -2.85
N MSE C 97 17.59 13.66 -3.15
CA MSE C 97 18.41 14.34 -2.13
C MSE C 97 17.77 15.64 -1.65
O MSE C 97 17.79 15.92 -0.44
CB MSE C 97 19.82 14.58 -2.66
CG MSE C 97 20.58 13.27 -2.85
SE MSE C 97 22.34 13.62 -3.62
CE MSE C 97 23.02 14.80 -2.31
N VAL C 98 17.15 16.38 -2.57
CA VAL C 98 16.41 17.60 -2.21
C VAL C 98 15.21 17.21 -1.31
N GLU C 99 14.41 16.22 -1.74
N GLU C 99 14.47 16.20 -1.76
CA GLU C 99 13.23 15.84 -0.94
CA GLU C 99 13.29 15.73 -1.06
C GLU C 99 13.58 15.24 0.42
C GLU C 99 13.57 15.21 0.35
N GLN C 100 14.67 14.50 0.50
CA GLN C 100 15.07 13.87 1.76
C GLN C 100 15.90 14.72 2.70
N LEU C 101 16.17 15.98 2.34
CA LEU C 101 16.88 16.86 3.25
C LEU C 101 16.08 16.96 4.54
N PRO C 102 16.77 17.02 5.68
CA PRO C 102 16.02 17.16 6.94
C PRO C 102 15.19 18.44 6.99
N GLN C 103 15.72 19.52 6.40
CA GLN C 103 15.07 20.81 6.42
C GLN C 103 13.99 20.97 5.37
N PRO C 104 12.96 21.77 5.69
CA PRO C 104 12.03 22.14 4.65
C PRO C 104 12.76 22.86 3.51
N VAL C 105 12.38 22.56 2.27
CA VAL C 105 12.95 23.24 1.11
C VAL C 105 11.85 24.02 0.40
N ILE C 106 12.08 25.32 0.19
CA ILE C 106 11.13 26.18 -0.50
C ILE C 106 11.64 26.54 -1.92
N ALA C 107 10.86 26.18 -2.94
CA ALA C 107 11.19 26.56 -4.31
C ALA C 107 10.69 28.00 -4.56
N ALA C 108 11.61 28.92 -4.89
CA ALA C 108 11.26 30.29 -5.24
C ALA C 108 11.37 30.36 -6.76
N ILE C 109 10.24 30.26 -7.42
CA ILE C 109 10.21 30.17 -8.89
C ILE C 109 10.18 31.56 -9.53
N ASN C 110 11.35 32.00 -9.98
CA ASN C 110 11.60 33.33 -10.54
C ASN C 110 11.42 33.51 -12.06
N GLY C 111 11.13 32.43 -12.78
CA GLY C 111 10.95 32.49 -14.21
C GLY C 111 10.48 31.14 -14.72
N ILE C 112 10.86 30.79 -15.95
CA ILE C 112 10.42 29.51 -16.51
C ILE C 112 10.91 28.32 -15.68
N ALA C 113 10.01 27.35 -15.47
CA ALA C 113 10.31 26.12 -14.75
C ALA C 113 9.68 25.06 -15.63
N LEU C 114 10.44 24.55 -16.59
CA LEU C 114 9.92 23.59 -17.57
C LEU C 114 10.60 22.24 -17.48
N GLY C 115 9.83 21.16 -17.65
CA GLY C 115 10.36 19.80 -17.58
C GLY C 115 11.05 19.53 -16.26
N GLY C 116 12.33 19.19 -16.33
CA GLY C 116 13.16 18.98 -15.15
C GLY C 116 13.02 20.12 -14.14
N GLY C 117 12.77 21.35 -14.64
CA GLY C 117 12.57 22.51 -13.77
C GLY C 117 11.32 22.43 -12.91
N THR C 118 10.22 21.98 -13.52
CA THR C 118 8.98 21.73 -12.77
C THR C 118 9.22 20.54 -11.83
N GLU C 119 9.93 19.53 -12.33
CA GLU C 119 10.25 18.35 -11.50
C GLU C 119 11.05 18.76 -10.27
N LEU C 120 12.01 19.66 -10.45
CA LEU C 120 12.84 20.17 -9.35
C LEU C 120 11.96 20.90 -8.31
N SER C 121 11.01 21.70 -8.77
CA SER C 121 10.13 22.41 -7.86
C SER C 121 9.23 21.45 -7.08
N LEU C 122 8.81 20.35 -7.73
CA LEU C 122 8.00 19.32 -7.10
C LEU C 122 8.72 18.57 -5.99
N ALA C 123 10.05 18.49 -6.13
CA ALA C 123 10.87 17.84 -5.13
C ALA C 123 11.05 18.70 -3.88
N CYS C 124 10.64 19.97 -3.96
CA CYS C 124 10.69 20.85 -2.81
C CYS C 124 9.40 20.63 -2.00
N ASP C 125 9.44 21.02 -0.72
CA ASP C 125 8.28 20.89 0.17
C ASP C 125 7.11 21.73 -0.32
N PHE C 126 7.37 22.96 -0.72
CA PHE C 126 6.32 23.81 -1.30
C PHE C 126 6.95 24.89 -2.18
N ARG C 127 6.11 25.60 -2.92
CA ARG C 127 6.55 26.51 -3.95
C ARG C 127 5.90 27.89 -3.92
N ILE C 128 6.73 28.89 -4.16
N ILE C 128 6.71 28.90 -4.16
CA ILE C 128 6.32 30.28 -4.28
CA ILE C 128 6.24 30.27 -4.26
C ILE C 128 6.77 30.69 -5.68
C ILE C 128 6.77 30.78 -5.60
N ALA C 129 5.87 31.28 -6.45
CA ALA C 129 6.23 31.74 -7.80
C ALA C 129 5.97 33.21 -8.06
N ALA C 130 6.81 33.77 -8.93
CA ALA C 130 6.65 35.13 -9.40
C ALA C 130 5.44 35.10 -10.34
N GLU C 131 4.69 36.19 -10.40
CA GLU C 131 3.52 36.25 -11.29
C GLU C 131 3.94 35.99 -12.76
N SER C 132 5.16 36.41 -13.12
CA SER C 132 5.68 36.23 -14.48
C SER C 132 6.22 34.80 -14.81
N ALA C 133 6.31 33.95 -13.80
CA ALA C 133 6.81 32.58 -13.99
C ALA C 133 5.85 31.75 -14.84
N SER C 134 6.40 30.72 -15.48
CA SER C 134 5.60 29.80 -16.28
C SER C 134 6.09 28.41 -15.97
N LEU C 135 5.18 27.46 -15.94
CA LEU C 135 5.51 26.09 -15.60
C LEU C 135 4.95 25.10 -16.62
N GLY C 136 5.41 23.86 -16.54
CA GLY C 136 4.95 22.84 -17.45
C GLY C 136 5.91 21.68 -17.55
N LEU C 137 5.36 20.52 -17.87
CA LEU C 137 6.15 19.32 -18.12
C LEU C 137 6.00 19.09 -19.62
N THR C 138 6.93 19.67 -20.38
CA THR C 138 6.86 19.67 -21.84
C THR C 138 7.42 18.43 -22.55
N GLU C 139 7.89 17.47 -21.77
CA GLU C 139 8.50 16.24 -22.28
C GLU C 139 7.77 15.55 -23.45
N THR C 140 6.47 15.31 -23.35
CA THR C 140 5.80 14.59 -24.45
C THR C 140 5.89 15.29 -25.81
N THR C 141 6.07 16.61 -25.83
CA THR C 141 6.22 17.35 -27.08
C THR C 141 7.53 16.97 -27.78
N LEU C 142 8.47 16.45 -26.99
CA LEU C 142 9.78 15.99 -27.49
C LEU C 142 9.82 14.46 -27.60
N ALA C 143 8.67 13.83 -27.42
CA ALA C 143 8.57 12.38 -27.49
C ALA C 143 9.34 11.67 -26.37
N ILE C 144 9.47 12.32 -25.21
CA ILE C 144 10.01 11.64 -24.03
C ILE C 144 8.96 11.83 -22.92
N ILE C 145 9.25 11.33 -21.72
CA ILE C 145 8.35 11.54 -20.58
C ILE C 145 9.13 12.18 -19.44
N PRO C 146 8.42 12.76 -18.45
CA PRO C 146 9.15 13.24 -17.31
C PRO C 146 9.87 12.01 -16.69
N GLY C 147 11.18 12.09 -16.53
CA GLY C 147 11.98 11.00 -16.00
C GLY C 147 12.64 11.26 -14.67
N ALA C 148 12.27 12.36 -14.03
CA ALA C 148 12.80 12.73 -12.72
C ALA C 148 11.66 12.99 -11.72
N GLY C 149 10.65 12.13 -11.78
CA GLY C 149 9.54 12.15 -10.86
C GLY C 149 8.33 12.91 -11.26
N GLY C 150 8.38 13.65 -12.38
CA GLY C 150 7.24 14.41 -12.86
C GLY C 150 5.94 13.61 -12.95
N THR C 151 6.00 12.36 -13.42
CA THR C 151 4.78 11.53 -13.54
C THR C 151 4.22 11.06 -12.20
N GLN C 152 5.03 11.18 -11.16
CA GLN C 152 4.66 10.69 -9.83
C GLN C 152 4.37 11.82 -8.86
N ARG C 153 5.23 12.84 -8.81
CA ARG C 153 5.05 13.92 -7.86
C ARG C 153 3.94 14.86 -8.30
N LEU C 154 3.77 15.03 -9.61
CA LEU C 154 2.71 15.94 -10.07
C LEU C 154 1.29 15.44 -9.68
N PRO C 155 0.92 14.19 -10.06
CA PRO C 155 -0.42 13.75 -9.67
C PRO C 155 -0.64 13.69 -8.14
N ARG C 156 0.41 13.37 -7.38
CA ARG C 156 0.28 13.37 -5.92
C ARG C 156 -0.08 14.76 -5.35
N LEU C 157 0.47 15.80 -5.94
CA LEU C 157 0.21 17.14 -5.47
C LEU C 157 -1.10 17.72 -5.98
N ILE C 158 -1.39 17.53 -7.27
CA ILE C 158 -2.57 18.19 -7.87
C ILE C 158 -3.73 17.31 -8.38
N GLY C 159 -3.62 16.01 -8.19
CA GLY C 159 -4.67 15.10 -8.62
C GLY C 159 -4.32 14.52 -9.98
N VAL C 160 -4.81 13.33 -10.24
N VAL C 160 -4.82 13.33 -10.24
CA VAL C 160 -4.52 12.64 -11.48
CA VAL C 160 -4.52 12.62 -11.47
C VAL C 160 -5.01 13.35 -12.73
C VAL C 160 -5.05 13.27 -12.74
N GLY C 161 -6.23 13.89 -12.67
CA GLY C 161 -6.86 14.52 -13.82
C GLY C 161 -6.03 15.66 -14.38
N ARG C 162 -5.72 16.59 -13.50
CA ARG C 162 -4.92 17.74 -13.92
C ARG C 162 -3.53 17.33 -14.37
N ALA C 163 -2.90 16.42 -13.63
CA ALA C 163 -1.57 15.94 -13.97
C ALA C 163 -1.56 15.33 -15.37
N LYS C 164 -2.58 14.53 -15.68
CA LYS C 164 -2.69 13.92 -17.00
C LYS C 164 -2.85 14.95 -18.13
N GLU C 165 -3.76 15.90 -17.98
CA GLU C 165 -3.94 16.86 -19.05
C GLU C 165 -2.65 17.62 -19.27
N LEU C 166 -1.96 17.99 -18.19
CA LEU C 166 -0.69 18.74 -18.30
C LEU C 166 0.47 17.94 -18.94
N ILE C 167 0.62 16.68 -18.53
CA ILE C 167 1.66 15.80 -19.07
C ILE C 167 1.34 15.34 -20.50
N TYR C 168 0.07 15.00 -20.77
CA TYR C 168 -0.29 14.57 -22.15
C TYR C 168 -0.14 15.71 -23.16
N THR C 169 -0.65 16.89 -22.81
CA THR C 169 -0.52 18.04 -23.71
C THR C 169 0.87 18.65 -23.76
N GLY C 170 1.60 18.56 -22.64
CA GLY C 170 2.94 19.15 -22.52
C GLY C 170 2.87 20.66 -22.56
N ARG C 171 1.71 21.22 -22.25
CA ARG C 171 1.50 22.64 -22.34
C ARG C 171 2.10 23.46 -21.20
N ARG C 172 2.41 24.72 -21.51
CA ARG C 172 2.96 25.64 -20.54
C ARG C 172 1.83 26.41 -19.88
N ILE C 173 1.94 26.62 -18.58
CA ILE C 173 0.92 27.34 -17.83
C ILE C 173 1.51 28.51 -17.05
N SER C 174 0.65 29.49 -16.77
CA SER C 174 1.06 30.68 -16.05
C SER C 174 1.12 30.37 -14.55
N ALA C 175 1.75 31.26 -13.80
CA ALA C 175 1.82 31.11 -12.35
C ALA C 175 0.42 31.13 -11.75
N GLN C 176 -0.48 31.97 -12.28
CA GLN C 176 -1.86 32.00 -11.77
C GLN C 176 -2.61 30.70 -11.99
N GLU C 177 -2.43 30.11 -13.17
CA GLU C 177 -3.02 28.82 -13.49
C GLU C 177 -2.44 27.78 -12.53
N ALA C 178 -1.13 27.85 -12.32
CA ALA C 178 -0.46 26.93 -11.40
C ALA C 178 -1.05 27.05 -9.99
N LYS C 179 -1.38 28.27 -9.57
CA LYS C 179 -1.99 28.47 -8.26
C LYS C 179 -3.39 27.88 -8.21
N GLU C 180 -4.19 28.12 -9.24
CA GLU C 180 -5.54 27.58 -9.33
C GLU C 180 -5.54 26.05 -9.21
N TYR C 181 -4.56 25.41 -9.87
CA TYR C 181 -4.49 23.95 -9.89
C TYR C 181 -3.85 23.39 -8.63
N GLY C 182 -3.20 24.22 -7.83
CA GLY C 182 -2.53 23.74 -6.61
C GLY C 182 -1.09 23.31 -6.80
N LEU C 183 -0.50 23.62 -7.95
CA LEU C 183 0.90 23.28 -8.24
C LEU C 183 1.85 24.26 -7.50
N VAL C 184 1.45 25.52 -7.35
CA VAL C 184 2.23 26.46 -6.55
C VAL C 184 1.33 26.95 -5.42
N GLU C 185 1.89 27.04 -4.22
CA GLU C 185 1.11 27.42 -3.04
C GLU C 185 0.92 28.94 -2.90
N PHE C 186 1.89 29.70 -3.39
CA PHE C 186 1.86 31.15 -3.31
C PHE C 186 2.34 31.81 -4.61
N VAL C 187 1.68 32.90 -4.99
CA VAL C 187 2.09 33.67 -6.18
C VAL C 187 2.18 35.12 -5.75
N VAL C 188 3.27 35.78 -6.11
CA VAL C 188 3.46 37.17 -5.72
C VAL C 188 4.11 37.93 -6.86
N PRO C 189 3.96 39.27 -6.86
CA PRO C 189 4.60 40.08 -7.90
C PRO C 189 6.08 39.73 -8.06
N VAL C 190 6.57 39.87 -9.29
CA VAL C 190 7.93 39.47 -9.63
C VAL C 190 9.04 40.00 -8.72
N HIS C 191 8.98 41.28 -8.36
CA HIS C 191 10.04 41.87 -7.53
C HIS C 191 9.93 41.61 -6.03
N LEU C 192 8.90 40.88 -5.62
CA LEU C 192 8.66 40.54 -4.22
C LEU C 192 8.94 39.07 -3.89
N LEU C 193 9.31 38.29 -4.90
CA LEU C 193 9.56 36.86 -4.75
C LEU C 193 10.62 36.51 -3.69
N GLU C 194 11.83 37.07 -3.81
N GLU C 194 11.79 37.15 -3.83
CA GLU C 194 12.90 36.73 -2.85
CA GLU C 194 12.90 36.95 -2.90
C GLU C 194 12.54 37.15 -1.42
C GLU C 194 12.45 37.27 -1.48
N GLU C 195 11.85 38.27 -1.31
N GLU C 195 11.86 38.45 -1.33
CA GLU C 195 11.45 38.81 0.00
CA GLU C 195 11.38 38.92 -0.04
C GLU C 195 10.42 37.93 0.68
C GLU C 195 10.42 37.96 0.66
N LYS C 196 9.41 37.50 -0.08
CA LYS C 196 8.37 36.63 0.47
C LYS C 196 8.91 35.24 0.83
N ALA C 197 9.85 34.71 0.03
CA ALA C 197 10.46 33.42 0.34
C ALA C 197 11.27 33.50 1.64
N ILE C 198 12.03 34.58 1.81
CA ILE C 198 12.82 34.76 3.02
C ILE C 198 11.92 34.94 4.24
N GLU C 199 10.78 35.60 4.06
CA GLU C 199 9.86 35.84 5.16
C GLU C 199 9.29 34.54 5.67
N ILE C 200 8.79 33.73 4.74
CA ILE C 200 8.20 32.43 5.07
C ILE C 200 9.26 31.55 5.73
N ALA C 201 10.46 31.53 5.15
CA ALA C 201 11.56 30.77 5.72
C ALA C 201 11.85 31.16 7.16
N GLU C 202 11.93 32.47 7.42
CA GLU C 202 12.21 32.95 8.78
C GLU C 202 11.11 32.56 9.78
N LYS C 203 9.85 32.57 9.34
CA LYS C 203 8.74 32.11 10.18
C LYS C 203 8.96 30.64 10.56
N ILE C 204 9.33 29.83 9.57
CA ILE C 204 9.58 28.39 9.83
C ILE C 204 10.80 28.25 10.74
N ALA C 205 11.82 29.05 10.47
CA ALA C 205 13.03 29.05 11.29
C ALA C 205 12.79 29.43 12.75
N SER C 206 11.71 30.16 13.03
N SER C 206 11.70 30.16 13.01
CA SER C 206 11.39 30.57 14.41
CA SER C 206 11.32 30.59 14.37
C SER C 206 10.66 29.49 15.19
C SER C 206 10.68 29.49 15.18
N ASN C 207 10.20 28.46 14.50
CA ASN C 207 9.52 27.37 15.15
C ASN C 207 10.55 26.35 15.66
N GLY C 208 10.09 25.37 16.44
CA GLY C 208 10.95 24.36 17.03
C GLY C 208 11.63 23.56 15.94
N PRO C 209 12.97 23.67 15.83
CA PRO C 209 13.68 23.00 14.75
C PRO C 209 13.53 21.49 14.75
N ILE C 210 13.53 20.87 15.93
CA ILE C 210 13.39 19.42 16.02
C ILE C 210 11.99 19.01 15.58
N ALA C 211 10.99 19.76 16.03
CA ALA C 211 9.60 19.51 15.67
C ALA C 211 9.39 19.68 14.16
N VAL C 212 9.92 20.74 13.55
CA VAL C 212 9.75 20.95 12.09
C VAL C 212 10.34 19.77 11.31
N ARG C 213 11.51 19.32 11.71
CA ARG C 213 12.14 18.19 11.05
C ARG C 213 11.32 16.90 11.19
N LEU C 214 10.78 16.66 12.38
CA LEU C 214 9.95 15.46 12.61
C LEU C 214 8.64 15.54 11.84
N ALA C 215 8.08 16.74 11.74
CA ALA C 215 6.89 17.00 10.98
C ALA C 215 7.14 16.68 9.49
N LYS C 216 8.26 17.13 8.95
CA LYS C 216 8.62 16.81 7.56
C LYS C 216 8.65 15.28 7.35
N GLU C 217 9.34 14.58 8.25
N GLU C 217 9.34 14.59 8.26
CA GLU C 217 9.42 13.13 8.13
CA GLU C 217 9.45 13.13 8.19
C GLU C 217 8.07 12.46 8.23
C GLU C 217 8.09 12.46 8.26
N ALA C 218 7.27 12.88 9.22
CA ALA C 218 5.95 12.29 9.43
C ALA C 218 5.02 12.46 8.21
N ILE C 219 4.97 13.66 7.66
CA ILE C 219 4.12 13.97 6.52
C ILE C 219 4.59 13.25 5.25
N SER C 220 5.88 13.42 4.93
CA SER C 220 6.46 12.88 3.71
C SER C 220 6.43 11.37 3.64
N ASN C 221 6.69 10.69 4.76
CA ASN C 221 6.64 9.24 4.80
C ASN C 221 5.22 8.69 5.01
N GLY C 222 4.47 9.29 5.93
CA GLY C 222 3.13 8.85 6.23
C GLY C 222 2.13 8.94 5.10
N ILE C 223 2.24 9.99 4.28
CA ILE C 223 1.33 10.16 3.14
C ILE C 223 1.49 9.04 2.06
N GLN C 224 2.59 8.27 2.14
CA GLN C 224 2.86 7.21 1.15
C GLN C 224 2.16 5.90 1.46
N VAL C 225 1.51 5.82 2.60
CA VAL C 225 0.86 4.58 3.01
C VAL C 225 -0.58 4.76 3.46
N ASP C 226 -1.20 3.69 3.96
CA ASP C 226 -2.57 3.78 4.45
C ASP C 226 -2.61 4.68 5.68
N LEU C 227 -3.76 5.30 5.91
CA LEU C 227 -3.93 6.21 7.05
C LEU C 227 -3.57 5.60 8.40
N HIS C 228 -4.03 4.37 8.65
CA HIS C 228 -3.77 3.71 9.93
C HIS C 228 -2.28 3.62 10.20
N THR C 229 -1.53 3.17 9.20
CA THR C 229 -0.07 3.06 9.38
C THR C 229 0.55 4.46 9.52
N GLY C 230 0.06 5.42 8.73
CA GLY C 230 0.59 6.80 8.78
C GLY C 230 0.40 7.41 10.18
N LEU C 231 -0.74 7.12 10.80
CA LEU C 231 -1.03 7.59 12.18
C LEU C 231 -0.02 6.99 13.18
N GLN C 232 0.37 5.75 12.95
CA GLN C 232 1.36 5.10 13.82
C GLN C 232 2.73 5.75 13.64
N MSE C 233 3.06 6.16 12.42
N MSE C 233 3.04 6.17 12.42
CA MSE C 233 4.34 6.83 12.15
CA MSE C 233 4.30 6.83 12.11
C MSE C 233 4.35 8.21 12.83
C MSE C 233 4.35 8.20 12.78
O MSE C 233 5.36 8.61 13.38
O MSE C 233 5.40 8.63 13.27
CB MSE C 233 4.60 6.96 10.64
CB MSE C 233 4.44 6.94 10.60
CG MSE C 233 4.66 5.61 9.95
CG MSE C 233 5.68 7.62 10.12
SE MSE C 233 5.20 5.67 8.10
SE MSE C 233 5.83 7.20 8.25
CE MSE C 233 6.97 6.42 8.36
CE MSE C 233 6.07 5.27 8.37
N GLU C 234 3.21 8.89 12.80
CA GLU C 234 3.10 10.18 13.43
C GLU C 234 3.27 9.99 14.96
N LYS C 235 2.72 8.92 15.49
CA LYS C 235 2.83 8.64 16.92
C LYS C 235 4.30 8.48 17.32
N GLN C 236 5.09 7.82 16.48
CA GLN C 236 6.51 7.60 16.82
C GLN C 236 7.28 8.91 16.62
N ALA C 237 6.90 9.69 15.62
CA ALA C 237 7.53 10.98 15.37
C ALA C 237 7.35 11.91 16.57
N TYR C 238 6.15 11.91 17.15
CA TYR C 238 5.85 12.77 18.30
C TYR C 238 6.70 12.38 19.49
N GLU C 239 6.99 11.08 19.64
CA GLU C 239 7.87 10.66 20.71
C GLU C 239 9.15 11.47 20.68
N GLY C 240 9.57 11.87 19.48
CA GLY C 240 10.81 12.64 19.27
C GLY C 240 10.89 14.04 19.84
N VAL C 241 9.75 14.67 20.15
CA VAL C 241 9.72 16.00 20.73
C VAL C 241 9.53 15.94 22.24
N ILE C 242 9.14 14.76 22.77
CA ILE C 242 8.89 14.64 24.22
C ILE C 242 10.10 15.01 25.07
N HIS C 243 11.27 14.44 24.78
CA HIS C 243 12.51 14.71 25.51
C HIS C 243 13.34 15.85 24.89
N THR C 244 12.70 16.98 24.64
CA THR C 244 13.44 18.13 24.11
C THR C 244 13.27 19.31 25.04
N LYS C 245 14.31 20.12 25.15
CA LYS C 245 14.26 21.32 25.96
C LYS C 245 13.28 22.32 25.29
N ASP C 246 13.27 22.34 23.95
CA ASP C 246 12.39 23.22 23.18
C ASP C 246 10.90 23.05 23.54
N ARG C 247 10.44 21.80 23.68
CA ARG C 247 9.06 21.53 24.08
C ARG C 247 8.77 22.20 25.41
N LEU C 248 9.71 22.09 26.35
CA LEU C 248 9.57 22.74 27.67
C LEU C 248 9.52 24.27 27.54
N GLU C 249 10.38 24.84 26.70
CA GLU C 249 10.37 26.29 26.42
C GLU C 249 9.01 26.74 25.85
N GLY C 250 8.42 25.93 24.98
CA GLY C 250 7.10 26.23 24.39
C GLY C 250 6.07 26.44 25.49
N LEU C 251 5.99 25.49 26.42
CA LEU C 251 5.08 25.57 27.56
C LEU C 251 5.46 26.71 28.52
N GLN C 252 6.76 26.95 28.73
CA GLN C 252 7.19 28.03 29.63
C GLN C 252 6.78 29.38 29.05
N ALA C 253 7.00 29.56 27.76
CA ALA C 253 6.62 30.78 27.07
C ALA C 253 5.10 30.96 27.15
N PHE C 254 4.36 29.86 27.08
CA PHE C 254 2.89 29.90 27.21
C PHE C 254 2.55 30.38 28.62
N LYS C 255 3.25 29.82 29.61
CA LYS C 255 3.04 30.18 31.01
C LYS C 255 3.44 31.62 31.26
N GLU C 256 4.60 32.04 30.75
CA GLU C 256 5.09 33.41 30.94
C GLU C 256 4.45 34.44 29.99
N LYS C 257 3.55 33.98 29.11
CA LYS C 257 2.88 34.86 28.15
C LYS C 257 3.90 35.67 27.32
N ARG C 258 4.75 34.97 26.59
CA ARG C 258 5.78 35.62 25.78
C ARG C 258 6.17 34.78 24.56
N THR C 259 6.97 35.37 23.69
CA THR C 259 7.42 34.72 22.48
C THR C 259 8.42 33.65 22.86
N PRO C 260 8.25 32.43 22.33
CA PRO C 260 9.26 31.42 22.70
C PRO C 260 10.53 31.57 21.86
N MSE C 261 11.65 31.09 22.40
N MSE C 261 11.65 31.10 22.41
CA MSE C 261 12.96 31.17 21.73
CA MSE C 261 12.96 31.17 21.75
C MSE C 261 13.54 29.77 21.72
C MSE C 261 13.54 29.76 21.72
O MSE C 261 13.99 29.27 22.76
O MSE C 261 13.99 29.26 22.76
CB MSE C 261 13.89 32.13 22.49
CB MSE C 261 13.90 32.09 22.53
CG MSE C 261 13.33 33.55 22.69
CG MSE C 261 13.37 33.51 22.73
SE MSE C 261 13.27 34.65 21.05
SE MSE C 261 14.59 34.64 23.77
CE MSE C 261 15.19 34.88 20.76
CE MSE C 261 16.14 34.58 22.60
N TYR C 262 13.52 29.11 20.56
CA TYR C 262 14.02 27.72 20.42
C TYR C 262 15.47 27.63 19.99
N LYS C 263 16.12 26.54 20.41
CA LYS C 263 17.55 26.32 20.17
C LYS C 263 17.86 25.00 19.46
N GLY C 264 16.84 24.18 19.20
CA GLY C 264 17.08 22.90 18.55
C GLY C 264 17.69 21.86 19.47
N GLU C 265 17.16 21.76 20.69
CA GLU C 265 17.58 20.79 21.68
C GLU C 265 16.37 20.47 22.56
N LEU D 7 -13.87 -11.68 38.14
CA LEU D 7 -13.84 -12.36 36.81
C LEU D 7 -14.36 -13.78 36.95
N GLN D 8 -15.36 -14.13 36.16
CA GLN D 8 -15.96 -15.46 36.20
C GLN D 8 -15.64 -16.33 34.98
N ASN D 9 -15.27 -15.71 33.87
CA ASN D 9 -15.02 -16.45 32.63
C ASN D 9 -13.53 -16.52 32.25
N ILE D 10 -12.70 -15.74 32.92
CA ILE D 10 -11.26 -15.78 32.67
C ILE D 10 -10.52 -15.74 34.01
N SER D 11 -9.25 -16.14 33.99
CA SER D 11 -8.38 -16.10 35.18
C SER D 11 -7.17 -15.26 34.77
N VAL D 12 -6.69 -14.41 35.68
CA VAL D 12 -5.51 -13.58 35.40
C VAL D 12 -4.50 -13.85 36.49
N ASP D 13 -3.31 -14.31 36.11
CA ASP D 13 -2.27 -14.65 37.08
C ASP D 13 -0.96 -13.88 36.83
N TYR D 14 -0.56 -13.08 37.82
CA TYR D 14 0.68 -12.28 37.80
C TYR D 14 1.75 -12.95 38.67
N ALA D 15 1.66 -14.26 38.88
CA ALA D 15 2.62 -14.97 39.71
C ALA D 15 4.07 -14.67 39.35
N THR D 16 4.42 -14.80 38.07
CA THR D 16 5.80 -14.58 37.62
C THR D 16 6.05 -13.10 37.29
N PRO D 17 7.13 -12.52 37.82
CA PRO D 17 7.46 -11.10 37.62
C PRO D 17 7.56 -10.64 36.15
N HIS D 18 6.91 -9.51 35.87
CA HIS D 18 6.83 -8.88 34.53
C HIS D 18 5.99 -9.65 33.52
N VAL D 19 5.40 -10.77 33.96
CA VAL D 19 4.62 -11.61 33.06
C VAL D 19 3.23 -11.85 33.60
N VAL D 20 2.22 -11.68 32.75
CA VAL D 20 0.83 -11.91 33.14
C VAL D 20 0.28 -13.02 32.24
N LYS D 21 -0.42 -13.98 32.85
CA LYS D 21 -1.00 -15.13 32.15
C LYS D 21 -2.51 -15.05 32.26
N ILE D 22 -3.17 -14.90 31.11
CA ILE D 22 -4.63 -14.82 31.03
C ILE D 22 -5.13 -16.18 30.55
N SER D 23 -6.03 -16.80 31.31
CA SER D 23 -6.54 -18.11 30.95
C SER D 23 -8.04 -18.04 30.71
N LEU D 24 -8.49 -18.49 29.53
CA LEU D 24 -9.91 -18.56 29.25
C LEU D 24 -10.40 -19.62 30.24
N ASN D 25 -11.52 -19.37 30.90
CA ASN D 25 -11.98 -20.25 31.98
C ASN D 25 -13.43 -20.74 31.91
N ARG D 26 -13.75 -21.45 30.83
CA ARG D 26 -15.07 -22.03 30.63
C ARG D 26 -14.85 -23.45 30.13
N GLU D 27 -14.19 -24.29 30.94
CA GLU D 27 -13.86 -25.67 30.54
C GLU D 27 -15.04 -26.52 30.10
N ARG D 28 -16.17 -26.40 30.80
CA ARG D 28 -17.37 -27.17 30.44
C ARG D 28 -17.90 -26.81 29.05
N GLN D 29 -17.57 -25.61 28.59
N GLN D 29 -17.58 -25.61 28.57
CA GLN D 29 -18.00 -25.13 27.28
CA GLN D 29 -18.01 -25.18 27.24
C GLN D 29 -16.82 -25.05 26.29
C GLN D 29 -16.84 -25.08 26.28
N ALA D 30 -15.80 -25.86 26.51
CA ALA D 30 -14.60 -25.87 25.65
C ALA D 30 -13.97 -24.48 25.45
N ASN D 31 -14.07 -23.63 26.48
CA ASN D 31 -13.50 -22.29 26.43
C ASN D 31 -13.98 -21.47 25.24
N SER D 32 -15.26 -21.66 24.88
CA SER D 32 -15.86 -20.93 23.78
C SER D 32 -16.05 -19.46 24.17
N LEU D 33 -15.98 -18.60 23.16
CA LEU D 33 -16.05 -17.16 23.35
C LEU D 33 -17.49 -16.65 23.47
N SER D 34 -17.99 -16.55 24.69
CA SER D 34 -19.32 -15.99 24.92
C SER D 34 -19.18 -14.46 25.03
N LEU D 35 -20.28 -13.74 24.85
CA LEU D 35 -20.25 -12.28 24.99
C LEU D 35 -19.78 -11.90 26.40
N ALA D 36 -20.21 -12.66 27.41
CA ALA D 36 -19.79 -12.41 28.79
C ALA D 36 -18.26 -12.51 28.95
N LEU D 37 -17.67 -13.53 28.34
CA LEU D 37 -16.21 -13.73 28.39
C LEU D 37 -15.47 -12.63 27.62
N LEU D 38 -16.00 -12.23 26.47
CA LEU D 38 -15.34 -11.19 25.68
C LEU D 38 -15.37 -9.87 26.44
N GLU D 39 -16.46 -9.58 27.14
CA GLU D 39 -16.55 -8.37 27.96
C GLU D 39 -15.42 -8.35 29.03
N GLU D 40 -15.24 -9.47 29.72
CA GLU D 40 -14.18 -9.58 30.75
C GLU D 40 -12.79 -9.52 30.14
N LEU D 41 -12.60 -10.17 29.00
CA LEU D 41 -11.31 -10.17 28.35
C LEU D 41 -10.96 -8.76 27.89
N GLN D 42 -11.93 -8.03 27.36
CA GLN D 42 -11.67 -6.67 26.91
C GLN D 42 -11.27 -5.76 28.09
N ASN D 43 -11.93 -5.95 29.23
CA ASN D 43 -11.62 -5.14 30.42
C ASN D 43 -10.20 -5.43 30.95
N ILE D 44 -9.78 -6.68 30.95
CA ILE D 44 -8.43 -7.03 31.41
C ILE D 44 -7.37 -6.49 30.43
N LEU D 45 -7.68 -6.56 29.13
CA LEU D 45 -6.74 -6.02 28.10
C LEU D 45 -6.54 -4.50 28.25
N THR D 46 -7.61 -3.77 28.58
CA THR D 46 -7.53 -2.32 28.80
C THR D 46 -6.59 -1.99 29.96
N GLN D 47 -6.65 -2.81 31.01
N GLN D 47 -6.63 -2.82 31.00
CA GLN D 47 -5.78 -2.66 32.18
CA GLN D 47 -5.79 -2.64 32.18
C GLN D 47 -4.31 -2.93 31.81
C GLN D 47 -4.31 -2.95 31.86
N ILE D 48 -4.07 -4.06 31.16
CA ILE D 48 -2.70 -4.46 30.78
C ILE D 48 -2.05 -3.46 29.83
N ASN D 49 -2.86 -2.86 28.95
CA ASN D 49 -2.42 -1.85 28.01
C ASN D 49 -1.71 -0.70 28.74
N GLU D 50 -2.14 -0.43 29.98
CA GLU D 50 -1.57 0.65 30.79
C GLU D 50 -0.55 0.21 31.84
N GLU D 51 -0.20 -1.08 31.87
CA GLU D 51 0.76 -1.60 32.85
C GLU D 51 2.20 -1.55 32.36
N ALA D 52 2.95 -0.55 32.85
CA ALA D 52 4.37 -0.42 32.51
C ALA D 52 5.23 -1.54 33.16
N ASN D 53 4.75 -2.11 34.27
CA ASN D 53 5.48 -3.19 34.95
C ASN D 53 5.32 -4.56 34.25
N THR D 54 4.34 -4.68 33.37
CA THR D 54 4.10 -5.92 32.61
C THR D 54 4.81 -5.88 31.28
N ARG D 55 5.70 -6.84 31.08
CA ARG D 55 6.50 -6.87 29.86
C ARG D 55 6.07 -7.89 28.83
N VAL D 56 5.37 -8.93 29.26
CA VAL D 56 4.94 -9.98 28.37
C VAL D 56 3.65 -10.57 28.88
N VAL D 57 2.82 -10.97 27.93
CA VAL D 57 1.55 -11.60 28.25
C VAL D 57 1.48 -12.99 27.63
N ILE D 58 0.88 -13.90 28.36
CA ILE D 58 0.64 -15.27 27.88
C ILE D 58 -0.88 -15.47 27.88
N LEU D 59 -1.39 -15.97 26.75
N LEU D 59 -1.39 -15.99 26.77
CA LEU D 59 -2.81 -16.27 26.62
CA LEU D 59 -2.81 -16.25 26.64
C LEU D 59 -2.95 -17.77 26.48
C LEU D 59 -2.99 -17.75 26.45
N THR D 60 -3.81 -18.36 27.29
CA THR D 60 -4.02 -19.81 27.25
C THR D 60 -5.45 -20.16 27.68
N GLY D 61 -5.75 -21.45 27.62
CA GLY D 61 -7.04 -21.96 28.04
C GLY D 61 -6.91 -22.86 29.26
N ALA D 62 -7.98 -22.92 30.05
CA ALA D 62 -8.02 -23.78 31.22
C ALA D 62 -8.24 -25.22 30.78
N GLY D 63 -7.65 -26.16 31.50
CA GLY D 63 -7.81 -27.59 31.22
C GLY D 63 -6.80 -28.12 30.21
N GLU D 64 -7.01 -29.36 29.77
CA GLU D 64 -6.11 -30.00 28.80
C GLU D 64 -6.82 -30.48 27.53
N LYS D 65 -8.06 -30.02 27.32
CA LYS D 65 -8.80 -30.41 26.12
C LYS D 65 -8.96 -29.27 25.12
N ALA D 66 -9.11 -28.05 25.60
CA ALA D 66 -9.39 -26.93 24.71
C ALA D 66 -8.70 -25.62 25.06
N PHE D 67 -8.06 -25.04 24.05
CA PHE D 67 -7.53 -23.66 24.14
C PHE D 67 -8.74 -22.76 23.99
N CYS D 68 -9.46 -22.97 22.88
CA CYS D 68 -10.67 -22.17 22.58
C CYS D 68 -11.40 -22.78 21.39
N ALA D 69 -12.62 -23.28 21.61
CA ALA D 69 -13.40 -23.88 20.52
C ALA D 69 -14.05 -22.86 19.60
N GLY D 70 -13.73 -21.58 19.78
CA GLY D 70 -14.23 -20.49 18.93
C GLY D 70 -15.46 -19.81 19.51
N ALA D 71 -16.28 -19.26 18.62
CA ALA D 71 -17.52 -18.57 19.02
C ALA D 71 -18.46 -19.54 19.72
N ASP D 72 -19.12 -19.05 20.77
CA ASP D 72 -20.07 -19.87 21.51
C ASP D 72 -21.30 -20.06 20.63
N LEU D 73 -21.39 -21.24 20.01
CA LEU D 73 -22.50 -21.53 19.08
C LEU D 73 -23.87 -21.72 19.76
N LYS D 74 -23.87 -22.09 21.03
CA LYS D 74 -25.12 -22.24 21.76
C LYS D 74 -25.75 -20.85 21.89
N GLU D 75 -24.89 -19.85 22.14
CA GLU D 75 -25.34 -18.46 22.27
C GLU D 75 -25.74 -17.83 20.92
N ARG D 76 -24.99 -18.17 19.87
CA ARG D 76 -25.25 -17.63 18.53
C ARG D 76 -26.58 -18.10 17.91
N ALA D 77 -26.91 -19.37 18.16
CA ALA D 77 -28.12 -19.96 17.62
C ALA D 77 -29.36 -19.09 17.78
N GLY D 78 -30.00 -18.77 16.67
CA GLY D 78 -31.23 -17.99 16.68
C GLY D 78 -31.06 -16.48 16.81
N MSE D 79 -29.84 -15.98 16.91
CA MSE D 79 -29.63 -14.54 17.02
C MSE D 79 -30.20 -13.86 15.78
O MSE D 79 -30.09 -14.38 14.67
CB MSE D 79 -28.15 -14.18 17.13
CG MSE D 79 -27.54 -14.30 18.51
SE MSE D 79 -25.72 -13.63 18.41
CE MSE D 79 -25.35 -13.49 20.32
N ASN D 80 -30.86 -12.72 15.99
CA ASN D 80 -31.36 -11.97 14.85
C ASN D 80 -30.18 -11.21 14.22
N GLU D 81 -30.40 -10.55 13.09
CA GLU D 81 -29.31 -9.86 12.37
C GLU D 81 -28.45 -8.88 13.17
N GLU D 82 -29.10 -7.98 13.92
CA GLU D 82 -28.35 -6.98 14.70
C GLU D 82 -27.50 -7.67 15.75
N GLN D 83 -28.05 -8.73 16.36
CA GLN D 83 -27.31 -9.49 17.37
C GLN D 83 -26.09 -10.16 16.73
N VAL D 84 -26.26 -10.70 15.53
CA VAL D 84 -25.13 -11.34 14.84
C VAL D 84 -24.02 -10.33 14.57
N ARG D 85 -24.36 -9.18 14.01
CA ARG D 85 -23.35 -8.16 13.72
C ARG D 85 -22.64 -7.69 15.00
N HIS D 86 -23.39 -7.56 16.09
CA HIS D 86 -22.81 -7.13 17.36
C HIS D 86 -21.86 -8.17 17.91
N ALA D 87 -22.26 -9.44 17.83
CA ALA D 87 -21.45 -10.54 18.32
C ALA D 87 -20.15 -10.66 17.55
N VAL D 88 -20.21 -10.58 16.22
CA VAL D 88 -19.01 -10.68 15.43
C VAL D 88 -18.15 -9.45 15.69
N SER D 89 -18.78 -8.29 15.89
CA SER D 89 -18.01 -7.08 16.17
C SER D 89 -17.24 -7.19 17.50
N MSE D 90 -17.87 -7.79 18.51
N MSE D 90 -17.85 -7.80 18.51
CA MSE D 90 -17.23 -7.99 19.81
CA MSE D 90 -17.17 -7.92 19.79
C MSE D 90 -15.96 -8.83 19.70
C MSE D 90 -15.95 -8.84 19.71
O MSE D 90 -14.92 -8.49 20.27
O MSE D 90 -14.92 -8.56 20.33
CB MSE D 90 -18.19 -8.64 20.81
CB MSE D 90 -18.15 -8.34 20.87
CG MSE D 90 -19.24 -7.69 21.34
CG MSE D 90 -17.58 -8.24 22.26
SE MSE D 90 -18.39 -6.23 22.29
SE MSE D 90 -19.03 -8.18 23.53
CE MSE D 90 -17.63 -7.22 23.79
CE MSE D 90 -19.79 -6.47 23.03
N ILE D 91 -16.04 -9.94 18.95
CA ILE D 91 -14.90 -10.84 18.78
C ILE D 91 -13.78 -10.15 18.00
N ARG D 92 -14.14 -9.53 16.89
CA ARG D 92 -13.20 -8.79 16.03
C ARG D 92 -12.43 -7.75 16.85
N THR D 93 -13.15 -6.95 17.62
CA THR D 93 -12.55 -5.89 18.45
C THR D 93 -11.60 -6.45 19.51
N THR D 94 -11.97 -7.57 20.12
CA THR D 94 -11.12 -8.21 21.11
C THR D 94 -9.79 -8.66 20.49
N MSE D 95 -9.83 -9.17 19.26
CA MSE D 95 -8.62 -9.60 18.58
C MSE D 95 -7.68 -8.40 18.32
O MSE D 95 -6.47 -8.51 18.47
CB MSE D 95 -8.93 -10.28 17.24
CG MSE D 95 -9.90 -11.42 17.32
SE MSE D 95 -9.36 -12.83 18.55
CE MSE D 95 -10.98 -13.93 18.57
N GLU D 96 -8.27 -7.27 17.96
CA GLU D 96 -7.49 -6.07 17.69
C GLU D 96 -6.81 -5.62 18.97
N MSE D 97 -7.53 -5.69 20.09
CA MSE D 97 -6.96 -5.28 21.36
C MSE D 97 -5.78 -6.16 21.74
O MSE D 97 -4.77 -5.66 22.25
CB MSE D 97 -8.04 -5.25 22.46
CG MSE D 97 -9.12 -4.23 22.21
SE MSE D 97 -10.47 -4.32 23.60
CE MSE D 97 -9.32 -3.82 25.02
N VAL D 98 -5.89 -7.46 21.49
CA VAL D 98 -4.78 -8.37 21.77
C VAL D 98 -3.57 -7.99 20.93
N GLU D 99 -3.75 -7.88 19.62
N GLU D 99 -3.82 -7.84 19.63
CA GLU D 99 -2.59 -7.58 18.78
CA GLU D 99 -2.77 -7.56 18.66
C GLU D 99 -2.00 -6.21 19.07
C GLU D 99 -2.09 -6.21 18.91
N GLN D 100 -2.83 -5.23 19.43
CA GLN D 100 -2.31 -3.88 19.69
C GLN D 100 -1.74 -3.61 21.10
N LEU D 101 -1.74 -4.61 21.96
CA LEU D 101 -1.11 -4.45 23.27
C LEU D 101 0.37 -4.10 23.05
N PRO D 102 0.94 -3.23 23.90
CA PRO D 102 2.34 -2.88 23.70
C PRO D 102 3.29 -4.05 23.95
N GLN D 103 2.86 -4.97 24.80
CA GLN D 103 3.71 -6.08 25.14
C GLN D 103 3.58 -7.19 24.13
N PRO D 104 4.66 -7.99 23.98
CA PRO D 104 4.50 -9.20 23.21
C PRO D 104 3.44 -10.10 23.85
N VAL D 105 2.68 -10.82 23.03
CA VAL D 105 1.67 -11.75 23.53
C VAL D 105 1.96 -13.13 22.96
N ILE D 106 2.09 -14.11 23.85
CA ILE D 106 2.37 -15.49 23.48
C ILE D 106 1.18 -16.38 23.68
N ALA D 107 0.72 -17.02 22.63
CA ALA D 107 -0.37 -17.98 22.76
C ALA D 107 0.17 -19.32 23.22
N ALA D 108 -0.42 -19.93 24.24
CA ALA D 108 -0.02 -21.25 24.72
C ALA D 108 -1.24 -22.13 24.44
N ILE D 109 -1.19 -22.84 23.31
CA ILE D 109 -2.35 -23.61 22.80
C ILE D 109 -2.35 -24.99 23.42
N ASN D 110 -3.19 -25.13 24.44
CA ASN D 110 -3.26 -26.32 25.26
C ASN D 110 -4.21 -27.41 24.82
N GLY D 111 -4.95 -27.16 23.75
CA GLY D 111 -5.92 -28.13 23.22
C GLY D 111 -6.51 -27.61 21.93
N ILE D 112 -7.73 -28.03 21.61
CA ILE D 112 -8.37 -27.59 20.37
C ILE D 112 -8.43 -26.06 20.27
N ALA D 113 -8.09 -25.55 19.09
CA ALA D 113 -8.09 -24.13 18.79
C ALA D 113 -8.80 -24.03 17.45
N LEU D 114 -10.12 -23.88 17.50
CA LEU D 114 -10.94 -23.90 16.28
C LEU D 114 -11.70 -22.63 16.02
N GLY D 115 -11.69 -22.21 14.75
CA GLY D 115 -12.41 -21.02 14.31
C GLY D 115 -11.86 -19.81 15.02
N GLY D 116 -12.71 -19.19 15.83
CA GLY D 116 -12.34 -18.06 16.67
C GLY D 116 -11.14 -18.37 17.57
N GLY D 117 -10.96 -19.64 17.91
CA GLY D 117 -9.80 -20.07 18.72
C GLY D 117 -8.50 -19.98 17.96
N THR D 118 -8.52 -20.38 16.68
CA THR D 118 -7.33 -20.18 15.84
C THR D 118 -7.15 -18.68 15.58
N GLU D 119 -8.25 -17.95 15.37
CA GLU D 119 -8.15 -16.50 15.18
C GLU D 119 -7.48 -15.80 16.36
N LEU D 120 -7.82 -16.22 17.58
CA LEU D 120 -7.24 -15.66 18.80
C LEU D 120 -5.73 -15.92 18.83
N SER D 121 -5.31 -17.11 18.44
CA SER D 121 -3.88 -17.43 18.44
C SER D 121 -3.13 -16.60 17.37
N LEU D 122 -3.80 -16.27 16.26
CA LEU D 122 -3.16 -15.46 15.20
C LEU D 122 -2.98 -13.99 15.62
N ALA D 123 -3.82 -13.51 16.55
CA ALA D 123 -3.76 -12.14 17.07
C ALA D 123 -2.58 -11.98 18.03
N CYS D 124 -2.05 -13.10 18.49
CA CYS D 124 -0.86 -13.13 19.34
C CYS D 124 0.40 -13.01 18.46
N ASP D 125 1.48 -12.51 19.06
CA ASP D 125 2.77 -12.34 18.35
C ASP D 125 3.35 -13.66 17.86
N PHE D 126 3.36 -14.67 18.73
CA PHE D 126 3.74 -16.02 18.32
C PHE D 126 3.03 -17.05 19.17
N ARG D 127 3.18 -18.31 18.77
CA ARG D 127 2.44 -19.41 19.33
C ARG D 127 3.26 -20.64 19.71
N ILE D 128 2.89 -21.22 20.85
CA ILE D 128 3.48 -22.46 21.37
C ILE D 128 2.27 -23.39 21.50
N ALA D 129 2.35 -24.57 20.91
CA ALA D 129 1.26 -25.54 20.95
C ALA D 129 1.63 -26.83 21.64
N ALA D 130 0.67 -27.38 22.36
CA ALA D 130 0.83 -28.69 22.95
C ALA D 130 0.86 -29.69 21.80
N GLU D 131 1.62 -30.78 21.94
CA GLU D 131 1.67 -31.84 20.92
C GLU D 131 0.28 -32.36 20.58
N SER D 132 -0.61 -32.32 21.57
CA SER D 132 -1.96 -32.87 21.40
C SER D 132 -2.97 -31.83 20.91
N ALA D 133 -2.55 -30.60 20.67
CA ALA D 133 -3.44 -29.55 20.20
C ALA D 133 -3.82 -29.76 18.74
N SER D 134 -4.98 -29.24 18.38
CA SER D 134 -5.46 -29.27 17.00
C SER D 134 -5.97 -27.89 16.65
N LEU D 135 -5.73 -27.47 15.41
CA LEU D 135 -6.13 -26.16 14.95
C LEU D 135 -6.89 -26.21 13.64
N GLY D 136 -7.50 -25.07 13.30
CA GLY D 136 -8.18 -24.95 12.04
C GLY D 136 -9.21 -23.83 12.02
N LEU D 137 -9.50 -23.36 10.83
CA LEU D 137 -10.57 -22.36 10.63
C LEU D 137 -11.69 -23.17 9.99
N THR D 138 -12.59 -23.65 10.84
CA THR D 138 -13.69 -24.53 10.46
C THR D 138 -14.95 -23.80 9.95
N GLU D 139 -14.89 -22.47 9.93
CA GLU D 139 -16.02 -21.63 9.55
C GLU D 139 -16.83 -22.02 8.28
N THR D 140 -16.16 -22.34 7.17
CA THR D 140 -16.86 -22.67 5.94
C THR D 140 -17.71 -23.95 6.07
N THR D 141 -17.35 -24.83 7.01
CA THR D 141 -18.17 -26.07 7.28
C THR D 141 -19.51 -25.72 7.94
N LEU D 142 -19.61 -24.48 8.44
CA LEU D 142 -20.83 -23.93 9.05
C LEU D 142 -21.48 -22.90 8.12
N ALA D 143 -20.99 -22.84 6.89
CA ALA D 143 -21.47 -21.89 5.90
C ALA D 143 -21.26 -20.41 6.29
N ILE D 144 -20.19 -20.15 7.02
CA ILE D 144 -19.79 -18.77 7.33
C ILE D 144 -18.30 -18.66 6.98
N ILE D 145 -17.70 -17.51 7.25
CA ILE D 145 -16.28 -17.34 7.00
C ILE D 145 -15.63 -16.83 8.29
N PRO D 146 -14.31 -16.95 8.38
CA PRO D 146 -13.67 -16.40 9.58
C PRO D 146 -13.96 -14.89 9.62
N GLY D 147 -14.61 -14.40 10.67
CA GLY D 147 -15.00 -12.99 10.77
C GLY D 147 -14.22 -12.13 11.76
N ALA D 148 -13.19 -12.72 12.35
CA ALA D 148 -12.34 -12.05 13.33
C ALA D 148 -10.87 -12.14 12.91
N GLY D 149 -10.62 -11.94 11.62
CA GLY D 149 -9.27 -11.87 11.09
C GLY D 149 -8.62 -13.09 10.52
N GLY D 150 -9.28 -14.24 10.62
CA GLY D 150 -8.68 -15.45 10.09
C GLY D 150 -8.33 -15.38 8.61
N THR D 151 -9.18 -14.71 7.80
CA THR D 151 -8.91 -14.60 6.36
C THR D 151 -7.75 -13.67 6.04
N GLN D 152 -7.40 -12.83 7.01
CA GLN D 152 -6.30 -11.83 6.87
C GLN D 152 -5.02 -12.26 7.57
N ARG D 153 -5.12 -12.63 8.84
CA ARG D 153 -3.93 -13.00 9.61
C ARG D 153 -3.31 -14.33 9.20
N LEU D 154 -4.13 -15.29 8.77
CA LEU D 154 -3.58 -16.58 8.39
C LEU D 154 -2.69 -16.52 7.15
N PRO D 155 -3.17 -15.92 6.04
CA PRO D 155 -2.27 -15.85 4.86
C PRO D 155 -1.03 -15.01 5.07
N ARG D 156 -1.13 -13.99 5.93
CA ARG D 156 0.03 -13.16 6.26
C ARG D 156 1.09 -13.97 7.00
N LEU D 157 0.66 -14.94 7.79
CA LEU D 157 1.63 -15.77 8.54
C LEU D 157 2.20 -16.96 7.78
N ILE D 158 1.34 -17.69 7.08
CA ILE D 158 1.78 -18.92 6.44
C ILE D 158 1.71 -18.94 4.91
N GLY D 159 1.33 -17.81 4.31
CA GLY D 159 1.25 -17.72 2.85
C GLY D 159 -0.16 -17.96 2.37
N VAL D 160 -0.48 -17.36 1.22
CA VAL D 160 -1.83 -17.43 0.67
C VAL D 160 -2.27 -18.84 0.28
N GLY D 161 -1.36 -19.66 -0.25
CA GLY D 161 -1.71 -21.00 -0.70
C GLY D 161 -2.19 -21.91 0.40
N ARG D 162 -1.40 -22.03 1.46
CA ARG D 162 -1.77 -22.85 2.61
C ARG D 162 -3.02 -22.30 3.34
N ALA D 163 -3.10 -20.99 3.50
CA ALA D 163 -4.25 -20.35 4.13
C ALA D 163 -5.53 -20.66 3.35
N LYS D 164 -5.46 -20.64 2.02
CA LYS D 164 -6.64 -20.95 1.21
C LYS D 164 -7.08 -22.40 1.36
N GLU D 165 -6.17 -23.36 1.31
CA GLU D 165 -6.61 -24.77 1.44
C GLU D 165 -7.25 -25.01 2.82
N LEU D 166 -6.67 -24.44 3.86
CA LEU D 166 -7.20 -24.59 5.21
C LEU D 166 -8.59 -23.96 5.38
N ILE D 167 -8.74 -22.74 4.89
CA ILE D 167 -10.03 -22.03 5.01
C ILE D 167 -11.10 -22.65 4.10
N TYR D 168 -10.74 -23.02 2.87
CA TYR D 168 -11.77 -23.56 1.96
C TYR D 168 -12.25 -24.93 2.42
N THR D 169 -11.35 -25.77 2.90
CA THR D 169 -11.72 -27.09 3.36
C THR D 169 -12.29 -27.07 4.78
N GLY D 170 -11.80 -26.13 5.59
CA GLY D 170 -12.17 -26.01 7.02
C GLY D 170 -11.67 -27.20 7.83
N ARG D 171 -10.60 -27.83 7.36
CA ARG D 171 -10.08 -29.02 7.99
C ARG D 171 -9.30 -28.74 9.26
N ARG D 172 -9.27 -29.74 10.14
CA ARG D 172 -8.52 -29.64 11.38
C ARG D 172 -7.13 -30.23 11.14
N ILE D 173 -6.12 -29.60 11.71
CA ILE D 173 -4.74 -30.08 11.58
C ILE D 173 -4.09 -30.27 12.95
N SER D 174 -3.09 -31.14 13.02
CA SER D 174 -2.40 -31.40 14.26
C SER D 174 -1.42 -30.29 14.56
N ALA D 175 -0.92 -30.26 15.79
CA ALA D 175 0.11 -29.30 16.17
C ALA D 175 1.37 -29.49 15.30
N GLN D 176 1.64 -30.75 14.96
N GLN D 176 1.72 -30.73 14.97
CA GLN D 176 2.80 -31.13 14.14
CA GLN D 176 2.92 -30.95 14.14
C GLN D 176 2.70 -30.52 12.75
C GLN D 176 2.73 -30.50 12.68
N GLU D 177 1.52 -30.63 12.15
CA GLU D 177 1.24 -30.10 10.81
C GLU D 177 1.31 -28.57 10.91
N ALA D 178 0.72 -28.00 11.96
CA ALA D 178 0.78 -26.54 12.16
C ALA D 178 2.22 -26.04 12.22
N LYS D 179 3.09 -26.78 12.90
CA LYS D 179 4.49 -26.42 12.99
C LYS D 179 5.14 -26.51 11.60
N GLU D 180 4.84 -27.57 10.86
CA GLU D 180 5.36 -27.73 9.50
C GLU D 180 4.94 -26.54 8.58
N TYR D 181 3.72 -26.05 8.75
CA TYR D 181 3.24 -24.95 7.91
C TYR D 181 3.69 -23.56 8.36
N GLY D 182 4.28 -23.47 9.55
CA GLY D 182 4.69 -22.18 10.14
C GLY D 182 3.58 -21.44 10.91
N LEU D 183 2.46 -22.13 11.18
CA LEU D 183 1.34 -21.58 11.95
C LEU D 183 1.68 -21.51 13.46
N VAL D 184 2.45 -22.48 13.97
CA VAL D 184 2.88 -22.40 15.36
C VAL D 184 4.40 -22.45 15.34
N GLU D 185 5.00 -21.73 16.28
CA GLU D 185 6.45 -21.59 16.33
C GLU D 185 7.16 -22.63 17.18
N PHE D 186 6.47 -23.19 18.18
CA PHE D 186 7.02 -24.21 19.05
C PHE D 186 5.95 -25.27 19.34
N VAL D 187 6.38 -26.52 19.50
CA VAL D 187 5.49 -27.60 19.91
C VAL D 187 6.14 -28.34 21.06
N VAL D 188 5.39 -28.54 22.15
CA VAL D 188 5.89 -29.24 23.33
C VAL D 188 4.79 -30.10 23.92
N PRO D 189 5.15 -31.11 24.73
CA PRO D 189 4.12 -31.95 25.36
C PRO D 189 3.19 -31.09 26.21
N VAL D 190 1.91 -31.44 26.28
CA VAL D 190 0.93 -30.62 27.01
C VAL D 190 1.34 -30.38 28.48
N HIS D 191 1.94 -31.39 29.12
CA HIS D 191 2.38 -31.24 30.52
C HIS D 191 3.54 -30.25 30.72
N LEU D 192 4.25 -29.88 29.64
CA LEU D 192 5.34 -28.91 29.71
C LEU D 192 5.01 -27.54 29.06
N LEU D 193 3.76 -27.40 28.61
CA LEU D 193 3.34 -26.17 27.90
C LEU D 193 3.49 -24.90 28.75
N GLU D 194 2.97 -24.92 29.97
CA GLU D 194 3.05 -23.75 30.83
C GLU D 194 4.50 -23.38 31.13
N GLU D 195 5.33 -24.38 31.41
CA GLU D 195 6.74 -24.09 31.71
C GLU D 195 7.45 -23.48 30.50
N LYS D 196 7.20 -24.02 29.31
CA LYS D 196 7.82 -23.50 28.09
C LYS D 196 7.41 -22.03 27.84
N ALA D 197 6.10 -21.75 27.93
CA ALA D 197 5.59 -20.41 27.73
C ALA D 197 6.19 -19.42 28.72
N ILE D 198 6.23 -19.79 29.99
CA ILE D 198 6.84 -18.95 31.02
C ILE D 198 8.32 -18.73 30.76
N GLU D 199 9.05 -19.79 30.40
CA GLU D 199 10.50 -19.65 30.11
C GLU D 199 10.77 -18.66 28.98
N ILE D 200 10.02 -18.76 27.89
CA ILE D 200 10.21 -17.82 26.77
C ILE D 200 9.80 -16.41 27.17
N ALA D 201 8.68 -16.30 27.90
CA ALA D 201 8.22 -15.02 28.39
C ALA D 201 9.29 -14.37 29.30
N GLU D 202 9.89 -15.16 30.19
CA GLU D 202 10.94 -14.66 31.09
C GLU D 202 12.17 -14.17 30.31
N LYS D 203 12.50 -14.84 29.21
N LYS D 203 12.50 -14.84 29.22
CA LYS D 203 13.63 -14.41 28.38
CA LYS D 203 13.62 -14.43 28.39
C LYS D 203 13.31 -13.05 27.78
C LYS D 203 13.32 -13.06 27.77
N ILE D 204 12.13 -12.93 27.19
CA ILE D 204 11.72 -11.66 26.58
C ILE D 204 11.70 -10.56 27.63
N ALA D 205 11.17 -10.89 28.83
CA ALA D 205 11.08 -9.93 29.95
C ALA D 205 12.45 -9.43 30.42
N SER D 206 13.49 -10.25 30.23
CA SER D 206 14.83 -9.83 30.65
C SER D 206 15.48 -8.87 29.63
N ASN D 207 14.91 -8.77 28.44
CA ASN D 207 15.43 -7.83 27.42
C ASN D 207 14.90 -6.42 27.68
N GLY D 208 15.47 -5.42 27.01
CA GLY D 208 15.08 -4.03 27.23
C GLY D 208 13.62 -3.81 26.89
N PRO D 209 12.79 -3.42 27.88
CA PRO D 209 11.37 -3.27 27.57
C PRO D 209 11.03 -2.19 26.55
N ILE D 210 11.75 -1.07 26.55
CA ILE D 210 11.48 -0.02 25.58
C ILE D 210 11.84 -0.56 24.20
N ALA D 211 12.95 -1.28 24.11
CA ALA D 211 13.40 -1.85 22.84
C ALA D 211 12.44 -2.92 22.33
N VAL D 212 11.95 -3.77 23.24
CA VAL D 212 11.04 -4.83 22.84
C VAL D 212 9.72 -4.20 22.33
N ARG D 213 9.21 -3.21 23.05
CA ARG D 213 7.98 -2.53 22.63
C ARG D 213 8.13 -1.85 21.28
N LEU D 214 9.25 -1.16 21.10
CA LEU D 214 9.55 -0.51 19.83
C LEU D 214 9.72 -1.53 18.68
N ALA D 215 10.29 -2.69 18.95
CA ALA D 215 10.44 -3.73 17.94
C ALA D 215 9.06 -4.24 17.53
N LYS D 216 8.17 -4.44 18.50
CA LYS D 216 6.82 -4.91 18.16
C LYS D 216 6.14 -3.88 17.27
N GLU D 217 6.24 -2.61 17.63
CA GLU D 217 5.64 -1.55 16.80
C GLU D 217 6.27 -1.49 15.40
N ALA D 218 7.60 -1.55 15.32
CA ALA D 218 8.27 -1.47 14.02
C ALA D 218 7.93 -2.64 13.07
N ILE D 219 7.94 -3.85 13.60
CA ILE D 219 7.61 -5.05 12.81
C ILE D 219 6.12 -5.05 12.41
N SER D 220 5.26 -4.87 13.39
CA SER D 220 3.82 -4.97 13.17
C SER D 220 3.27 -3.96 12.22
N ASN D 221 3.83 -2.75 12.27
CA ASN D 221 3.38 -1.68 11.37
C ASN D 221 4.20 -1.65 10.07
N GLY D 222 5.52 -1.87 10.17
CA GLY D 222 6.37 -1.84 8.99
C GLY D 222 6.02 -2.88 7.94
N ILE D 223 5.63 -4.06 8.39
CA ILE D 223 5.28 -5.16 7.50
C ILE D 223 4.02 -4.88 6.67
N GLN D 224 3.21 -3.91 7.08
CA GLN D 224 1.97 -3.57 6.37
C GLN D 224 2.16 -2.68 5.15
N VAL D 225 3.38 -2.16 4.96
CA VAL D 225 3.65 -1.22 3.88
C VAL D 225 4.87 -1.66 3.03
N ASP D 226 5.31 -0.77 2.15
CA ASP D 226 6.46 -1.03 1.28
C ASP D 226 7.74 -1.00 2.11
N LEU D 227 8.75 -1.72 1.66
CA LEU D 227 10.01 -1.78 2.36
C LEU D 227 10.63 -0.40 2.65
N HIS D 228 10.69 0.48 1.65
CA HIS D 228 11.32 1.80 1.84
C HIS D 228 10.68 2.55 3.01
N THR D 229 9.35 2.63 3.02
CA THR D 229 8.67 3.27 4.16
C THR D 229 8.91 2.55 5.49
N GLY D 230 8.88 1.22 5.47
CA GLY D 230 9.11 0.40 6.64
C GLY D 230 10.47 0.70 7.24
N LEU D 231 11.47 0.89 6.37
CA LEU D 231 12.81 1.22 6.82
C LEU D 231 12.85 2.59 7.52
N GLN D 232 12.02 3.51 7.05
CA GLN D 232 11.94 4.84 7.64
C GLN D 232 11.28 4.75 9.00
N MSE D 233 10.32 3.82 9.16
N MSE D 233 10.34 3.82 9.16
CA MSE D 233 9.63 3.64 10.45
CA MSE D 233 9.67 3.68 10.44
C MSE D 233 10.61 3.06 11.48
C MSE D 233 10.65 3.11 11.46
O MSE D 233 10.59 3.45 12.66
O MSE D 233 10.67 3.54 12.63
CB MSE D 233 8.40 2.73 10.33
CB MSE D 233 8.46 2.81 10.30
CG MSE D 233 7.30 3.30 9.47
CG MSE D 233 7.66 2.75 11.55
SE MSE D 233 5.65 2.20 9.45
SE MSE D 233 6.28 1.50 11.23
CE MSE D 233 5.17 2.50 11.32
CE MSE D 233 5.39 2.35 9.73
N GLU D 234 11.46 2.14 11.03
CA GLU D 234 12.46 1.54 11.91
C GLU D 234 13.46 2.62 12.36
N LYS D 235 13.88 3.45 11.42
CA LYS D 235 14.81 4.56 11.67
C LYS D 235 14.28 5.44 12.82
N GLN D 236 13.01 5.82 12.79
N GLN D 236 12.99 5.79 12.77
CA GLN D 236 12.45 6.63 13.88
CA GLN D 236 12.37 6.60 13.84
C GLN D 236 12.37 5.81 15.19
C GLN D 236 12.31 5.82 15.16
N ALA D 237 12.00 4.53 15.09
CA ALA D 237 11.92 3.69 16.28
C ALA D 237 13.26 3.59 16.96
N TYR D 238 14.32 3.51 16.15
CA TYR D 238 15.69 3.38 16.65
C TYR D 238 16.06 4.65 17.48
N GLU D 239 15.55 5.80 17.06
CA GLU D 239 15.77 7.04 17.81
C GLU D 239 15.16 6.91 19.21
N GLY D 240 14.16 6.04 19.35
CA GLY D 240 13.50 5.79 20.63
C GLY D 240 14.35 5.00 21.62
N VAL D 241 15.42 4.35 21.15
CA VAL D 241 16.32 3.61 22.07
C VAL D 241 17.68 4.25 22.29
N ILE D 242 18.16 5.00 21.31
CA ILE D 242 19.48 5.64 21.40
C ILE D 242 19.79 6.39 22.68
N HIS D 243 18.82 7.15 23.19
CA HIS D 243 19.06 7.98 24.38
C HIS D 243 18.55 7.41 25.69
N THR D 244 18.11 6.16 25.69
CA THR D 244 17.59 5.56 26.91
C THR D 244 18.71 5.16 27.86
N LYS D 245 18.38 5.09 29.15
CA LYS D 245 19.33 4.67 30.17
C LYS D 245 19.55 3.16 30.04
N ASP D 246 18.53 2.44 29.60
CA ASP D 246 18.65 1.00 29.40
C ASP D 246 19.72 0.68 28.36
N ARG D 247 19.80 1.47 27.29
CA ARG D 247 20.84 1.24 26.29
C ARG D 247 22.21 1.38 26.96
N LEU D 248 22.33 2.35 27.85
CA LEU D 248 23.60 2.56 28.55
C LEU D 248 23.92 1.36 29.46
N GLU D 249 22.91 0.84 30.16
CA GLU D 249 23.06 -0.34 31.00
C GLU D 249 23.53 -1.54 30.15
N GLY D 250 22.96 -1.68 28.95
CA GLY D 250 23.33 -2.76 28.03
C GLY D 250 24.80 -2.72 27.68
N LEU D 251 25.30 -1.51 27.41
CA LEU D 251 26.71 -1.33 27.08
C LEU D 251 27.61 -1.67 28.27
N GLN D 252 27.24 -1.19 29.45
CA GLN D 252 28.05 -1.44 30.64
C GLN D 252 28.01 -2.92 31.07
N ALA D 253 26.85 -3.55 30.94
CA ALA D 253 26.74 -4.97 31.29
C ALA D 253 27.65 -5.80 30.40
N PHE D 254 27.69 -5.44 29.11
CA PHE D 254 28.54 -6.13 28.14
C PHE D 254 30.03 -5.91 28.42
N LYS D 255 30.39 -4.70 28.88
CA LYS D 255 31.78 -4.40 29.22
C LYS D 255 32.20 -5.20 30.45
N GLU D 256 31.29 -5.27 31.42
CA GLU D 256 31.53 -5.96 32.68
C GLU D 256 31.19 -7.47 32.65
N LYS D 257 30.77 -7.96 31.47
CA LYS D 257 30.41 -9.37 31.30
C LYS D 257 29.46 -9.87 32.41
N ARG D 258 28.41 -9.10 32.65
CA ARG D 258 27.40 -9.44 33.67
C ARG D 258 26.03 -9.29 33.05
N THR D 259 24.99 -9.71 33.77
CA THR D 259 23.63 -9.61 33.27
C THR D 259 23.12 -8.18 33.41
N PRO D 260 22.52 -7.63 32.34
CA PRO D 260 22.01 -6.28 32.46
C PRO D 260 20.70 -6.28 33.25
N MSE D 261 20.43 -5.18 33.94
CA MSE D 261 19.19 -5.02 34.70
C MSE D 261 18.45 -3.82 34.13
O MSE D 261 18.72 -2.67 34.51
CB MSE D 261 19.46 -4.88 36.19
CG MSE D 261 19.57 -6.21 36.92
SE MSE D 261 20.10 -6.04 38.80
CE MSE D 261 19.30 -4.31 39.21
N TYR D 262 17.54 -4.10 33.21
CA TYR D 262 16.81 -3.04 32.53
C TYR D 262 15.62 -2.59 33.35
N LYS D 263 15.33 -1.28 33.28
CA LYS D 263 14.30 -0.66 34.09
C LYS D 263 13.17 0.02 33.29
N GLY D 264 13.26 0.02 31.96
CA GLY D 264 12.24 0.69 31.16
C GLY D 264 12.37 2.21 31.18
N GLU D 265 13.58 2.69 30.98
CA GLU D 265 13.87 4.12 30.91
C GLU D 265 15.17 4.26 30.14
N LEU E 7 41.32 -0.47 -1.43
CA LEU E 7 42.07 -0.06 -0.20
C LEU E 7 42.62 -1.27 0.58
N GLN E 8 42.12 -1.54 1.79
CA GLN E 8 42.73 -2.57 2.64
C GLN E 8 41.86 -3.37 3.64
N ASN E 9 40.56 -3.10 3.73
CA ASN E 9 39.70 -3.85 4.63
C ASN E 9 38.87 -4.91 3.89
N ILE E 10 38.95 -4.90 2.57
CA ILE E 10 38.19 -5.82 1.74
C ILE E 10 39.01 -6.26 0.54
N SER E 11 38.77 -7.48 0.06
CA SER E 11 39.42 -7.97 -1.15
C SER E 11 38.34 -8.19 -2.19
N VAL E 12 38.70 -7.94 -3.45
CA VAL E 12 37.77 -8.08 -4.57
C VAL E 12 38.46 -8.87 -5.66
N ASP E 13 37.91 -10.04 -6.00
CA ASP E 13 38.50 -10.89 -7.05
C ASP E 13 37.46 -11.58 -7.90
N TYR E 14 37.76 -11.73 -9.18
CA TYR E 14 36.89 -12.47 -10.08
C TYR E 14 37.17 -13.95 -9.90
N ALA E 15 36.24 -14.64 -9.25
CA ALA E 15 36.39 -16.07 -8.96
C ALA E 15 36.28 -16.87 -10.24
N THR E 16 35.37 -16.43 -11.11
CA THR E 16 35.14 -17.05 -12.41
C THR E 16 34.66 -15.93 -13.32
N PRO E 17 34.61 -16.19 -14.63
CA PRO E 17 34.12 -15.15 -15.52
C PRO E 17 32.75 -14.62 -15.08
N HIS E 18 32.64 -13.30 -14.98
CA HIS E 18 31.38 -12.57 -14.62
C HIS E 18 30.97 -12.63 -13.14
N VAL E 19 31.74 -13.34 -12.33
CA VAL E 19 31.44 -13.50 -10.90
C VAL E 19 32.51 -12.85 -9.99
N VAL E 20 32.14 -11.78 -9.32
CA VAL E 20 33.06 -11.07 -8.45
C VAL E 20 32.81 -11.47 -7.01
N LYS E 21 33.89 -11.78 -6.30
CA LYS E 21 33.81 -12.15 -4.90
C LYS E 21 34.43 -11.04 -4.07
N ILE E 22 33.63 -10.55 -3.13
CA ILE E 22 34.02 -9.52 -2.20
C ILE E 22 34.11 -10.22 -0.86
N SER E 23 35.29 -10.19 -0.25
N SER E 23 35.28 -10.16 -0.24
CA SER E 23 35.50 -10.80 1.07
CA SER E 23 35.49 -10.78 1.06
C SER E 23 35.78 -9.70 2.08
C SER E 23 35.79 -9.70 2.09
N LEU E 24 35.04 -9.70 3.19
CA LEU E 24 35.29 -8.73 4.27
C LEU E 24 36.53 -9.32 4.95
N ASN E 25 37.63 -8.58 4.99
N ASN E 25 37.62 -8.57 5.00
CA ASN E 25 38.88 -9.07 5.56
CA ASN E 25 38.86 -9.06 5.56
C ASN E 25 39.36 -8.35 6.81
C ASN E 25 39.35 -8.34 6.80
N ARG E 26 38.71 -8.63 7.94
CA ARG E 26 39.10 -8.06 9.24
C ARG E 26 38.90 -9.18 10.27
N GLU E 27 39.51 -10.34 9.99
CA GLU E 27 39.38 -11.55 10.79
C GLU E 27 39.53 -11.37 12.31
N ARG E 28 40.52 -10.59 12.73
CA ARG E 28 40.75 -10.38 14.18
C ARG E 28 39.58 -9.68 14.87
N GLN E 29 38.87 -8.85 14.12
CA GLN E 29 37.73 -8.11 14.65
C GLN E 29 36.42 -8.71 14.18
N ALA E 30 36.43 -10.02 13.90
CA ALA E 30 35.23 -10.75 13.46
C ALA E 30 34.53 -10.10 12.25
N ASN E 31 35.35 -9.58 11.33
CA ASN E 31 34.88 -8.94 10.09
C ASN E 31 33.79 -7.89 10.32
N SER E 32 33.92 -7.17 11.44
CA SER E 32 32.95 -6.15 11.84
C SER E 32 32.98 -4.93 10.90
N LEU E 33 31.85 -4.24 10.82
CA LEU E 33 31.70 -3.10 9.94
C LEU E 33 32.24 -1.81 10.56
N SER E 34 33.48 -1.48 10.21
CA SER E 34 34.10 -0.24 10.67
C SER E 34 33.82 0.83 9.61
N LEU E 35 34.09 2.09 9.93
CA LEU E 35 33.85 3.16 8.98
C LEU E 35 34.66 2.96 7.70
N ALA E 36 35.95 2.64 7.85
CA ALA E 36 36.84 2.45 6.70
C ALA E 36 36.34 1.33 5.79
N LEU E 37 35.93 0.21 6.38
CA LEU E 37 35.41 -0.92 5.61
C LEU E 37 34.14 -0.51 4.86
N LEU E 38 33.24 0.15 5.57
CA LEU E 38 32.00 0.64 4.96
C LEU E 38 32.22 1.60 3.80
N GLU E 39 33.21 2.49 3.93
N GLU E 39 33.21 2.50 3.93
CA GLU E 39 33.51 3.45 2.86
CA GLU E 39 33.50 3.45 2.85
C GLU E 39 33.95 2.74 1.58
C GLU E 39 33.96 2.75 1.58
N GLU E 40 34.89 1.79 1.72
CA GLU E 40 35.38 1.07 0.55
C GLU E 40 34.32 0.08 0.01
N LEU E 41 33.47 -0.46 0.87
CA LEU E 41 32.41 -1.34 0.39
C LEU E 41 31.47 -0.50 -0.49
N GLN E 42 31.09 0.69 -0.01
CA GLN E 42 30.26 1.59 -0.81
C GLN E 42 30.98 1.95 -2.13
N ASN E 43 32.29 2.15 -2.07
CA ASN E 43 33.05 2.50 -3.27
C ASN E 43 33.02 1.39 -4.32
N ILE E 44 33.18 0.14 -3.90
N ILE E 44 33.18 0.15 -3.87
CA ILE E 44 33.19 -0.95 -4.88
CA ILE E 44 33.17 -1.03 -4.73
C ILE E 44 31.76 -1.22 -5.40
C ILE E 44 31.79 -1.22 -5.35
N LEU E 45 30.75 -1.08 -4.52
CA LEU E 45 29.37 -1.21 -4.96
C LEU E 45 29.05 -0.13 -5.98
N THR E 46 29.59 1.07 -5.77
CA THR E 46 29.36 2.17 -6.70
C THR E 46 30.00 1.82 -8.05
N GLN E 47 31.18 1.22 -8.01
CA GLN E 47 31.87 0.80 -9.23
C GLN E 47 31.11 -0.33 -9.97
N ILE E 48 30.69 -1.35 -9.23
CA ILE E 48 29.99 -2.52 -9.80
C ILE E 48 28.68 -2.16 -10.48
N ASN E 49 27.98 -1.13 -9.98
CA ASN E 49 26.74 -0.65 -10.57
C ASN E 49 26.88 -0.27 -12.05
N GLU E 50 28.07 0.19 -12.42
CA GLU E 50 28.37 0.64 -13.78
C GLU E 50 29.05 -0.42 -14.65
N GLU E 51 29.27 -1.61 -14.10
CA GLU E 51 29.98 -2.68 -14.82
C GLU E 51 29.08 -3.60 -15.62
N ALA E 52 29.58 -4.00 -16.80
CA ALA E 52 28.87 -4.93 -17.66
C ALA E 52 29.49 -6.32 -17.51
N ASN E 53 30.78 -6.40 -17.22
CA ASN E 53 31.45 -7.70 -17.05
C ASN E 53 30.86 -8.48 -15.86
N THR E 54 30.60 -7.79 -14.77
CA THR E 54 30.07 -8.41 -13.56
C THR E 54 28.59 -8.75 -13.72
N ARG E 55 28.26 -10.03 -13.57
CA ARG E 55 26.87 -10.49 -13.66
C ARG E 55 26.31 -10.93 -12.31
N VAL E 56 27.19 -11.29 -11.37
CA VAL E 56 26.79 -11.75 -10.05
C VAL E 56 27.88 -11.38 -9.08
N VAL E 57 27.47 -11.08 -7.85
CA VAL E 57 28.38 -10.75 -6.77
C VAL E 57 28.18 -11.75 -5.63
N ILE E 58 29.27 -12.29 -5.10
CA ILE E 58 29.22 -13.14 -3.91
C ILE E 58 29.86 -12.32 -2.78
N LEU E 59 29.19 -12.21 -1.64
CA LEU E 59 29.70 -11.44 -0.51
C LEU E 59 30.06 -12.44 0.62
N THR E 60 31.28 -12.38 1.13
CA THR E 60 31.66 -13.32 2.18
C THR E 60 32.67 -12.72 3.14
N GLY E 61 33.01 -13.48 4.18
CA GLY E 61 33.94 -13.03 5.17
C GLY E 61 35.17 -13.92 5.15
N ALA E 62 36.29 -13.34 5.55
CA ALA E 62 37.54 -14.07 5.64
C ALA E 62 37.48 -14.98 6.87
N GLY E 63 38.18 -16.12 6.80
CA GLY E 63 38.25 -17.08 7.92
C GLY E 63 37.06 -18.03 8.00
N GLU E 64 37.07 -18.90 9.00
CA GLU E 64 35.98 -19.86 9.21
C GLU E 64 35.19 -19.61 10.50
N LYS E 65 35.43 -18.46 11.14
CA LYS E 65 34.74 -18.15 12.40
C LYS E 65 33.61 -17.12 12.24
N ALA E 66 33.82 -16.09 11.41
CA ALA E 66 32.82 -15.02 11.27
C ALA E 66 32.56 -14.53 9.85
N PHE E 67 31.28 -14.37 9.52
CA PHE E 67 30.86 -13.79 8.27
C PHE E 67 31.00 -12.29 8.52
N CYS E 68 30.30 -11.80 9.53
CA CYS E 68 30.35 -10.40 9.94
C CYS E 68 29.66 -10.29 11.31
N ALA E 69 30.38 -9.80 12.32
CA ALA E 69 29.81 -9.65 13.66
C ALA E 69 28.96 -8.39 13.83
N GLY E 70 28.79 -7.61 12.76
CA GLY E 70 28.04 -6.37 12.80
C GLY E 70 28.90 -5.16 13.08
N ALA E 71 28.30 -4.14 13.70
CA ALA E 71 28.99 -2.90 14.01
C ALA E 71 30.22 -3.15 14.87
N ASP E 72 31.33 -2.54 14.47
CA ASP E 72 32.59 -2.67 15.19
C ASP E 72 32.42 -2.20 16.64
N LEU E 73 32.56 -3.14 17.59
CA LEU E 73 32.36 -2.85 19.02
C LEU E 73 33.51 -2.04 19.62
N LYS E 74 34.72 -2.22 19.09
CA LYS E 74 35.89 -1.48 19.56
C LYS E 74 35.81 -0.05 19.05
N GLU E 75 35.09 0.16 17.95
CA GLU E 75 34.92 1.48 17.36
C GLU E 75 33.67 2.16 17.92
N ARG E 76 32.64 1.36 18.20
CA ARG E 76 31.36 1.85 18.74
C ARG E 76 31.46 2.16 20.25
N ALA E 77 32.40 1.50 20.93
CA ALA E 77 32.61 1.72 22.37
C ALA E 77 32.85 3.19 22.65
N GLY E 78 33.71 3.81 21.84
CA GLY E 78 34.03 5.23 21.96
C GLY E 78 33.26 6.05 20.95
N MSE E 79 31.96 6.22 21.19
CA MSE E 79 31.09 7.01 20.32
C MSE E 79 29.94 7.66 21.09
O MSE E 79 29.27 7.02 21.90
CB MSE E 79 30.51 6.16 19.17
CG MSE E 79 31.49 5.85 18.03
SE MSE E 79 30.64 4.97 16.47
CE MSE E 79 32.13 5.15 15.21
N ASN E 80 29.71 8.95 20.80
CA ASN E 80 28.61 9.69 21.41
C ASN E 80 27.33 9.43 20.60
N GLU E 81 26.23 10.09 20.94
CA GLU E 81 24.98 9.87 20.21
C GLU E 81 25.11 10.28 18.72
N GLU E 82 25.84 11.36 18.48
CA GLU E 82 26.03 11.89 17.12
C GLU E 82 26.90 11.01 16.24
N GLN E 83 28.00 10.50 16.79
CA GLN E 83 28.92 9.65 16.02
C GLN E 83 28.26 8.32 15.65
N VAL E 84 27.39 7.84 16.52
CA VAL E 84 26.66 6.59 16.28
C VAL E 84 25.69 6.74 15.10
N ARG E 85 25.04 7.91 15.01
CA ARG E 85 24.11 8.17 13.92
C ARG E 85 24.76 8.05 12.54
N HIS E 86 25.90 8.71 12.36
CA HIS E 86 26.61 8.65 11.07
C HIS E 86 27.04 7.22 10.74
N ALA E 87 27.54 6.50 11.73
CA ALA E 87 27.96 5.11 11.52
C ALA E 87 26.74 4.28 11.15
N VAL E 88 25.64 4.50 11.86
CA VAL E 88 24.39 3.79 11.61
C VAL E 88 23.87 4.13 10.21
N SER E 89 23.97 5.41 9.83
CA SER E 89 23.52 5.88 8.50
C SER E 89 24.30 5.20 7.38
N MSE E 90 25.61 5.06 7.57
N MSE E 90 25.61 5.05 7.56
CA MSE E 90 26.46 4.40 6.58
CA MSE E 90 26.43 4.38 6.56
C MSE E 90 26.11 2.91 6.44
C MSE E 90 26.05 2.92 6.43
O MSE E 90 26.13 2.38 5.35
O MSE E 90 26.00 2.39 5.32
CB MSE E 90 27.95 4.58 6.95
CB MSE E 90 27.92 4.48 6.89
CG MSE E 90 28.42 6.02 6.72
CG MSE E 90 28.52 5.85 6.68
SE MSE E 90 28.68 6.44 4.82
SE MSE E 90 30.45 5.73 6.81
CE MSE E 90 30.38 5.50 4.55
CE MSE E 90 30.80 4.58 5.29
N ILE E 91 25.79 2.25 7.56
CA ILE E 91 25.40 0.85 7.49
C ILE E 91 24.08 0.74 6.71
N ARG E 92 23.11 1.57 7.06
CA ARG E 92 21.81 1.57 6.36
C ARG E 92 21.99 1.80 4.87
N THR E 93 22.75 2.83 4.53
CA THR E 93 23.02 3.20 3.15
C THR E 93 23.66 2.05 2.39
N THR E 94 24.59 1.35 3.04
CA THR E 94 25.26 0.23 2.41
C THR E 94 24.28 -0.88 2.07
N MSE E 95 23.32 -1.16 2.97
CA MSE E 95 22.30 -2.18 2.74
C MSE E 95 21.46 -1.87 1.50
O MSE E 95 21.13 -2.77 0.70
CB MSE E 95 21.31 -2.27 3.91
CG MSE E 95 21.84 -2.49 5.32
SE MSE E 95 22.88 -4.09 5.54
CE MSE E 95 24.59 -3.50 4.82
N GLU E 96 21.05 -0.60 1.38
CA GLU E 96 20.26 -0.16 0.24
C GLU E 96 21.04 -0.33 -1.06
N MSE E 97 22.34 -0.06 -1.01
CA MSE E 97 23.21 -0.18 -2.19
C MSE E 97 23.30 -1.62 -2.67
O MSE E 97 23.31 -1.84 -3.88
CB MSE E 97 24.61 0.38 -1.95
CG MSE E 97 24.62 1.86 -1.71
SE MSE E 97 26.41 2.59 -1.49
CE MSE E 97 27.10 2.22 -3.26
N VAL E 98 23.34 -2.58 -1.74
CA VAL E 98 23.40 -4.00 -2.07
C VAL E 98 22.08 -4.44 -2.70
N GLU E 99 20.97 -4.11 -2.06
CA GLU E 99 19.68 -4.55 -2.62
C GLU E 99 19.32 -3.85 -3.93
N GLN E 100 19.86 -2.65 -4.18
CA GLN E 100 19.57 -1.90 -5.42
C GLN E 100 20.61 -2.13 -6.53
N LEU E 101 21.65 -2.88 -6.22
CA LEU E 101 22.67 -3.19 -7.21
C LEU E 101 21.96 -3.93 -8.37
N PRO E 102 22.37 -3.66 -9.62
CA PRO E 102 21.75 -4.32 -10.78
C PRO E 102 21.86 -5.82 -10.77
N GLN E 103 23.03 -6.31 -10.32
CA GLN E 103 23.33 -7.71 -10.32
C GLN E 103 22.86 -8.42 -9.04
N PRO E 104 22.53 -9.72 -9.17
CA PRO E 104 22.21 -10.40 -7.96
C PRO E 104 23.43 -10.46 -7.04
N VAL E 105 23.18 -10.40 -5.73
CA VAL E 105 24.26 -10.50 -4.73
C VAL E 105 23.94 -11.70 -3.83
N ILE E 106 24.87 -12.64 -3.76
CA ILE E 106 24.74 -13.86 -2.94
C ILE E 106 25.58 -13.76 -1.67
N ALA E 107 24.96 -13.95 -0.51
CA ALA E 107 25.69 -13.93 0.75
C ALA E 107 26.21 -15.34 1.05
N ALA E 108 27.53 -15.47 1.15
CA ALA E 108 28.17 -16.75 1.49
C ALA E 108 28.53 -16.61 2.95
N ILE E 109 27.71 -17.18 3.82
CA ILE E 109 27.84 -16.99 5.28
C ILE E 109 28.78 -18.07 5.86
N ASN E 110 30.01 -17.66 6.09
CA ASN E 110 31.09 -18.60 6.51
C ASN E 110 31.27 -18.81 7.99
N GLY E 111 30.46 -18.12 8.79
CA GLY E 111 30.57 -18.23 10.23
C GLY E 111 29.48 -17.41 10.86
N ILE E 112 29.74 -16.88 12.05
CA ILE E 112 28.73 -16.08 12.75
C ILE E 112 28.35 -14.81 12.00
N ALA E 113 27.06 -14.50 12.05
CA ALA E 113 26.50 -13.29 11.47
C ALA E 113 25.66 -12.72 12.59
N LEU E 114 26.00 -11.52 13.02
CA LEU E 114 25.26 -10.85 14.08
C LEU E 114 24.98 -9.43 13.68
N GLY E 115 23.88 -8.90 14.22
CA GLY E 115 23.47 -7.52 13.97
C GLY E 115 23.60 -7.09 12.54
N GLY E 116 24.46 -6.10 12.31
CA GLY E 116 24.71 -5.55 10.98
C GLY E 116 25.08 -6.61 9.95
N GLY E 117 25.76 -7.66 10.38
CA GLY E 117 26.14 -8.78 9.52
C GLY E 117 24.92 -9.59 9.12
N THR E 118 24.02 -9.83 10.06
CA THR E 118 22.79 -10.53 9.76
C THR E 118 21.96 -9.63 8.81
N GLU E 119 21.98 -8.34 9.06
CA GLU E 119 21.24 -7.37 8.25
C GLU E 119 21.85 -7.30 6.84
N LEU E 120 23.17 -7.40 6.76
CA LEU E 120 23.85 -7.44 5.49
C LEU E 120 23.39 -8.68 4.70
N SER E 121 23.33 -9.85 5.36
N SER E 121 23.35 -9.84 5.37
CA SER E 121 22.89 -11.07 4.66
CA SER E 121 22.88 -11.08 4.72
C SER E 121 21.46 -10.93 4.14
C SER E 121 21.47 -10.92 4.16
N LEU E 122 20.60 -10.25 4.90
CA LEU E 122 19.20 -10.04 4.49
C LEU E 122 19.08 -9.10 3.31
N ALA E 123 20.04 -8.18 3.16
CA ALA E 123 20.04 -7.24 2.05
C ALA E 123 20.46 -7.92 0.74
N CYS E 124 21.18 -9.04 0.85
CA CYS E 124 21.56 -9.80 -0.32
C CYS E 124 20.31 -10.47 -0.91
N ASP E 125 20.38 -10.82 -2.20
CA ASP E 125 19.28 -11.46 -2.87
C ASP E 125 18.94 -12.82 -2.24
N PHE E 126 19.95 -13.63 -1.95
CA PHE E 126 19.74 -14.88 -1.26
C PHE E 126 21.02 -15.28 -0.54
N ARG E 127 20.90 -16.30 0.31
CA ARG E 127 21.98 -16.70 1.19
C ARG E 127 22.30 -18.17 1.16
N ILE E 128 23.58 -18.49 1.20
N ILE E 128 23.59 -18.47 1.23
CA ILE E 128 24.04 -19.88 1.29
CA ILE E 128 24.11 -19.83 1.30
C ILE E 128 24.96 -19.87 2.52
C ILE E 128 24.94 -19.82 2.56
N ALA E 129 24.72 -20.79 3.44
CA ALA E 129 25.48 -20.86 4.70
C ALA E 129 26.31 -22.12 4.88
N ALA E 130 27.45 -21.98 5.56
CA ALA E 130 28.25 -23.13 5.96
C ALA E 130 27.49 -23.78 7.11
N GLU E 131 27.58 -25.11 7.22
CA GLU E 131 26.91 -25.89 8.26
C GLU E 131 27.14 -25.35 9.68
N SER E 132 28.31 -24.77 9.93
CA SER E 132 28.68 -24.25 11.23
C SER E 132 28.38 -22.75 11.46
N ALA E 133 27.71 -22.10 10.50
CA ALA E 133 27.39 -20.68 10.63
C ALA E 133 26.23 -20.52 11.60
N SER E 134 26.01 -19.28 12.03
CA SER E 134 24.91 -18.95 12.92
C SER E 134 24.50 -17.52 12.64
N LEU E 135 23.22 -17.23 12.90
CA LEU E 135 22.67 -15.93 12.63
C LEU E 135 21.79 -15.47 13.77
N GLY E 136 21.75 -14.17 13.99
CA GLY E 136 20.88 -13.62 15.01
C GLY E 136 20.86 -12.11 15.02
N LEU E 137 19.77 -11.59 15.55
CA LEU E 137 19.60 -10.15 15.79
C LEU E 137 19.45 -10.09 17.30
N THR E 138 20.57 -9.89 18.01
CA THR E 138 20.56 -9.91 19.48
C THR E 138 20.29 -8.53 20.11
N GLU E 139 19.97 -7.55 19.27
CA GLU E 139 19.78 -6.16 19.70
C GLU E 139 18.92 -5.92 20.96
N THR E 140 17.79 -6.59 21.08
CA THR E 140 16.94 -6.40 22.26
C THR E 140 17.62 -6.83 23.58
N THR E 141 18.63 -7.71 23.51
CA THR E 141 19.33 -8.15 24.72
C THR E 141 20.25 -7.04 25.24
N LEU E 142 20.50 -6.06 24.37
N LEU E 142 20.53 -6.06 24.38
CA LEU E 142 21.34 -4.90 24.69
CA LEU E 142 21.34 -4.90 24.75
C LEU E 142 20.46 -3.66 24.81
C LEU E 142 20.46 -3.65 24.81
N ALA E 143 19.14 -3.86 24.87
CA ALA E 143 18.15 -2.75 24.96
C ALA E 143 18.10 -1.78 23.77
N ILE E 144 18.44 -2.26 22.58
CA ILE E 144 18.29 -1.51 21.34
C ILE E 144 17.51 -2.39 20.36
N ILE E 145 17.34 -1.91 19.13
CA ILE E 145 16.65 -2.70 18.12
C ILE E 145 17.54 -2.76 16.87
N PRO E 146 17.26 -3.69 15.96
CA PRO E 146 18.01 -3.68 14.70
C PRO E 146 17.93 -2.30 14.05
N GLY E 147 19.07 -1.73 13.69
CA GLY E 147 19.07 -0.37 13.13
C GLY E 147 19.37 -0.24 11.63
N ALA E 148 19.56 -1.37 10.96
CA ALA E 148 19.84 -1.36 9.53
C ALA E 148 18.93 -2.33 8.76
N GLY E 149 17.64 -2.29 9.10
CA GLY E 149 16.59 -3.05 8.39
C GLY E 149 16.19 -4.42 8.88
N GLY E 150 16.80 -4.91 9.95
CA GLY E 150 16.45 -6.23 10.49
C GLY E 150 14.97 -6.38 10.83
N THR E 151 14.35 -5.33 11.38
CA THR E 151 12.91 -5.40 11.72
C THR E 151 11.99 -5.46 10.50
N GLN E 152 12.51 -5.11 9.34
CA GLN E 152 11.76 -5.03 8.09
C GLN E 152 12.06 -6.19 7.13
N ARG E 153 13.35 -6.45 6.93
CA ARG E 153 13.76 -7.50 5.99
C ARG E 153 13.53 -8.90 6.54
N LEU E 154 13.66 -9.08 7.85
CA LEU E 154 13.44 -10.42 8.44
C LEU E 154 12.00 -10.93 8.31
N PRO E 155 10.99 -10.13 8.76
CA PRO E 155 9.61 -10.63 8.64
C PRO E 155 9.19 -10.82 7.15
N ARG E 156 9.70 -9.97 6.28
CA ARG E 156 9.46 -10.11 4.84
C ARG E 156 9.95 -11.46 4.29
N LEU E 157 11.09 -11.94 4.77
CA LEU E 157 11.65 -13.19 4.31
C LEU E 157 11.06 -14.45 4.96
N ILE E 158 10.90 -14.42 6.29
CA ILE E 158 10.47 -15.61 7.04
C ILE E 158 9.11 -15.55 7.75
N GLY E 159 8.36 -14.47 7.55
CA GLY E 159 7.07 -14.35 8.19
C GLY E 159 7.15 -13.59 9.48
N VAL E 160 6.05 -12.95 9.83
N VAL E 160 6.07 -12.93 9.85
CA VAL E 160 5.99 -12.11 11.01
CA VAL E 160 6.04 -12.11 11.05
C VAL E 160 6.16 -12.85 12.34
C VAL E 160 6.20 -12.88 12.35
N GLY E 161 5.55 -14.03 12.45
CA GLY E 161 5.62 -14.80 13.67
C GLY E 161 7.03 -15.18 14.08
N ARG E 162 7.80 -15.70 13.13
CA ARG E 162 9.15 -16.14 13.44
C ARG E 162 10.07 -14.94 13.61
N ALA E 163 9.86 -13.89 12.83
CA ALA E 163 10.69 -12.68 12.96
C ALA E 163 10.53 -12.09 14.36
N LYS E 164 9.28 -12.02 14.81
CA LYS E 164 8.95 -11.55 16.16
C LYS E 164 9.65 -12.38 17.23
N GLU E 165 9.50 -13.71 17.16
CA GLU E 165 10.14 -14.58 18.14
C GLU E 165 11.65 -14.34 18.23
N LEU E 166 12.33 -14.30 17.08
CA LEU E 166 13.77 -14.11 17.06
C LEU E 166 14.20 -12.73 17.51
N ILE E 167 13.46 -11.71 17.12
CA ILE E 167 13.84 -10.34 17.49
C ILE E 167 13.49 -10.04 18.95
N TYR E 168 12.32 -10.47 19.42
CA TYR E 168 11.93 -10.23 20.83
C TYR E 168 12.86 -10.93 21.81
N THR E 169 13.23 -12.18 21.52
CA THR E 169 14.11 -12.95 22.37
C THR E 169 15.56 -12.63 22.15
N GLY E 170 15.89 -12.27 20.91
CA GLY E 170 17.28 -11.95 20.53
C GLY E 170 18.16 -13.17 20.42
N ARG E 171 17.57 -14.34 20.17
CA ARG E 171 18.37 -15.57 20.11
C ARG E 171 19.11 -15.81 18.79
N ARG E 172 20.30 -16.38 18.93
CA ARG E 172 21.13 -16.75 17.79
C ARG E 172 20.73 -18.17 17.40
N ILE E 173 20.65 -18.44 16.09
CA ILE E 173 20.23 -19.75 15.61
C ILE E 173 21.28 -20.36 14.67
N SER E 174 21.25 -21.67 14.59
CA SER E 174 22.18 -22.41 13.76
C SER E 174 21.78 -22.29 12.29
N ALA E 175 22.68 -22.67 11.39
CA ALA E 175 22.39 -22.66 9.96
C ALA E 175 21.22 -23.61 9.63
N GLN E 176 21.13 -24.73 10.38
CA GLN E 176 20.08 -25.72 10.13
C GLN E 176 18.72 -25.15 10.48
N GLU E 177 18.64 -24.47 11.61
N GLU E 177 18.62 -24.44 11.60
CA GLU E 177 17.43 -23.79 12.06
CA GLU E 177 17.35 -23.85 11.98
C GLU E 177 17.04 -22.72 11.03
C GLU E 177 17.01 -22.70 11.03
N ALA E 178 18.03 -21.95 10.62
CA ALA E 178 17.83 -20.88 9.65
C ALA E 178 17.24 -21.46 8.36
N LYS E 179 17.75 -22.63 7.95
CA LYS E 179 17.27 -23.28 6.74
C LYS E 179 15.81 -23.69 6.90
N GLU E 180 15.46 -24.23 8.06
CA GLU E 180 14.09 -24.62 8.34
C GLU E 180 13.11 -23.43 8.21
N TYR E 181 13.54 -22.26 8.71
N TYR E 181 13.52 -22.26 8.69
CA TYR E 181 12.69 -21.06 8.68
CA TYR E 181 12.63 -21.09 8.64
C TYR E 181 12.69 -20.33 7.33
C TYR E 181 12.73 -20.27 7.35
N GLY E 182 13.63 -20.67 6.46
CA GLY E 182 13.76 -19.98 5.17
C GLY E 182 14.60 -18.72 5.26
N LEU E 183 15.35 -18.57 6.35
CA LEU E 183 16.29 -17.42 6.52
C LEU E 183 17.52 -17.60 5.58
N VAL E 184 17.98 -18.83 5.42
CA VAL E 184 19.06 -19.14 4.45
C VAL E 184 18.44 -20.13 3.45
N GLU E 185 18.78 -19.99 2.18
CA GLU E 185 18.22 -20.84 1.13
C GLU E 185 18.94 -22.16 0.93
N PHE E 186 20.23 -22.18 1.27
CA PHE E 186 21.04 -23.36 1.14
C PHE E 186 22.03 -23.46 2.29
N VAL E 187 22.28 -24.69 2.70
CA VAL E 187 23.30 -24.99 3.71
C VAL E 187 24.20 -26.11 3.19
N VAL E 188 25.53 -25.90 3.27
CA VAL E 188 26.50 -26.89 2.80
C VAL E 188 27.65 -27.03 3.81
N PRO E 189 28.42 -28.15 3.74
CA PRO E 189 29.59 -28.29 4.63
C PRO E 189 30.54 -27.10 4.46
N VAL E 190 31.21 -26.71 5.55
CA VAL E 190 32.10 -25.54 5.54
C VAL E 190 33.14 -25.52 4.41
N HIS E 191 33.76 -26.65 4.14
CA HIS E 191 34.81 -26.74 3.09
C HIS E 191 34.24 -26.67 1.66
N LEU E 192 32.91 -26.64 1.55
CA LEU E 192 32.26 -26.55 0.25
C LEU E 192 31.53 -25.20 0.03
N LEU E 193 31.53 -24.32 1.02
CA LEU E 193 30.81 -23.04 0.88
C LEU E 193 31.21 -22.24 -0.37
N GLU E 194 32.50 -21.99 -0.52
CA GLU E 194 32.96 -21.17 -1.65
C GLU E 194 32.62 -21.80 -2.98
N GLU E 195 32.91 -23.09 -3.14
CA GLU E 195 32.66 -23.69 -4.43
C GLU E 195 31.17 -23.77 -4.78
N LYS E 196 30.30 -24.00 -3.79
N LYS E 196 30.31 -23.97 -3.79
CA LYS E 196 28.87 -24.04 -4.08
CA LYS E 196 28.86 -24.07 -4.01
C LYS E 196 28.33 -22.65 -4.38
C LYS E 196 28.28 -22.68 -4.33
N ALA E 197 28.85 -21.64 -3.70
CA ALA E 197 28.43 -20.25 -3.98
C ALA E 197 28.85 -19.93 -5.43
N ILE E 198 30.05 -20.37 -5.81
CA ILE E 198 30.57 -20.17 -7.18
C ILE E 198 29.76 -20.95 -8.20
N GLU E 199 29.41 -22.19 -7.85
CA GLU E 199 28.59 -23.01 -8.74
C GLU E 199 27.26 -22.32 -9.06
N ILE E 200 26.59 -21.82 -8.03
CA ILE E 200 25.29 -21.15 -8.23
C ILE E 200 25.48 -19.85 -9.02
N ALA E 201 26.49 -19.08 -8.63
CA ALA E 201 26.80 -17.82 -9.32
C ALA E 201 27.07 -18.07 -10.82
N GLU E 202 27.77 -19.14 -11.14
CA GLU E 202 28.06 -19.49 -12.54
C GLU E 202 26.80 -19.79 -13.33
N LYS E 203 25.83 -20.44 -12.70
CA LYS E 203 24.60 -20.76 -13.37
C LYS E 203 23.84 -19.46 -13.68
N ILE E 204 23.80 -18.55 -12.71
CA ILE E 204 23.14 -17.27 -12.89
C ILE E 204 23.84 -16.47 -14.01
N ALA E 205 25.16 -16.48 -13.98
CA ALA E 205 26.00 -15.78 -14.96
C ALA E 205 25.91 -16.34 -16.38
N SER E 206 25.39 -17.56 -16.54
CA SER E 206 25.25 -18.15 -17.87
C SER E 206 23.89 -17.77 -18.48
N ASN E 207 23.04 -17.11 -17.68
CA ASN E 207 21.73 -16.68 -18.14
C ASN E 207 21.79 -15.27 -18.69
N GLY E 208 20.73 -14.85 -19.39
CA GLY E 208 20.72 -13.54 -20.02
C GLY E 208 20.89 -12.44 -19.00
N PRO E 209 21.96 -11.64 -19.11
CA PRO E 209 22.16 -10.58 -18.08
C PRO E 209 21.08 -9.48 -18.03
N ILE E 210 20.55 -9.08 -19.18
CA ILE E 210 19.48 -8.07 -19.18
C ILE E 210 18.26 -8.65 -18.46
N ALA E 211 17.98 -9.92 -18.77
CA ALA E 211 16.82 -10.61 -18.16
C ALA E 211 16.99 -10.78 -16.66
N VAL E 212 18.17 -11.22 -16.21
CA VAL E 212 18.40 -11.37 -14.77
C VAL E 212 18.26 -10.03 -14.06
N ARG E 213 18.81 -8.98 -14.65
CA ARG E 213 18.71 -7.65 -14.04
C ARG E 213 17.25 -7.19 -13.98
N LEU E 214 16.50 -7.43 -15.06
CA LEU E 214 15.10 -7.03 -15.10
C LEU E 214 14.26 -7.85 -14.11
N ALA E 215 14.61 -9.13 -13.94
CA ALA E 215 13.95 -10.00 -12.98
C ALA E 215 14.16 -9.46 -11.56
N LYS E 216 15.40 -9.06 -11.23
CA LYS E 216 15.67 -8.52 -9.90
C LYS E 216 14.80 -7.28 -9.63
N GLU E 217 14.71 -6.38 -10.61
N GLU E 217 14.72 -6.40 -10.63
CA GLU E 217 13.90 -5.16 -10.48
CA GLU E 217 13.91 -5.18 -10.54
C GLU E 217 12.42 -5.47 -10.31
C GLU E 217 12.43 -5.47 -10.32
N ALA E 218 11.88 -6.35 -11.15
CA ALA E 218 10.45 -6.71 -11.06
C ALA E 218 10.09 -7.35 -9.73
N ILE E 219 10.89 -8.30 -9.29
CA ILE E 219 10.65 -8.94 -8.00
C ILE E 219 10.83 -7.94 -6.83
N SER E 220 11.96 -7.26 -6.78
CA SER E 220 12.31 -6.38 -5.64
C SER E 220 11.30 -5.23 -5.44
N ASN E 221 10.87 -4.65 -6.55
CA ASN E 221 9.90 -3.55 -6.52
C ASN E 221 8.46 -4.02 -6.49
N GLY E 222 8.12 -5.01 -7.31
CA GLY E 222 6.78 -5.54 -7.39
C GLY E 222 6.22 -6.11 -6.10
N ILE E 223 7.07 -6.79 -5.32
CA ILE E 223 6.64 -7.40 -4.05
C ILE E 223 6.26 -6.36 -2.99
N GLN E 224 6.62 -5.09 -3.20
CA GLN E 224 6.34 -4.03 -2.24
C GLN E 224 4.93 -3.46 -2.35
N VAL E 225 4.20 -3.83 -3.40
CA VAL E 225 2.87 -3.29 -3.61
C VAL E 225 1.83 -4.37 -3.83
N ASP E 226 0.64 -3.98 -4.25
CA ASP E 226 -0.42 -4.94 -4.50
C ASP E 226 -0.13 -5.75 -5.76
N LEU E 227 -0.71 -6.94 -5.84
CA LEU E 227 -0.47 -7.80 -6.98
C LEU E 227 -0.80 -7.15 -8.32
N HIS E 228 -1.93 -6.46 -8.41
CA HIS E 228 -2.33 -5.87 -9.70
C HIS E 228 -1.25 -4.90 -10.21
N THR E 229 -0.76 -4.03 -9.34
CA THR E 229 0.29 -3.08 -9.75
C THR E 229 1.60 -3.83 -10.07
N GLY E 230 1.96 -4.78 -9.21
CA GLY E 230 3.16 -5.62 -9.41
C GLY E 230 3.14 -6.27 -10.79
N LEU E 231 1.98 -6.78 -11.19
CA LEU E 231 1.83 -7.37 -12.53
C LEU E 231 2.09 -6.35 -13.65
N GLN E 232 1.63 -5.11 -13.46
N GLN E 232 1.78 -5.07 -13.41
CA GLN E 232 1.79 -4.06 -14.49
CA GLN E 232 2.06 -4.01 -14.39
C GLN E 232 3.26 -3.72 -14.61
C GLN E 232 3.57 -3.76 -14.44
N MSE E 233 3.97 -3.79 -13.47
N MSE E 233 4.23 -3.82 -13.28
CA MSE E 233 5.42 -3.57 -13.43
CA MSE E 233 5.65 -3.62 -13.24
C MSE E 233 6.16 -4.67 -14.20
C MSE E 233 6.34 -4.73 -14.02
O MSE E 233 7.04 -4.37 -15.02
O MSE E 233 7.36 -4.51 -14.67
CB MSE E 233 5.95 -3.46 -11.98
CB MSE E 233 6.10 -3.57 -11.79
CG MSE E 233 5.41 -2.27 -11.18
CG MSE E 233 7.44 -2.99 -11.61
SE MSE E 233 6.34 -1.96 -9.44
SE MSE E 233 7.67 -2.65 -9.74
CE MSE E 233 8.08 -1.50 -10.20
CE MSE E 233 6.07 -1.58 -9.42
N GLU E 234 5.78 -5.92 -13.98
CA GLU E 234 6.35 -7.07 -14.69
C GLU E 234 6.14 -6.90 -16.19
N LYS E 235 4.96 -6.44 -16.58
CA LYS E 235 4.67 -6.19 -17.97
C LYS E 235 5.67 -5.22 -18.59
N GLN E 236 5.99 -4.14 -17.88
CA GLN E 236 6.92 -3.15 -18.42
C GLN E 236 8.32 -3.73 -18.47
N ALA E 237 8.65 -4.53 -17.47
CA ALA E 237 9.94 -5.18 -17.41
C ALA E 237 10.11 -6.14 -18.61
N TYR E 238 9.06 -6.88 -18.93
CA TYR E 238 9.12 -7.82 -20.06
C TYR E 238 9.42 -7.06 -21.36
N GLU E 239 8.92 -5.83 -21.51
CA GLU E 239 9.19 -5.02 -22.69
C GLU E 239 10.68 -4.80 -22.89
N GLY E 240 11.45 -4.87 -21.79
CA GLY E 240 12.90 -4.73 -21.80
C GLY E 240 13.67 -5.93 -22.34
N VAL E 241 13.04 -7.10 -22.43
CA VAL E 241 13.74 -8.26 -23.02
C VAL E 241 13.28 -8.50 -24.46
N ILE E 242 12.07 -8.02 -24.80
CA ILE E 242 11.50 -8.25 -26.12
C ILE E 242 12.36 -7.85 -27.34
N HIS E 243 13.04 -6.72 -27.30
CA HIS E 243 13.84 -6.27 -28.48
C HIS E 243 15.32 -6.61 -28.40
N THR E 244 15.70 -7.42 -27.42
CA THR E 244 17.10 -7.77 -27.21
C THR E 244 17.58 -8.90 -28.13
N LYS E 245 18.83 -8.81 -28.52
CA LYS E 245 19.45 -9.85 -29.31
C LYS E 245 19.64 -11.12 -28.46
N ASP E 246 19.80 -10.97 -27.14
CA ASP E 246 19.98 -12.12 -26.25
C ASP E 246 18.74 -13.04 -26.30
N ARG E 247 17.56 -12.44 -26.34
CA ARG E 247 16.33 -13.20 -26.44
C ARG E 247 16.34 -14.09 -27.69
N LEU E 248 16.78 -13.52 -28.82
CA LEU E 248 16.83 -14.28 -30.07
C LEU E 248 17.87 -15.40 -29.95
N GLU E 249 19.02 -15.08 -29.34
CA GLU E 249 20.09 -16.07 -29.11
C GLU E 249 19.58 -17.22 -28.23
N GLY E 250 18.71 -16.91 -27.28
CA GLY E 250 18.12 -17.92 -26.39
C GLY E 250 17.23 -18.88 -27.15
N LEU E 251 16.34 -18.33 -27.98
CA LEU E 251 15.47 -19.15 -28.80
C LEU E 251 16.27 -19.98 -29.82
N GLN E 252 17.38 -19.42 -30.31
CA GLN E 252 18.24 -20.11 -31.30
C GLN E 252 19.09 -21.20 -30.67
N ALA E 253 19.72 -20.86 -29.53
CA ALA E 253 20.56 -21.79 -28.79
C ALA E 253 19.73 -22.96 -28.29
N PHE E 254 18.50 -22.67 -27.88
CA PHE E 254 17.57 -23.70 -27.41
C PHE E 254 17.25 -24.65 -28.56
N LYS E 255 16.85 -24.09 -29.69
CA LYS E 255 16.51 -24.89 -30.88
C LYS E 255 17.67 -25.75 -31.38
N GLU E 256 18.88 -25.24 -31.29
CA GLU E 256 20.07 -25.98 -31.74
C GLU E 256 20.70 -26.85 -30.66
N LYS E 257 20.13 -26.84 -29.45
CA LYS E 257 20.65 -27.60 -28.32
C LYS E 257 22.12 -27.30 -28.06
N ARG E 258 22.41 -26.03 -27.82
CA ARG E 258 23.78 -25.57 -27.51
C ARG E 258 23.76 -24.47 -26.45
N THR E 259 24.93 -24.15 -25.91
CA THR E 259 25.07 -23.12 -24.90
C THR E 259 24.87 -21.73 -25.53
N PRO E 260 23.93 -20.93 -24.97
CA PRO E 260 23.78 -19.58 -25.52
C PRO E 260 24.96 -18.70 -25.12
N MSE E 261 25.32 -17.74 -25.96
CA MSE E 261 26.40 -16.80 -25.67
C MSE E 261 25.75 -15.43 -25.55
O MSE E 261 25.53 -14.75 -26.55
CB MSE E 261 27.45 -16.77 -26.78
CG MSE E 261 28.56 -15.72 -26.55
SE MSE E 261 29.99 -15.67 -27.88
CE MSE E 261 28.96 -15.23 -29.48
N TYR E 262 25.41 -15.03 -24.32
CA TYR E 262 24.77 -13.75 -24.11
C TYR E 262 25.80 -12.64 -23.96
N LYS E 263 25.46 -11.44 -24.39
CA LYS E 263 26.40 -10.32 -24.27
C LYS E 263 25.77 -9.03 -23.80
N GLY E 264 24.58 -9.14 -23.19
CA GLY E 264 23.89 -7.99 -22.66
C GLY E 264 23.39 -7.01 -23.71
N GLU E 265 22.82 -7.56 -24.78
CA GLU E 265 22.26 -6.76 -25.87
C GLU E 265 20.99 -7.42 -26.37
N LEU F 7 -12.73 -28.13 -26.44
CA LEU F 7 -13.03 -28.78 -27.76
C LEU F 7 -11.84 -29.55 -28.34
N GLN F 8 -10.82 -28.84 -28.81
CA GLN F 8 -9.65 -29.49 -29.44
C GLN F 8 -8.41 -29.52 -28.57
N ASN F 9 -8.12 -28.41 -27.90
CA ASN F 9 -6.90 -28.27 -27.08
C ASN F 9 -7.11 -28.38 -25.58
N ILE F 10 -8.36 -28.49 -25.16
N ILE F 10 -8.37 -28.46 -25.17
CA ILE F 10 -8.65 -28.68 -23.75
CA ILE F 10 -8.77 -28.55 -23.76
C ILE F 10 -9.86 -29.60 -23.63
C ILE F 10 -9.93 -29.53 -23.60
N SER F 11 -9.94 -30.27 -22.49
CA SER F 11 -11.04 -31.19 -22.21
C SER F 11 -11.67 -30.72 -20.89
N VAL F 12 -12.98 -30.85 -20.82
CA VAL F 12 -13.75 -30.47 -19.65
C VAL F 12 -14.54 -31.69 -19.19
N ASP F 13 -14.68 -31.81 -17.88
CA ASP F 13 -15.33 -32.96 -17.25
C ASP F 13 -16.18 -32.51 -16.07
N TYR F 14 -17.49 -32.72 -16.20
CA TYR F 14 -18.48 -32.41 -15.16
C TYR F 14 -19.07 -33.71 -14.60
N ALA F 15 -18.35 -34.81 -14.69
CA ALA F 15 -18.85 -36.11 -14.20
C ALA F 15 -19.01 -36.12 -12.66
N THR F 16 -18.17 -35.34 -11.96
CA THR F 16 -18.25 -35.19 -10.49
C THR F 16 -19.19 -34.03 -10.14
N PRO F 17 -20.22 -34.29 -9.32
CA PRO F 17 -21.15 -33.22 -8.94
C PRO F 17 -20.43 -32.01 -8.31
N HIS F 18 -20.86 -30.81 -8.72
CA HIS F 18 -20.32 -29.52 -8.23
C HIS F 18 -18.85 -29.24 -8.52
N VAL F 19 -18.21 -30.17 -9.22
CA VAL F 19 -16.79 -30.05 -9.56
C VAL F 19 -16.58 -30.14 -11.07
N VAL F 20 -15.75 -29.26 -11.60
CA VAL F 20 -15.42 -29.28 -13.03
C VAL F 20 -13.92 -29.46 -13.15
N LYS F 21 -13.51 -30.38 -14.02
CA LYS F 21 -12.10 -30.68 -14.24
C LYS F 21 -11.71 -30.24 -15.65
N ILE F 22 -10.76 -29.32 -15.73
CA ILE F 22 -10.27 -28.84 -17.02
C ILE F 22 -8.90 -29.45 -17.26
N SER F 23 -8.71 -30.10 -18.41
CA SER F 23 -7.41 -30.71 -18.71
C SER F 23 -6.80 -30.09 -19.97
N LEU F 24 -5.55 -29.64 -19.89
CA LEU F 24 -4.84 -29.10 -21.07
C LEU F 24 -4.59 -30.33 -21.94
N ASN F 25 -4.93 -30.27 -23.22
CA ASN F 25 -4.81 -31.46 -24.07
C ASN F 25 -4.00 -31.28 -25.37
N ARG F 26 -2.70 -31.02 -25.22
CA ARG F 26 -1.76 -30.91 -26.34
C ARG F 26 -0.53 -31.73 -25.94
N GLU F 27 -0.74 -33.02 -25.72
CA GLU F 27 0.33 -33.90 -25.24
C GLU F 27 1.57 -33.94 -26.11
N ARG F 28 1.39 -33.91 -27.43
CA ARG F 28 2.51 -33.94 -28.37
C ARG F 28 3.41 -32.71 -28.19
N GLN F 29 2.81 -31.58 -27.81
CA GLN F 29 3.56 -30.35 -27.58
C GLN F 29 3.72 -30.06 -26.07
N ALA F 30 3.66 -31.12 -25.24
CA ALA F 30 3.84 -31.03 -23.79
C ALA F 30 2.85 -30.05 -23.12
N ASN F 31 1.64 -29.99 -23.66
CA ASN F 31 0.59 -29.12 -23.15
C ASN F 31 1.04 -27.68 -23.03
N SER F 32 1.85 -27.23 -23.98
CA SER F 32 2.32 -25.85 -23.97
C SER F 32 1.14 -24.94 -24.36
N LEU F 33 1.25 -23.67 -23.98
CA LEU F 33 0.18 -22.69 -24.18
C LEU F 33 0.27 -21.99 -25.53
N SER F 34 -0.50 -22.50 -26.49
CA SER F 34 -0.59 -21.92 -27.82
C SER F 34 -1.73 -20.91 -27.80
N LEU F 35 -1.77 -20.04 -28.79
CA LEU F 35 -2.85 -19.05 -28.89
C LEU F 35 -4.23 -19.72 -28.94
N ALA F 36 -4.32 -20.79 -29.74
CA ALA F 36 -5.57 -21.54 -29.86
C ALA F 36 -6.00 -22.11 -28.52
N LEU F 37 -5.06 -22.69 -27.77
CA LEU F 37 -5.38 -23.23 -26.47
C LEU F 37 -5.83 -22.12 -25.52
N LEU F 38 -5.14 -20.98 -25.53
CA LEU F 38 -5.54 -19.86 -24.65
C LEU F 38 -6.97 -19.39 -24.95
N GLU F 39 -7.34 -19.33 -26.22
CA GLU F 39 -8.68 -18.89 -26.62
C GLU F 39 -9.74 -19.87 -26.09
N GLU F 40 -9.45 -21.16 -26.20
CA GLU F 40 -10.39 -22.19 -25.71
C GLU F 40 -10.51 -22.10 -24.19
N LEU F 41 -9.39 -21.94 -23.49
CA LEU F 41 -9.39 -21.86 -22.04
C LEU F 41 -10.16 -20.60 -21.60
N GLN F 42 -9.89 -19.44 -22.22
CA GLN F 42 -10.65 -18.22 -21.88
C GLN F 42 -12.16 -18.46 -22.00
N ASN F 43 -12.58 -19.11 -23.07
CA ASN F 43 -14.00 -19.43 -23.27
C ASN F 43 -14.61 -20.33 -22.19
N ILE F 44 -13.90 -21.37 -21.76
CA ILE F 44 -14.49 -22.22 -20.71
C ILE F 44 -14.47 -21.48 -19.37
N LEU F 45 -13.46 -20.66 -19.13
CA LEU F 45 -13.43 -19.89 -17.87
C LEU F 45 -14.62 -18.89 -17.84
N THR F 46 -14.95 -18.32 -18.99
CA THR F 46 -16.08 -17.39 -19.09
C THR F 46 -17.39 -18.11 -18.70
N GLN F 47 -17.55 -19.33 -19.20
CA GLN F 47 -18.71 -20.17 -18.89
C GLN F 47 -18.78 -20.56 -17.40
N ILE F 48 -17.68 -21.04 -16.86
CA ILE F 48 -17.64 -21.46 -15.46
C ILE F 48 -17.92 -20.30 -14.50
N ASN F 49 -17.45 -19.10 -14.86
CA ASN F 49 -17.69 -17.90 -14.07
C ASN F 49 -19.18 -17.71 -13.77
N GLU F 50 -20.03 -18.11 -14.71
CA GLU F 50 -21.49 -17.94 -14.52
C GLU F 50 -22.18 -19.21 -14.00
N GLU F 51 -21.43 -20.26 -13.70
CA GLU F 51 -22.03 -21.52 -13.22
C GLU F 51 -22.20 -21.52 -11.70
N ALA F 52 -23.42 -21.24 -11.25
CA ALA F 52 -23.73 -21.22 -9.81
C ALA F 52 -23.56 -22.60 -9.17
N ASN F 53 -23.85 -23.65 -9.93
CA ASN F 53 -23.77 -25.00 -9.41
C ASN F 53 -22.34 -25.55 -9.37
N THR F 54 -21.39 -24.87 -10.01
CA THR F 54 -20.01 -25.32 -10.00
C THR F 54 -19.31 -24.68 -8.79
N ARG F 55 -18.87 -25.53 -7.86
CA ARG F 55 -18.28 -25.07 -6.60
C ARG F 55 -16.76 -25.10 -6.53
N VAL F 56 -16.15 -25.96 -7.33
CA VAL F 56 -14.72 -26.09 -7.33
C VAL F 56 -14.21 -26.47 -8.73
N VAL F 57 -13.04 -25.95 -9.10
CA VAL F 57 -12.43 -26.25 -10.39
C VAL F 57 -11.08 -26.93 -10.18
N ILE F 58 -10.79 -27.97 -10.98
CA ILE F 58 -9.49 -28.63 -10.97
C ILE F 58 -8.88 -28.39 -12.35
N LEU F 59 -7.62 -27.96 -12.38
CA LEU F 59 -6.90 -27.72 -13.62
C LEU F 59 -5.73 -28.69 -13.67
N THR F 60 -5.62 -29.44 -14.76
CA THR F 60 -4.55 -30.44 -14.89
C THR F 60 -4.15 -30.58 -16.36
N GLY F 61 -3.14 -31.40 -16.61
CA GLY F 61 -2.66 -31.66 -17.97
C GLY F 61 -2.91 -33.11 -18.34
N ALA F 62 -3.16 -33.35 -19.63
CA ALA F 62 -3.40 -34.71 -20.13
C ALA F 62 -2.08 -35.48 -20.19
N GLY F 63 -2.12 -36.79 -19.92
CA GLY F 63 -0.92 -37.63 -19.99
C GLY F 63 -0.13 -37.72 -18.68
N GLU F 64 1.04 -38.34 -18.73
CA GLU F 64 1.86 -38.53 -17.52
C GLU F 64 3.21 -37.77 -17.52
N LYS F 65 3.50 -37.04 -18.61
CA LYS F 65 4.77 -36.34 -18.73
C LYS F 65 4.70 -34.85 -18.42
N ALA F 66 3.58 -34.21 -18.74
CA ALA F 66 3.50 -32.75 -18.58
C ALA F 66 2.19 -32.15 -18.09
N PHE F 67 2.32 -31.20 -17.17
CA PHE F 67 1.19 -30.40 -16.71
C PHE F 67 1.07 -29.31 -17.76
N CYS F 68 2.18 -28.59 -17.93
CA CYS F 68 2.27 -27.52 -18.93
C CYS F 68 3.73 -27.11 -19.05
N ALA F 69 4.31 -27.31 -20.23
CA ALA F 69 5.70 -26.96 -20.49
C ALA F 69 5.93 -25.46 -20.66
N GLY F 70 4.85 -24.67 -20.62
CA GLY F 70 4.97 -23.20 -20.73
C GLY F 70 4.45 -22.67 -22.04
N ALA F 71 4.83 -21.46 -22.41
CA ALA F 71 4.42 -20.89 -23.70
C ALA F 71 4.98 -21.77 -24.82
N ASP F 72 4.22 -21.89 -25.90
CA ASP F 72 4.64 -22.71 -27.05
C ASP F 72 5.80 -21.99 -27.75
N LEU F 73 7.00 -22.58 -27.66
CA LEU F 73 8.23 -21.99 -28.22
C LEU F 73 8.36 -22.11 -29.73
N LYS F 74 7.71 -23.10 -30.31
CA LYS F 74 7.69 -23.27 -31.75
C LYS F 74 6.95 -22.04 -32.28
N GLU F 75 5.80 -21.78 -31.65
CA GLU F 75 4.94 -20.67 -32.02
C GLU F 75 5.62 -19.34 -31.72
N ARG F 76 6.23 -19.25 -30.55
CA ARG F 76 6.92 -18.03 -30.13
C ARG F 76 8.05 -17.63 -31.06
N ALA F 77 8.85 -18.60 -31.50
CA ALA F 77 9.98 -18.35 -32.40
C ALA F 77 9.56 -17.73 -33.74
N GLY F 78 8.32 -18.00 -34.17
CA GLY F 78 7.81 -17.49 -35.44
C GLY F 78 7.07 -16.15 -35.35
N MSE F 79 7.06 -15.55 -34.17
CA MSE F 79 6.38 -14.29 -33.96
C MSE F 79 7.30 -13.07 -33.99
O MSE F 79 8.39 -13.07 -33.44
CB MSE F 79 5.70 -14.32 -32.58
CG MSE F 79 4.64 -15.36 -32.46
SE MSE F 79 3.94 -15.28 -30.66
CE MSE F 79 2.45 -16.54 -30.82
N ASN F 80 6.83 -12.02 -34.66
CA ASN F 80 7.56 -10.76 -34.67
C ASN F 80 7.29 -10.08 -33.32
N GLU F 81 7.99 -8.98 -33.03
CA GLU F 81 7.80 -8.32 -31.72
C GLU F 81 6.34 -7.97 -31.39
N GLU F 82 5.59 -7.50 -32.38
CA GLU F 82 4.18 -7.14 -32.18
C GLU F 82 3.34 -8.35 -31.77
N GLN F 83 3.58 -9.48 -32.44
CA GLN F 83 2.86 -10.72 -32.13
C GLN F 83 3.27 -11.26 -30.76
N VAL F 84 4.56 -11.13 -30.43
CA VAL F 84 5.03 -11.56 -29.11
C VAL F 84 4.25 -10.81 -28.01
N ARG F 85 4.08 -9.50 -28.17
CA ARG F 85 3.34 -8.71 -27.19
C ARG F 85 1.89 -9.18 -27.06
N HIS F 86 1.23 -9.45 -28.18
CA HIS F 86 -0.14 -9.95 -28.13
C HIS F 86 -0.22 -11.32 -27.43
N ALA F 87 0.70 -12.22 -27.75
CA ALA F 87 0.73 -13.54 -27.13
C ALA F 87 0.93 -13.45 -25.61
N VAL F 88 1.90 -12.66 -25.18
CA VAL F 88 2.13 -12.53 -23.73
C VAL F 88 0.90 -11.89 -23.08
N SER F 89 0.27 -10.94 -23.78
CA SER F 89 -0.95 -10.31 -23.29
C SER F 89 -2.04 -11.36 -23.06
N MSE F 90 -2.23 -12.25 -24.03
N MSE F 90 -2.26 -12.26 -24.03
CA MSE F 90 -3.22 -13.33 -23.93
CA MSE F 90 -3.27 -13.33 -23.86
C MSE F 90 -2.96 -14.28 -22.77
C MSE F 90 -2.95 -14.21 -22.67
O MSE F 90 -3.89 -14.72 -22.10
O MSE F 90 -3.84 -14.54 -21.88
CB MSE F 90 -3.30 -14.11 -25.25
CB MSE F 90 -3.41 -14.25 -25.06
CG MSE F 90 -3.97 -13.34 -26.34
CG MSE F 90 -4.32 -13.77 -26.16
SE MSE F 90 -5.88 -13.15 -25.96
SE MSE F 90 -4.93 -15.33 -27.20
CE MSE F 90 -6.42 -15.02 -26.18
CE MSE F 90 -6.18 -16.09 -25.91
N ILE F 91 -1.69 -14.61 -22.54
CA ILE F 91 -1.30 -15.48 -21.45
C ILE F 91 -1.59 -14.77 -20.10
N ARG F 92 -1.16 -13.52 -19.96
CA ARG F 92 -1.40 -12.75 -18.72
C ARG F 92 -2.86 -12.69 -18.36
N THR F 93 -3.67 -12.39 -19.37
CA THR F 93 -5.10 -12.22 -19.18
C THR F 93 -5.77 -13.54 -18.75
N THR F 94 -5.31 -14.64 -19.32
CA THR F 94 -5.84 -15.96 -18.96
C THR F 94 -5.53 -16.28 -17.49
N MSE F 95 -4.32 -15.92 -17.04
CA MSE F 95 -3.93 -16.13 -15.65
C MSE F 95 -4.88 -15.36 -14.74
O MSE F 95 -5.34 -15.89 -13.72
CB MSE F 95 -2.50 -15.68 -15.36
CG MSE F 95 -1.41 -16.30 -16.19
SE MSE F 95 -1.41 -18.23 -16.16
CE MSE F 95 0.24 -18.57 -17.18
N GLU F 96 -5.15 -14.10 -15.07
CA GLU F 96 -6.06 -13.28 -14.28
C GLU F 96 -7.46 -13.88 -14.21
N MSE F 97 -7.92 -14.43 -15.32
CA MSE F 97 -9.26 -15.07 -15.38
C MSE F 97 -9.37 -16.28 -14.48
O MSE F 97 -10.41 -16.46 -13.80
CB MSE F 97 -9.62 -15.41 -16.82
CG MSE F 97 -9.84 -14.17 -17.68
SE MSE F 97 -10.24 -14.66 -19.52
CE MSE F 97 -11.69 -15.79 -19.18
N VAL F 98 -8.32 -17.09 -14.45
CA VAL F 98 -8.24 -18.25 -13.55
C VAL F 98 -8.27 -17.78 -12.09
N GLU F 99 -7.42 -16.82 -11.72
N GLU F 99 -7.39 -16.81 -11.76
CA GLU F 99 -7.42 -16.40 -10.33
CA GLU F 99 -7.33 -16.23 -10.42
C GLU F 99 -8.68 -15.63 -9.90
C GLU F 99 -8.64 -15.62 -9.93
N GLN F 100 -9.35 -14.96 -10.83
CA GLN F 100 -10.57 -14.23 -10.49
C GLN F 100 -11.85 -15.05 -10.58
N LEU F 101 -11.75 -16.33 -10.92
CA LEU F 101 -12.95 -17.17 -10.92
C LEU F 101 -13.53 -17.16 -9.53
N PRO F 102 -14.87 -17.15 -9.43
CA PRO F 102 -15.46 -17.18 -8.09
C PRO F 102 -15.12 -18.45 -7.30
N GLN F 103 -14.93 -19.57 -8.00
CA GLN F 103 -14.67 -20.83 -7.35
C GLN F 103 -13.19 -21.05 -7.05
N PRO F 104 -12.88 -21.78 -5.97
CA PRO F 104 -11.50 -22.19 -5.76
C PRO F 104 -10.99 -23.00 -6.95
N VAL F 105 -9.75 -22.78 -7.35
CA VAL F 105 -9.18 -23.54 -8.44
C VAL F 105 -8.00 -24.30 -7.88
N ILE F 106 -8.01 -25.63 -8.05
CA ILE F 106 -6.93 -26.49 -7.61
C ILE F 106 -6.08 -26.96 -8.81
N ALA F 107 -4.79 -26.64 -8.79
CA ALA F 107 -3.87 -27.14 -9.81
C ALA F 107 -3.42 -28.56 -9.44
N ALA F 108 -3.68 -29.53 -10.32
CA ALA F 108 -3.24 -30.91 -10.13
C ALA F 108 -2.08 -31.10 -11.11
N ILE F 109 -0.87 -30.99 -10.58
CA ILE F 109 0.35 -31.00 -11.37
C ILE F 109 0.85 -32.42 -11.61
N ASN F 110 0.51 -32.94 -12.80
CA ASN F 110 0.80 -34.32 -13.21
C ASN F 110 2.16 -34.61 -13.85
N GLY F 111 2.92 -33.58 -14.17
CA GLY F 111 4.22 -33.77 -14.78
C GLY F 111 4.96 -32.44 -14.81
N ILE F 112 5.74 -32.20 -15.85
CA ILE F 112 6.50 -30.95 -15.90
C ILE F 112 5.57 -29.74 -15.92
N ALA F 113 5.97 -28.71 -15.18
CA ALA F 113 5.29 -27.43 -15.13
C ALA F 113 6.42 -26.41 -15.14
N LEU F 114 6.78 -25.95 -16.33
CA LEU F 114 7.91 -25.03 -16.50
C LEU F 114 7.47 -23.68 -17.08
N GLY F 115 8.11 -22.60 -16.64
CA GLY F 115 7.78 -21.25 -17.13
C GLY F 115 6.30 -20.95 -16.95
N GLY F 116 5.63 -20.69 -18.07
CA GLY F 116 4.20 -20.44 -18.07
C GLY F 116 3.43 -21.53 -17.35
N GLY F 117 3.98 -22.74 -17.30
CA GLY F 117 3.34 -23.88 -16.58
C GLY F 117 3.33 -23.67 -15.07
N THR F 118 4.45 -23.19 -14.52
CA THR F 118 4.51 -22.86 -13.09
C THR F 118 3.63 -21.61 -12.86
N GLU F 119 3.68 -20.68 -13.81
CA GLU F 119 2.87 -19.46 -13.71
C GLU F 119 1.39 -19.81 -13.65
N LEU F 120 0.98 -20.76 -14.47
CA LEU F 120 -0.37 -21.23 -14.48
C LEU F 120 -0.75 -21.83 -13.11
N SER F 121 0.14 -22.64 -12.55
CA SER F 121 -0.09 -23.23 -11.23
C SER F 121 -0.21 -22.19 -10.14
N LEU F 122 0.56 -21.10 -10.27
CA LEU F 122 0.55 -20.01 -9.31
C LEU F 122 -0.77 -19.22 -9.34
N ALA F 123 -1.41 -19.20 -10.51
CA ALA F 123 -2.70 -18.53 -10.66
C ALA F 123 -3.83 -19.30 -10.00
N CYS F 124 -3.59 -20.57 -9.66
CA CYS F 124 -4.61 -21.36 -8.98
C CYS F 124 -4.54 -21.07 -7.47
N ASP F 125 -5.65 -21.36 -6.78
CA ASP F 125 -5.73 -21.13 -5.33
C ASP F 125 -4.67 -21.95 -4.56
N PHE F 126 -4.56 -23.23 -4.89
CA PHE F 126 -3.51 -24.08 -4.30
C PHE F 126 -3.17 -25.23 -5.25
N ARG F 127 -2.07 -25.92 -4.94
CA ARG F 127 -1.46 -26.91 -5.80
C ARG F 127 -1.17 -28.25 -5.15
N ILE F 128 -1.51 -29.31 -5.89
N ILE F 128 -1.48 -29.33 -5.86
CA ILE F 128 -1.23 -30.69 -5.53
CA ILE F 128 -1.19 -30.69 -5.44
C ILE F 128 -0.35 -31.21 -6.65
C ILE F 128 -0.43 -31.33 -6.60
N ALA F 129 0.77 -31.84 -6.33
CA ALA F 129 1.65 -32.41 -7.36
C ALA F 129 1.98 -33.88 -7.19
N ALA F 130 2.19 -34.52 -8.33
CA ALA F 130 2.61 -35.91 -8.38
C ALA F 130 4.08 -35.88 -7.95
N GLU F 131 4.53 -36.94 -7.28
CA GLU F 131 5.92 -37.06 -6.84
C GLU F 131 6.91 -36.87 -7.98
N SER F 132 6.52 -37.31 -9.17
CA SER F 132 7.39 -37.24 -10.35
C SER F 132 7.39 -35.89 -11.09
N ALA F 133 6.51 -34.98 -10.69
CA ALA F 133 6.45 -33.67 -11.35
C ALA F 133 7.70 -32.86 -11.06
N SER F 134 7.98 -31.90 -11.94
CA SER F 134 9.13 -31.01 -11.78
C SER F 134 8.63 -29.62 -12.11
N LEU F 135 9.12 -28.63 -11.37
CA LEU F 135 8.67 -27.26 -11.57
C LEU F 135 9.86 -26.32 -11.74
N GLY F 136 9.58 -25.11 -12.18
CA GLY F 136 10.64 -24.11 -12.37
C GLY F 136 10.21 -22.98 -13.30
N LEU F 137 10.87 -21.84 -13.13
CA LEU F 137 10.68 -20.67 -13.99
C LEU F 137 12.00 -20.57 -14.74
N THR F 138 12.07 -21.22 -15.89
CA THR F 138 13.30 -21.32 -16.68
C THR F 138 13.58 -20.14 -17.61
N GLU F 139 12.73 -19.13 -17.56
CA GLU F 139 12.84 -17.98 -18.45
C GLU F 139 14.22 -17.35 -18.61
N THR F 140 14.92 -17.09 -17.52
CA THR F 140 16.21 -16.42 -17.64
C THR F 140 17.25 -17.22 -18.42
N THR F 141 17.11 -18.56 -18.45
CA THR F 141 18.04 -19.40 -19.24
C THR F 141 17.89 -19.11 -20.74
N LEU F 142 16.71 -18.58 -21.12
CA LEU F 142 16.42 -18.17 -22.50
C LEU F 142 16.52 -16.65 -22.70
N ALA F 143 17.06 -15.96 -21.72
CA ALA F 143 17.22 -14.50 -21.78
C ALA F 143 15.90 -13.73 -21.81
N ILE F 144 14.85 -14.29 -21.20
CA ILE F 144 13.59 -13.58 -21.02
C ILE F 144 13.26 -13.67 -19.53
N ILE F 145 12.14 -13.09 -19.12
CA ILE F 145 11.72 -13.19 -17.73
C ILE F 145 10.31 -13.76 -17.67
N PRO F 146 9.89 -14.23 -16.49
CA PRO F 146 8.50 -14.65 -16.42
C PRO F 146 7.62 -13.43 -16.74
N GLY F 147 6.71 -13.56 -17.69
CA GLY F 147 5.86 -12.46 -18.11
C GLY F 147 4.39 -12.65 -17.91
N ALA F 148 4.03 -13.73 -17.20
CA ALA F 148 2.64 -14.05 -16.91
C ALA F 148 2.44 -14.19 -15.39
N GLY F 149 3.09 -13.31 -14.64
CA GLY F 149 2.94 -13.24 -13.20
C GLY F 149 3.96 -13.94 -12.35
N GLY F 150 4.85 -14.72 -12.96
CA GLY F 150 5.88 -15.44 -12.22
C GLY F 150 6.74 -14.61 -11.27
N THR F 151 7.12 -13.40 -11.68
CA THR F 151 7.95 -12.57 -10.82
C THR F 151 7.16 -11.99 -9.64
N GLN F 152 5.83 -12.09 -9.72
CA GLN F 152 4.95 -11.50 -8.72
C GLN F 152 4.27 -12.53 -7.83
N ARG F 153 3.66 -13.57 -8.43
CA ARG F 153 2.99 -14.59 -7.67
C ARG F 153 3.96 -15.52 -6.96
N LEU F 154 5.15 -15.74 -7.52
CA LEU F 154 6.10 -16.64 -6.85
C LEU F 154 6.61 -16.08 -5.51
N PRO F 155 7.18 -14.84 -5.49
CA PRO F 155 7.62 -14.33 -4.19
C PRO F 155 6.47 -14.14 -3.18
N ARG F 156 5.28 -13.83 -3.62
CA ARG F 156 4.15 -13.73 -2.69
C ARG F 156 3.84 -15.04 -1.98
N LEU F 157 4.01 -16.15 -2.67
CA LEU F 157 3.71 -17.45 -2.10
C LEU F 157 4.86 -18.03 -1.28
N ILE F 158 6.09 -17.91 -1.78
CA ILE F 158 7.23 -18.56 -1.11
C ILE F 158 8.32 -17.67 -0.51
N GLY F 159 8.12 -16.37 -0.58
CA GLY F 159 9.11 -15.42 -0.07
C GLY F 159 10.04 -14.97 -1.16
N VAL F 160 10.63 -13.80 -0.95
CA VAL F 160 11.47 -13.21 -1.97
C VAL F 160 12.78 -13.94 -2.19
N GLY F 161 13.41 -14.42 -1.12
CA GLY F 161 14.69 -15.10 -1.24
C GLY F 161 14.63 -16.34 -2.12
N ARG F 162 13.67 -17.19 -1.83
CA ARG F 162 13.53 -18.38 -2.61
C ARG F 162 13.11 -18.09 -4.05
N ALA F 163 12.17 -17.17 -4.24
CA ALA F 163 11.73 -16.80 -5.58
C ALA F 163 12.90 -16.28 -6.42
N LYS F 164 13.76 -15.46 -5.81
CA LYS F 164 14.94 -14.91 -6.49
C LYS F 164 15.92 -16.01 -6.92
N GLU F 165 16.23 -16.91 -5.99
CA GLU F 165 17.14 -18.01 -6.30
C GLU F 165 16.62 -18.80 -7.51
N LEU F 166 15.33 -19.16 -7.46
CA LEU F 166 14.71 -19.93 -8.53
C LEU F 166 14.60 -19.21 -9.88
N ILE F 167 14.21 -17.93 -9.86
CA ILE F 167 14.09 -17.13 -11.08
C ILE F 167 15.45 -16.77 -11.65
N TYR F 168 16.42 -16.40 -10.80
CA TYR F 168 17.74 -16.05 -11.31
C TYR F 168 18.48 -17.23 -11.92
N THR F 169 18.42 -18.40 -11.26
CA THR F 169 19.06 -19.59 -11.77
C THR F 169 18.31 -20.23 -12.92
N GLY F 170 16.99 -20.07 -12.92
CA GLY F 170 16.13 -20.71 -13.91
C GLY F 170 16.17 -22.22 -13.73
N ARG F 171 16.47 -22.69 -12.53
CA ARG F 171 16.65 -24.11 -12.31
C ARG F 171 15.34 -24.86 -12.12
N ARG F 172 15.37 -26.14 -12.46
CA ARG F 172 14.23 -27.01 -12.31
C ARG F 172 14.29 -27.67 -10.95
N ILE F 173 13.13 -27.82 -10.33
CA ILE F 173 13.07 -28.42 -9.01
C ILE F 173 12.07 -29.58 -8.98
N SER F 174 12.29 -30.48 -8.04
CA SER F 174 11.44 -31.65 -7.91
C SER F 174 10.20 -31.27 -7.11
N ALA F 175 9.21 -32.14 -7.13
CA ALA F 175 7.98 -31.92 -6.39
C ALA F 175 8.26 -31.80 -4.89
N GLN F 176 9.18 -32.64 -4.38
CA GLN F 176 9.52 -32.59 -2.96
C GLN F 176 10.20 -31.28 -2.60
N GLU F 177 11.08 -30.80 -3.47
CA GLU F 177 11.73 -29.52 -3.24
C GLU F 177 10.66 -28.43 -3.21
N ALA F 178 9.73 -28.49 -4.16
CA ALA F 178 8.61 -27.55 -4.24
C ALA F 178 7.78 -27.56 -2.94
N LYS F 179 7.57 -28.74 -2.38
CA LYS F 179 6.81 -28.87 -1.13
C LYS F 179 7.57 -28.21 0.04
N GLU F 180 8.87 -28.47 0.12
N GLU F 180 8.88 -28.46 0.09
CA GLU F 180 9.71 -27.88 1.15
CA GLU F 180 9.75 -27.91 1.12
C GLU F 180 9.65 -26.35 1.09
C GLU F 180 9.78 -26.38 1.08
N TYR F 181 9.68 -25.80 -0.12
CA TYR F 181 9.70 -24.35 -0.29
C TYR F 181 8.33 -23.71 -0.16
N GLY F 182 7.26 -24.51 -0.15
CA GLY F 182 5.90 -23.95 -0.06
C GLY F 182 5.28 -23.58 -1.40
N LEU F 183 5.89 -24.03 -2.50
CA LEU F 183 5.38 -23.79 -3.84
C LEU F 183 4.18 -24.71 -4.10
N VAL F 184 4.23 -25.94 -3.60
CA VAL F 184 3.10 -26.89 -3.73
C VAL F 184 2.66 -27.29 -2.31
N GLU F 185 1.36 -27.29 -2.11
CA GLU F 185 0.79 -27.57 -0.78
C GLU F 185 0.72 -29.06 -0.44
N PHE F 186 0.55 -29.90 -1.45
CA PHE F 186 0.52 -31.34 -1.24
C PHE F 186 1.28 -32.07 -2.35
N VAL F 187 1.93 -33.17 -1.97
CA VAL F 187 2.63 -34.02 -2.93
C VAL F 187 2.16 -35.44 -2.66
N VAL F 188 1.81 -36.16 -3.72
CA VAL F 188 1.32 -37.52 -3.60
C VAL F 188 1.91 -38.40 -4.72
N PRO F 189 1.87 -39.73 -4.54
CA PRO F 189 2.38 -40.60 -5.60
C PRO F 189 1.67 -40.35 -6.92
N VAL F 190 2.40 -40.54 -8.02
CA VAL F 190 1.88 -40.25 -9.35
C VAL F 190 0.48 -40.80 -9.66
N HIS F 191 0.22 -42.04 -9.30
CA HIS F 191 -1.08 -42.64 -9.62
C HIS F 191 -2.24 -42.19 -8.72
N LEU F 192 -1.93 -41.48 -7.64
CA LEU F 192 -2.93 -41.01 -6.69
C LEU F 192 -3.30 -39.52 -6.86
N LEU F 193 -2.66 -38.83 -7.81
CA LEU F 193 -2.91 -37.39 -8.01
C LEU F 193 -4.38 -36.99 -8.29
N GLU F 194 -5.01 -37.61 -9.29
CA GLU F 194 -6.40 -37.26 -9.63
C GLU F 194 -7.38 -37.55 -8.48
N GLU F 195 -7.19 -38.69 -7.82
N GLU F 195 -7.20 -38.70 -7.84
CA GLU F 195 -8.07 -39.07 -6.71
CA GLU F 195 -8.06 -39.09 -6.73
C GLU F 195 -7.95 -38.09 -5.53
C GLU F 195 -7.97 -38.13 -5.55
N LYS F 196 -6.73 -37.70 -5.19
N LYS F 196 -6.75 -37.72 -5.22
CA LYS F 196 -6.48 -36.77 -4.10
CA LYS F 196 -6.56 -36.81 -4.09
C LYS F 196 -7.05 -35.38 -4.42
C LYS F 196 -7.06 -35.39 -4.42
N ALA F 197 -6.95 -34.96 -5.68
CA ALA F 197 -7.47 -33.64 -6.08
C ALA F 197 -9.00 -33.67 -6.08
N ILE F 198 -9.59 -34.78 -6.48
CA ILE F 198 -11.05 -34.86 -6.48
C ILE F 198 -11.59 -34.91 -5.04
N GLU F 199 -10.89 -35.62 -4.16
N GLU F 199 -10.88 -35.62 -4.17
CA GLU F 199 -11.31 -35.73 -2.77
CA GLU F 199 -11.26 -35.75 -2.76
C GLU F 199 -11.31 -34.37 -2.08
C GLU F 199 -11.28 -34.40 -2.06
N ILE F 200 -10.23 -33.61 -2.27
CA ILE F 200 -10.13 -32.27 -1.67
C ILE F 200 -11.24 -31.38 -2.24
N ALA F 201 -11.43 -31.45 -3.56
CA ALA F 201 -12.49 -30.67 -4.22
C ALA F 201 -13.86 -31.00 -3.64
N GLU F 202 -14.12 -32.30 -3.42
CA GLU F 202 -15.41 -32.71 -2.84
C GLU F 202 -15.57 -32.18 -1.41
N LYS F 203 -14.49 -32.17 -0.64
N LYS F 203 -14.49 -32.15 -0.64
CA LYS F 203 -14.53 -31.61 0.73
CA LYS F 203 -14.56 -31.60 0.71
C LYS F 203 -14.92 -30.13 0.68
C LYS F 203 -14.95 -30.13 0.66
N ILE F 204 -14.31 -29.39 -0.22
CA ILE F 204 -14.61 -27.96 -0.38
C ILE F 204 -16.07 -27.79 -0.88
N ALA F 205 -16.48 -28.63 -1.84
CA ALA F 205 -17.86 -28.58 -2.38
C ALA F 205 -18.94 -28.88 -1.32
N SER F 206 -18.57 -29.59 -0.27
N SER F 206 -18.56 -29.59 -0.27
CA SER F 206 -19.51 -29.92 0.79
CA SER F 206 -19.48 -29.92 0.82
C SER F 206 -19.72 -28.74 1.76
C SER F 206 -19.72 -28.73 1.76
N ASN F 207 -18.84 -27.74 1.70
CA ASN F 207 -18.94 -26.58 2.56
C ASN F 207 -19.88 -25.54 1.94
N GLY F 208 -20.24 -24.51 2.71
CA GLY F 208 -21.19 -23.49 2.23
C GLY F 208 -20.63 -22.76 1.02
N PRO F 209 -21.26 -22.92 -0.16
CA PRO F 209 -20.76 -22.35 -1.40
C PRO F 209 -20.65 -20.83 -1.38
N ILE F 210 -21.64 -20.17 -0.78
CA ILE F 210 -21.59 -18.72 -0.70
C ILE F 210 -20.41 -18.28 0.18
N ALA F 211 -20.23 -18.99 1.29
CA ALA F 211 -19.14 -18.72 2.23
C ALA F 211 -17.75 -18.97 1.61
N VAL F 212 -17.62 -20.07 0.87
CA VAL F 212 -16.34 -20.39 0.22
C VAL F 212 -15.95 -19.31 -0.81
N ARG F 213 -16.93 -18.82 -1.57
CA ARG F 213 -16.69 -17.78 -2.56
C ARG F 213 -16.32 -16.47 -1.87
N LEU F 214 -17.01 -16.15 -0.77
CA LEU F 214 -16.71 -14.92 -0.02
C LEU F 214 -15.31 -15.02 0.61
N ALA F 215 -14.93 -16.20 1.09
CA ALA F 215 -13.61 -16.42 1.67
C ALA F 215 -12.52 -16.21 0.60
N LYS F 216 -12.74 -16.74 -0.61
CA LYS F 216 -11.79 -16.55 -1.71
C LYS F 216 -11.59 -15.06 -1.96
N GLU F 217 -12.69 -14.30 -2.00
N GLU F 217 -12.70 -14.31 -1.99
CA GLU F 217 -12.58 -12.87 -2.23
CA GLU F 217 -12.64 -12.87 -2.22
C GLU F 217 -11.87 -12.13 -1.10
C GLU F 217 -11.90 -12.12 -1.11
N ALA F 218 -12.25 -12.41 0.14
CA ALA F 218 -11.66 -11.76 1.28
C ALA F 218 -10.15 -11.98 1.36
N ILE F 219 -9.74 -13.23 1.20
CA ILE F 219 -8.32 -13.59 1.25
C ILE F 219 -7.52 -12.98 0.09
N SER F 220 -8.01 -13.20 -1.15
CA SER F 220 -7.29 -12.77 -2.35
C SER F 220 -7.13 -11.28 -2.48
N ASN F 221 -8.17 -10.54 -2.10
CA ASN F 221 -8.09 -9.09 -2.14
C ASN F 221 -7.45 -8.50 -0.90
N GLY F 222 -7.79 -9.00 0.28
CA GLY F 222 -7.26 -8.48 1.53
C GLY F 222 -5.76 -8.63 1.72
N ILE F 223 -5.20 -9.70 1.20
CA ILE F 223 -3.76 -9.93 1.33
C ILE F 223 -2.92 -8.89 0.51
N GLN F 224 -3.57 -8.16 -0.40
CA GLN F 224 -2.87 -7.18 -1.26
C GLN F 224 -2.71 -5.84 -0.59
N VAL F 225 -3.31 -5.66 0.59
CA VAL F 225 -3.25 -4.35 1.25
C VAL F 225 -2.76 -4.45 2.71
N ASP F 226 -2.82 -3.34 3.44
CA ASP F 226 -2.43 -3.32 4.86
C ASP F 226 -3.45 -4.15 5.66
N LEU F 227 -3.00 -4.74 6.76
CA LEU F 227 -3.89 -5.59 7.62
C LEU F 227 -5.19 -4.88 8.02
N HIS F 228 -5.09 -3.62 8.47
CA HIS F 228 -6.27 -2.88 8.91
C HIS F 228 -7.33 -2.80 7.82
N THR F 229 -6.92 -2.46 6.59
CA THR F 229 -7.89 -2.39 5.49
C THR F 229 -8.41 -3.81 5.17
N GLY F 230 -7.51 -4.78 5.18
CA GLY F 230 -7.90 -6.18 4.92
C GLY F 230 -8.94 -6.67 5.90
N LEU F 231 -8.79 -6.31 7.17
CA LEU F 231 -9.79 -6.69 8.20
C LEU F 231 -11.17 -6.06 7.91
N GLN F 232 -11.18 -4.87 7.34
CA GLN F 232 -12.46 -4.21 6.97
C GLN F 232 -13.11 -4.91 5.78
N MSE F 233 -12.31 -5.42 4.85
N MSE F 233 -12.30 -5.41 4.86
CA MSE F 233 -12.82 -6.15 3.69
CA MSE F 233 -12.78 -6.13 3.72
C MSE F 233 -13.41 -7.47 4.17
C MSE F 233 -13.42 -7.44 4.18
O MSE F 233 -14.43 -7.91 3.64
O MSE F 233 -14.46 -7.83 3.69
CB MSE F 233 -11.72 -6.38 2.63
CB MSE F 233 -11.61 -6.39 2.77
CG MSE F 233 -11.15 -5.08 2.11
CG MSE F 233 -11.96 -7.18 1.57
SE MSE F 233 -9.87 -5.30 0.67
SE MSE F 233 -10.47 -7.07 0.38
CE MSE F 233 -11.08 -6.01 -0.67
CE MSE F 233 -10.52 -5.15 0.04
N GLU F 234 -12.78 -8.11 5.14
CA GLU F 234 -13.28 -9.34 5.69
C GLU F 234 -14.61 -9.03 6.39
N LYS F 235 -14.67 -7.92 7.09
CA LYS F 235 -15.92 -7.54 7.77
C LYS F 235 -17.09 -7.41 6.76
N GLN F 236 -16.83 -6.80 5.61
CA GLN F 236 -17.91 -6.63 4.62
C GLN F 236 -18.23 -7.96 3.96
N ALA F 237 -17.22 -8.82 3.78
CA ALA F 237 -17.44 -10.15 3.21
C ALA F 237 -18.32 -10.98 4.15
N TYR F 238 -18.07 -10.88 5.46
CA TYR F 238 -18.86 -11.62 6.45
C TYR F 238 -20.32 -11.22 6.36
N GLU F 239 -20.61 -9.93 6.13
CA GLU F 239 -21.98 -9.48 5.94
C GLU F 239 -22.72 -10.33 4.91
N GLY F 240 -21.99 -10.79 3.89
CA GLY F 240 -22.54 -11.63 2.84
C GLY F 240 -23.07 -13.00 3.25
N VAL F 241 -22.64 -13.55 4.38
CA VAL F 241 -23.20 -14.84 4.83
C VAL F 241 -24.35 -14.66 5.81
N ILE F 242 -24.56 -13.44 6.31
CA ILE F 242 -25.61 -13.20 7.29
C ILE F 242 -27.02 -13.55 6.81
N HIS F 243 -27.42 -13.09 5.63
N HIS F 243 -27.37 -13.05 5.63
CA HIS F 243 -28.79 -13.36 5.14
CA HIS F 243 -28.67 -13.32 5.02
C HIS F 243 -28.91 -14.60 4.25
C HIS F 243 -28.58 -14.50 4.07
N THR F 244 -28.17 -15.65 4.58
CA THR F 244 -28.17 -16.86 3.76
C THR F 244 -28.88 -17.98 4.51
N LYS F 245 -29.67 -18.76 3.78
CA LYS F 245 -30.34 -19.92 4.35
C LYS F 245 -29.28 -20.96 4.81
N ASP F 246 -28.17 -21.03 4.08
CA ASP F 246 -27.08 -21.96 4.43
C ASP F 246 -26.51 -21.73 5.85
N ARG F 247 -26.31 -20.46 6.25
CA ARG F 247 -25.84 -20.14 7.60
C ARG F 247 -26.81 -20.72 8.63
N LEU F 248 -28.11 -20.54 8.37
CA LEU F 248 -29.14 -21.07 9.28
C LEU F 248 -29.06 -22.60 9.34
N GLU F 249 -28.83 -23.24 8.20
CA GLU F 249 -28.70 -24.71 8.13
C GLU F 249 -27.48 -25.19 8.93
N GLY F 250 -26.40 -24.41 8.91
CA GLY F 250 -25.20 -24.75 9.68
C GLY F 250 -25.52 -24.85 11.17
N LEU F 251 -26.21 -23.84 11.70
CA LEU F 251 -26.61 -23.79 13.11
C LEU F 251 -27.66 -24.85 13.43
N GLN F 252 -28.59 -25.11 12.50
CA GLN F 252 -29.61 -26.11 12.70
C GLN F 252 -28.97 -27.49 12.77
N ALA F 253 -28.01 -27.74 11.88
CA ALA F 253 -27.29 -29.01 11.88
C ALA F 253 -26.50 -29.12 13.19
N PHE F 254 -25.97 -27.99 13.67
CA PHE F 254 -25.25 -27.97 14.95
C PHE F 254 -26.20 -28.37 16.07
N LYS F 255 -27.38 -27.75 16.09
CA LYS F 255 -28.41 -28.01 17.09
C LYS F 255 -28.94 -29.44 17.00
N GLU F 256 -29.21 -29.90 15.78
CA GLU F 256 -29.74 -31.27 15.56
C GLU F 256 -28.64 -32.36 15.56
N LYS F 257 -27.40 -31.95 15.79
CA LYS F 257 -26.27 -32.88 15.82
C LYS F 257 -26.20 -33.79 14.59
N ARG F 258 -26.06 -33.17 13.42
CA ARG F 258 -25.99 -33.93 12.15
C ARG F 258 -25.16 -33.21 11.11
N THR F 259 -24.93 -33.89 10.00
CA THR F 259 -24.16 -33.34 8.90
C THR F 259 -24.96 -32.28 8.16
N PRO F 260 -24.40 -31.09 7.97
CA PRO F 260 -25.18 -30.08 7.25
C PRO F 260 -25.24 -30.34 5.74
N MSE F 261 -26.30 -29.85 5.12
N MSE F 261 -26.31 -29.87 5.10
CA MSE F 261 -26.55 -30.00 3.68
CA MSE F 261 -26.48 -30.01 3.65
C MSE F 261 -26.77 -28.61 3.07
C MSE F 261 -26.76 -28.63 3.07
O MSE F 261 -27.87 -28.06 3.18
O MSE F 261 -27.86 -28.11 3.20
CB MSE F 261 -27.79 -30.87 3.47
CB MSE F 261 -27.62 -30.94 3.30
CG MSE F 261 -27.75 -32.22 4.18
CG MSE F 261 -27.77 -31.10 1.79
SE MSE F 261 -26.46 -33.46 3.43
SE MSE F 261 -29.30 -32.19 1.31
CE MSE F 261 -27.32 -33.79 1.70
CE MSE F 261 -28.90 -33.76 2.41
N TYR F 262 -25.74 -28.05 2.44
CA TYR F 262 -25.84 -26.71 1.85
C TYR F 262 -26.33 -26.68 0.39
N LYS F 263 -27.05 -25.60 0.05
CA LYS F 263 -27.68 -25.42 -1.26
C LYS F 263 -27.17 -24.21 -2.04
N GLY F 264 -26.33 -23.38 -1.42
CA GLY F 264 -25.84 -22.18 -2.08
C GLY F 264 -26.87 -21.07 -2.13
N GLU F 265 -27.54 -20.83 -1.02
CA GLU F 265 -28.51 -19.76 -0.88
C GLU F 265 -28.61 -19.41 0.60
CA CA G . -1.87 5.27 -1.38
CA CA H . 1.92 -5.24 1.07
CA CA I . 15.99 -0.07 -9.32
CL CL J . 20.55 -26.81 1.30
CL CL K . 9.40 -14.12 -25.98
CA CA L . -5.24 -42.13 -10.44
CA CA M . -13.50 -10.57 -7.38
#